data_5W6R
#
_entry.id   5W6R
#
_cell.length_a   234.461
_cell.length_b   234.461
_cell.length_c   144.560
_cell.angle_alpha   90.00
_cell.angle_beta   90.00
_cell.angle_gamma   120.00
#
_symmetry.space_group_name_H-M   'H 3'
#
loop_
_entity.id
_entity.type
_entity.pdbx_description
1 polymer Hemagglutinin
2 polymer Hemagglutinin
3 polymer ACE-PH8-ORN-LEU-GLU-TYR-PHE-GLU-TRP-LEU-SER-9WV
4 branched 2-acetamido-2-deoxy-beta-D-glucopyranose-(1-4)-2-acetamido-2-deoxy-beta-D-glucopyranose
5 non-polymer 2-acetamido-2-deoxy-beta-D-glucopyranose
6 water water
#
loop_
_entity_poly.entity_id
_entity_poly.type
_entity_poly.pdbx_seq_one_letter_code
_entity_poly.pdbx_strand_id
1 'polypeptide(L)'
;DTICIGYHANNSTDTVDTVLEKNVTVTHSVNLLEDSHNGKLCRLKGIAPLQLGKCNIAGWLLGNPECDPLLPVRSWSYIV
ETPNSENGICYPGDFIDYEELREQLSSVSSFERFEIFPKESSWPNHNTNGVTAACSHEGKSSFYRNLLWLTEKEGSYPKL
KNSYVNKKGKEVLVLWGIHHPPNSKEQQNLYQNENAYVSVVTSNYNRRFTPEIAERPKVRDQAGRMNYYWTLLKPGDTII
FEANGNLIAPMYAFALSRGFGSGIITSNASMHECNTKCQTPLGAINSSLPYQNIHPVTIGECPKYVRSAKLRMVTGLRNI
PSIQSR
;
A,C,E,G
2 'polypeptide(L)'
;GLFGAIAGFIEGGWTGMIDGWYGYHHQNEQGSGYAADQKSTQNAINGITNKVNTVIEKMNIQFTAVGKEFNKLEKRMENL
NKKVDDGFLDIWTYNAELLVLLENERTLDFHDSNVKNLYEKVKSQLKNNAKEIGNGCFEFYHKCDNECMESVRNGTYDYP
KYSEESKLNREKVDGV
;
B,D,F,H
3 'polypeptide(L)' (ACE)(PH8)(ORN)LEYFEWLS(9WV) M,O,N,Q
#
loop_
_chem_comp.id
_chem_comp.type
_chem_comp.name
_chem_comp.formula
ACE non-polymer 'ACETYL GROUP' 'C2 H4 O'
NAG D-saccharide, beta linking 2-acetamido-2-deoxy-beta-D-glucopyranose 'C8 H15 N O6'
#
# COMPACT_ATOMS: atom_id res chain seq x y z
N ASP A 1 -49.94 -46.20 -36.28
CA ASP A 1 -48.98 -45.44 -35.47
C ASP A 1 -48.99 -43.97 -35.83
N THR A 2 -49.00 -43.11 -34.82
CA THR A 2 -49.12 -41.67 -35.03
C THR A 2 -48.16 -40.86 -34.16
N ILE A 3 -47.80 -39.66 -34.65
CA ILE A 3 -47.00 -38.72 -33.89
C ILE A 3 -47.56 -37.31 -34.07
N CYS A 4 -47.48 -36.49 -33.02
CA CYS A 4 -48.09 -35.15 -33.06
C CYS A 4 -47.17 -34.07 -32.52
N ILE A 5 -47.22 -32.90 -33.15
CA ILE A 5 -46.48 -31.73 -32.66
C ILE A 5 -47.44 -30.76 -31.99
N GLY A 6 -47.16 -30.42 -30.73
CA GLY A 6 -48.03 -29.53 -29.97
C GLY A 6 -47.25 -28.65 -29.03
N TYR A 7 -47.96 -27.83 -28.26
CA TYR A 7 -47.30 -26.86 -27.38
C TYR A 7 -47.81 -26.91 -25.95
N HIS A 8 -47.08 -26.23 -25.07
CA HIS A 8 -47.33 -26.28 -23.64
C HIS A 8 -48.67 -25.66 -23.24
N ALA A 9 -49.19 -26.11 -22.11
CA ALA A 9 -50.35 -25.48 -21.47
C ALA A 9 -50.33 -25.79 -19.97
N ASN A 10 -50.90 -24.89 -19.17
CA ASN A 10 -50.93 -25.07 -17.73
C ASN A 10 -52.03 -24.26 -17.05
N ASN A 11 -52.05 -24.27 -15.72
CA ASN A 11 -53.12 -23.62 -14.97
C ASN A 11 -52.90 -22.13 -14.74
N SER A 12 -51.93 -21.56 -15.47
CA SER A 12 -51.65 -20.13 -15.33
C SER A 12 -52.85 -19.31 -15.75
N THR A 13 -53.19 -18.32 -14.94
CA THR A 13 -54.28 -17.40 -15.25
C THR A 13 -53.74 -16.00 -15.51
N ASP A 14 -52.43 -15.91 -15.72
CA ASP A 14 -51.78 -14.64 -16.03
C ASP A 14 -52.35 -14.01 -17.29
N THR A 15 -52.63 -12.72 -17.24
CA THR A 15 -53.18 -12.02 -18.37
C THR A 15 -52.28 -10.89 -18.83
N VAL A 16 -52.13 -10.74 -20.14
CA VAL A 16 -51.31 -9.68 -20.71
C VAL A 16 -52.04 -8.99 -21.87
N ASP A 17 -51.70 -7.72 -22.10
CA ASP A 17 -52.30 -6.99 -23.20
C ASP A 17 -51.32 -6.89 -24.37
N THR A 18 -51.87 -6.93 -25.58
CA THR A 18 -51.08 -6.71 -26.77
C THR A 18 -51.66 -5.54 -27.54
N VAL A 19 -51.06 -5.21 -28.68
CA VAL A 19 -51.57 -4.15 -29.53
C VAL A 19 -52.87 -4.56 -30.19
N LEU A 20 -52.97 -5.83 -30.57
CA LEU A 20 -54.14 -6.33 -31.28
C LEU A 20 -55.26 -6.79 -30.36
N GLU A 21 -54.88 -7.40 -29.24
CA GLU A 21 -55.85 -8.01 -28.34
C GLU A 21 -55.55 -7.71 -26.88
N LYS A 22 -56.57 -7.33 -26.14
CA LYS A 22 -56.42 -7.09 -24.71
C LYS A 22 -56.70 -8.36 -23.93
N ASN A 23 -56.05 -8.49 -22.78
CA ASN A 23 -56.39 -9.53 -21.82
C ASN A 23 -56.21 -10.94 -22.37
N VAL A 24 -54.99 -11.26 -22.77
CA VAL A 24 -54.66 -12.60 -23.28
C VAL A 24 -54.08 -13.47 -22.18
N THR A 25 -54.69 -14.63 -21.95
CA THR A 25 -54.19 -15.57 -20.95
C THR A 25 -52.96 -16.28 -21.48
N VAL A 26 -51.92 -16.38 -20.65
CA VAL A 26 -50.65 -16.94 -21.09
C VAL A 26 -50.04 -17.88 -20.05
N THR A 27 -49.11 -18.73 -20.49
CA THR A 27 -48.53 -19.75 -19.64
C THR A 27 -47.44 -19.20 -18.70
N HIS A 28 -46.68 -18.24 -19.19
CA HIS A 28 -45.60 -17.66 -18.41
C HIS A 28 -45.49 -16.16 -18.67
N SER A 29 -45.26 -15.40 -17.61
CA SER A 29 -45.15 -13.94 -17.72
C SER A 29 -44.41 -13.35 -16.53
N VAL A 30 -43.75 -12.21 -16.75
CA VAL A 30 -43.07 -11.48 -15.68
C VAL A 30 -43.71 -10.11 -15.44
N ASN A 31 -43.74 -9.70 -14.18
CA ASN A 31 -44.23 -8.37 -13.83
C ASN A 31 -43.07 -7.39 -13.70
N LEU A 32 -43.14 -6.30 -14.45
CA LEU A 32 -42.06 -5.32 -14.48
C LEU A 32 -42.39 -4.11 -13.59
N LEU A 33 -43.57 -4.12 -13.00
CA LEU A 33 -44.07 -2.97 -12.24
C LEU A 33 -44.18 -3.25 -10.75
N GLU A 34 -43.30 -2.64 -9.96
CA GLU A 34 -43.34 -2.78 -8.51
C GLU A 34 -44.43 -1.89 -7.91
N ASP A 35 -45.29 -2.49 -7.08
CA ASP A 35 -46.42 -1.77 -6.51
C ASP A 35 -46.51 -1.98 -5.00
N SER A 36 -45.47 -2.56 -4.42
CA SER A 36 -45.48 -2.92 -3.00
C SER A 36 -44.39 -2.17 -2.21
N HIS A 37 -44.79 -1.61 -1.08
CA HIS A 37 -43.86 -0.94 -0.16
C HIS A 37 -44.18 -1.35 1.27
N ASN A 38 -43.27 -1.08 2.20
CA ASN A 38 -43.42 -1.58 3.56
C ASN A 38 -43.99 -0.57 4.57
N GLY A 39 -44.37 0.61 4.09
CA GLY A 39 -44.99 1.62 4.93
C GLY A 39 -44.10 2.13 6.06
N LYS A 40 -42.79 1.96 5.91
CA LYS A 40 -41.85 2.32 6.97
C LYS A 40 -40.76 3.27 6.50
N LEU A 41 -40.39 4.22 7.36
CA LEU A 41 -39.16 5.00 7.16
C LEU A 41 -37.97 4.13 7.56
N CYS A 42 -37.03 3.95 6.65
CA CYS A 42 -35.93 3.03 6.88
C CYS A 42 -34.57 3.69 6.72
N ARG A 43 -33.53 3.01 7.20
CA ARG A 43 -32.16 3.42 6.93
C ARG A 43 -31.86 3.27 5.45
N LEU A 44 -31.11 4.22 4.90
CA LEU A 44 -30.71 4.14 3.51
C LEU A 44 -29.22 3.84 3.42
N LYS A 45 -28.89 2.65 2.92
CA LYS A 45 -27.51 2.18 2.86
C LYS A 45 -26.84 2.25 4.22
N GLY A 46 -27.56 1.83 5.25
CA GLY A 46 -27.00 1.75 6.59
C GLY A 46 -27.06 3.05 7.38
N ILE A 47 -27.47 4.14 6.73
CA ILE A 47 -27.51 5.43 7.38
C ILE A 47 -28.94 5.90 7.65
N ALA A 48 -29.23 6.21 8.92
CA ALA A 48 -30.56 6.63 9.34
C ALA A 48 -30.88 8.04 8.86
N PRO A 49 -32.17 8.33 8.62
CA PRO A 49 -32.56 9.68 8.22
C PRO A 49 -32.52 10.67 9.38
N LEU A 50 -32.60 11.95 9.06
CA LEU A 50 -32.69 12.99 10.07
C LEU A 50 -34.15 13.44 10.22
N GLN A 51 -34.80 12.99 11.27
CA GLN A 51 -36.19 13.34 11.51
C GLN A 51 -36.28 14.61 12.36
N LEU A 52 -37.05 15.57 11.90
CA LEU A 52 -37.15 16.86 12.58
C LEU A 52 -38.33 16.92 13.55
N GLY A 53 -39.20 15.92 13.50
CA GLY A 53 -40.33 15.86 14.39
C GLY A 53 -41.29 17.03 14.25
N LYS A 54 -41.51 17.73 15.36
CA LYS A 54 -42.42 18.86 15.41
C LYS A 54 -41.93 20.06 14.60
N CYS A 55 -40.63 20.08 14.30
CA CYS A 55 -40.01 21.19 13.60
C CYS A 55 -40.01 21.03 12.08
N ASN A 56 -39.94 22.16 11.38
CA ASN A 56 -39.56 22.16 9.96
C ASN A 56 -38.12 22.67 9.87
N ILE A 57 -37.59 22.77 8.66
CA ILE A 57 -36.19 23.20 8.47
C ILE A 57 -35.88 24.53 9.16
N ALA A 58 -36.77 25.50 8.99
CA ALA A 58 -36.57 26.83 9.57
C ALA A 58 -36.55 26.77 11.10
N GLY A 59 -37.55 26.10 11.67
CA GLY A 59 -37.65 25.95 13.10
C GLY A 59 -36.44 25.24 13.71
N TRP A 60 -35.87 24.33 12.93
CA TRP A 60 -34.68 23.61 13.37
C TRP A 60 -33.44 24.49 13.32
N LEU A 61 -33.22 25.13 12.18
CA LEU A 61 -32.03 25.95 11.98
C LEU A 61 -31.99 27.15 12.92
N LEU A 62 -33.13 27.81 13.09
CA LEU A 62 -33.21 28.95 13.99
C LEU A 62 -33.15 28.50 15.44
N GLY A 63 -33.54 27.25 15.69
CA GLY A 63 -33.52 26.71 17.03
C GLY A 63 -34.78 26.99 17.84
N ASN A 64 -35.94 26.70 17.24
CA ASN A 64 -37.22 26.85 17.93
C ASN A 64 -37.29 26.01 19.20
N PRO A 65 -37.61 26.65 20.33
CA PRO A 65 -37.58 26.02 21.66
C PRO A 65 -38.61 24.90 21.85
N GLU A 66 -39.68 24.90 21.08
CA GLU A 66 -40.74 23.90 21.24
C GLU A 66 -40.36 22.53 20.69
N CYS A 67 -39.21 22.46 20.04
CA CYS A 67 -38.76 21.20 19.47
C CYS A 67 -37.63 20.60 20.31
N ASP A 68 -37.71 19.29 20.53
CA ASP A 68 -36.71 18.58 21.32
C ASP A 68 -35.34 18.70 20.68
N PRO A 69 -34.35 19.18 21.46
CA PRO A 69 -33.00 19.44 20.96
C PRO A 69 -32.30 18.18 20.45
N LEU A 70 -31.66 18.29 19.29
CA LEU A 70 -30.95 17.19 18.68
C LEU A 70 -29.53 17.07 19.25
N LEU A 71 -28.84 16.00 18.88
CA LEU A 71 -27.42 15.86 19.21
C LEU A 71 -26.62 16.98 18.53
N PRO A 72 -25.48 17.36 19.13
CA PRO A 72 -24.63 18.40 18.53
C PRO A 72 -24.11 17.99 17.15
N VAL A 73 -23.96 16.69 16.93
CA VAL A 73 -23.43 16.18 15.68
C VAL A 73 -24.33 15.11 15.08
N ARG A 74 -24.77 15.32 13.84
CA ARG A 74 -25.61 14.31 13.19
C ARG A 74 -25.20 14.03 11.75
N SER A 75 -25.34 12.77 11.34
CA SER A 75 -25.19 12.37 9.94
C SER A 75 -26.48 11.73 9.48
N TRP A 76 -26.85 11.94 8.21
CA TRP A 76 -28.08 11.36 7.70
C TRP A 76 -27.98 10.97 6.22
N SER A 77 -29.01 10.28 5.75
CA SER A 77 -29.11 9.88 4.34
C SER A 77 -30.20 10.69 3.66
N TYR A 78 -31.16 11.16 4.45
CA TYR A 78 -32.20 12.05 3.96
C TYR A 78 -32.91 12.71 5.14
N ILE A 79 -33.49 13.88 4.90
CA ILE A 79 -34.17 14.65 5.93
C ILE A 79 -35.69 14.47 5.84
N VAL A 80 -36.33 14.26 6.98
CA VAL A 80 -37.78 14.07 6.99
C VAL A 80 -38.51 15.16 7.73
N GLU A 81 -39.39 15.86 7.03
CA GLU A 81 -40.31 16.83 7.64
C GLU A 81 -41.70 16.24 7.79
N THR A 82 -42.31 16.44 8.95
CA THR A 82 -43.71 16.04 9.12
C THR A 82 -44.61 17.04 8.41
N PRO A 83 -45.73 16.57 7.85
CA PRO A 83 -46.68 17.43 7.14
C PRO A 83 -47.22 18.56 8.02
N ASN A 84 -47.50 18.24 9.28
CA ASN A 84 -48.10 19.19 10.22
C ASN A 84 -47.07 19.83 11.16
N SER A 85 -46.24 20.70 10.62
CA SER A 85 -45.24 21.39 11.44
C SER A 85 -45.76 22.74 11.92
N GLU A 86 -46.23 22.78 13.16
CA GLU A 86 -46.74 24.01 13.74
C GLU A 86 -45.58 24.83 14.29
N ASN A 87 -44.43 24.19 14.43
CA ASN A 87 -43.22 24.84 14.95
C ASN A 87 -42.23 25.15 13.84
N GLY A 88 -42.09 26.44 13.54
CA GLY A 88 -41.12 26.90 12.56
C GLY A 88 -40.62 28.27 12.96
N ILE A 89 -40.92 29.26 12.12
CA ILE A 89 -40.66 30.65 12.45
C ILE A 89 -41.67 31.10 13.51
N CYS A 90 -41.22 31.24 14.75
CA CYS A 90 -42.13 31.56 15.85
C CYS A 90 -42.24 33.07 16.09
N TYR A 91 -41.23 33.82 15.67
CA TYR A 91 -41.35 35.28 15.65
C TYR A 91 -41.53 35.74 14.21
N PRO A 92 -42.68 36.38 13.93
CA PRO A 92 -43.12 36.73 12.57
C PRO A 92 -42.06 37.46 11.76
N GLY A 93 -41.97 37.12 10.48
CA GLY A 93 -41.00 37.74 9.59
C GLY A 93 -40.63 36.88 8.40
N ASP A 94 -39.67 37.34 7.62
CA ASP A 94 -39.28 36.65 6.40
C ASP A 94 -37.92 35.96 6.52
N PHE A 95 -37.87 34.69 6.12
CA PHE A 95 -36.62 33.97 6.04
C PHE A 95 -36.09 34.13 4.63
N ILE A 96 -35.15 35.06 4.46
CA ILE A 96 -34.67 35.44 3.14
C ILE A 96 -33.85 34.31 2.50
N ASP A 97 -34.17 34.01 1.24
CA ASP A 97 -33.55 32.92 0.49
C ASP A 97 -33.69 31.58 1.22
N TYR A 98 -34.85 31.36 1.83
CA TYR A 98 -35.14 30.14 2.57
C TYR A 98 -35.09 28.88 1.69
N GLU A 99 -35.76 28.95 0.56
CA GLU A 99 -35.83 27.82 -0.37
C GLU A 99 -34.45 27.42 -0.88
N GLU A 100 -33.62 28.43 -1.16
CA GLU A 100 -32.26 28.20 -1.61
C GLU A 100 -31.45 27.49 -0.54
N LEU A 101 -31.71 27.85 0.72
CA LEU A 101 -31.05 27.21 1.85
C LEU A 101 -31.50 25.75 1.96
N ARG A 102 -32.78 25.49 1.70
CA ARG A 102 -33.25 24.11 1.65
C ARG A 102 -32.51 23.33 0.57
N GLU A 103 -32.37 23.94 -0.60
CA GLU A 103 -31.68 23.30 -1.71
C GLU A 103 -30.23 22.99 -1.35
N GLN A 104 -29.61 23.91 -0.62
CA GLN A 104 -28.27 23.67 -0.11
C GLN A 104 -28.27 22.46 0.82
N LEU A 105 -29.24 22.42 1.74
CA LEU A 105 -29.37 21.33 2.70
C LEU A 105 -29.62 19.98 2.04
N SER A 106 -30.17 19.99 0.83
CA SER A 106 -30.44 18.76 0.10
C SER A 106 -29.18 17.98 -0.26
N SER A 107 -28.03 18.64 -0.22
CA SER A 107 -26.77 17.97 -0.54
C SER A 107 -25.84 17.96 0.67
N VAL A 108 -26.40 18.23 1.84
CA VAL A 108 -25.66 18.17 3.09
C VAL A 108 -25.91 16.82 3.75
N SER A 109 -24.83 16.17 4.21
CA SER A 109 -24.94 14.82 4.77
C SER A 109 -24.64 14.80 6.27
N SER A 110 -24.14 15.90 6.80
CA SER A 110 -23.72 15.95 8.20
C SER A 110 -23.68 17.39 8.73
N PHE A 111 -24.02 17.55 10.01
CA PHE A 111 -23.80 18.84 10.66
C PHE A 111 -23.21 18.71 12.06
N GLU A 112 -22.38 19.69 12.41
CA GLU A 112 -21.91 19.87 13.77
C GLU A 112 -22.40 21.21 14.29
N ARG A 113 -23.26 21.19 15.30
CA ARG A 113 -23.72 22.41 15.96
C ARG A 113 -22.68 22.89 16.96
N PHE A 114 -22.27 24.15 16.84
CA PHE A 114 -21.23 24.67 17.75
C PHE A 114 -21.44 26.14 18.06
N GLU A 115 -20.94 26.56 19.22
CA GLU A 115 -21.13 27.93 19.71
C GLU A 115 -20.13 28.90 19.08
N ILE A 116 -20.60 29.68 18.09
CA ILE A 116 -19.72 30.57 17.34
C ILE A 116 -19.45 31.87 18.10
N PHE A 117 -20.47 32.39 18.76
CA PHE A 117 -20.31 33.58 19.60
C PHE A 117 -20.91 33.30 20.97
N PRO A 118 -20.10 32.83 21.89
CA PRO A 118 -20.54 32.50 23.24
C PRO A 118 -21.35 33.59 23.91
N LYS A 119 -22.43 33.18 24.56
CA LYS A 119 -23.34 34.08 25.23
C LYS A 119 -22.64 35.20 25.97
N GLU A 120 -22.37 35.01 27.25
CA GLU A 120 -21.71 36.05 28.00
C GLU A 120 -20.25 35.88 27.75
N SER A 121 -19.73 36.72 26.86
CA SER A 121 -18.32 36.68 26.48
C SER A 121 -18.07 37.37 25.16
N SER A 122 -19.09 37.52 24.33
CA SER A 122 -18.88 38.11 23.04
C SER A 122 -19.48 39.46 22.86
N TRP A 123 -20.47 39.76 23.64
CA TRP A 123 -21.13 41.05 23.54
C TRP A 123 -21.08 41.79 24.87
N PRO A 124 -19.91 42.36 25.19
CA PRO A 124 -19.81 43.17 26.41
C PRO A 124 -20.61 44.44 26.28
N ASN A 125 -21.13 44.96 27.40
CA ASN A 125 -21.90 46.19 27.43
C ASN A 125 -23.21 46.09 26.65
N HIS A 126 -23.70 44.88 26.46
CA HIS A 126 -25.01 44.64 25.86
C HIS A 126 -25.78 43.60 26.65
N ASN A 127 -27.10 43.78 26.75
CA ASN A 127 -27.93 42.79 27.41
C ASN A 127 -28.26 41.63 26.47
N THR A 128 -28.11 40.41 26.99
CA THR A 128 -28.32 39.20 26.19
C THR A 128 -29.44 38.34 26.75
N ASN A 129 -30.40 38.96 27.42
CA ASN A 129 -31.43 38.23 28.14
C ASN A 129 -32.82 38.35 27.52
N GLY A 130 -32.91 39.10 26.43
CA GLY A 130 -34.17 39.36 25.76
C GLY A 130 -34.95 38.11 25.39
N VAL A 131 -36.24 38.11 25.67
CA VAL A 131 -37.12 37.01 25.30
C VAL A 131 -38.44 37.52 24.73
N THR A 132 -39.32 36.60 24.36
CA THR A 132 -40.62 36.95 23.81
C THR A 132 -41.60 35.80 23.97
N ALA A 133 -42.90 36.13 23.97
CA ALA A 133 -43.95 35.14 24.15
C ALA A 133 -44.29 34.44 22.83
N ALA A 134 -43.90 35.07 21.72
CA ALA A 134 -44.06 34.45 20.41
C ALA A 134 -43.21 33.19 20.33
N CYS A 135 -42.10 33.17 21.06
CA CYS A 135 -41.26 32.00 21.15
C CYS A 135 -41.39 31.38 22.53
N SER A 136 -42.58 30.91 22.87
CA SER A 136 -42.83 30.33 24.17
C SER A 136 -42.29 28.91 24.29
N HIS A 137 -41.94 28.53 25.50
CA HIS A 137 -41.55 27.15 25.80
C HIS A 137 -41.88 26.81 27.24
N GLU A 138 -42.71 25.79 27.42
CA GLU A 138 -43.19 25.38 28.74
C GLU A 138 -43.84 26.56 29.48
N GLY A 139 -44.62 27.35 28.75
CA GLY A 139 -45.36 28.46 29.34
C GLY A 139 -44.60 29.78 29.39
N LYS A 140 -43.32 29.71 29.74
CA LYS A 140 -42.50 30.91 29.88
C LYS A 140 -42.08 31.49 28.52
N SER A 141 -42.00 32.82 28.46
CA SER A 141 -41.48 33.49 27.27
C SER A 141 -40.02 33.10 27.05
N SER A 142 -39.65 32.85 25.81
CA SER A 142 -38.28 32.40 25.52
C SER A 142 -37.79 32.96 24.19
N PHE A 143 -36.80 32.29 23.61
CA PHE A 143 -36.24 32.73 22.34
C PHE A 143 -35.51 31.59 21.63
N TYR A 144 -35.17 31.83 20.37
CA TYR A 144 -34.43 30.85 19.55
C TYR A 144 -33.16 30.36 20.25
N ARG A 145 -32.90 29.05 20.16
CA ARG A 145 -31.74 28.45 20.80
C ARG A 145 -30.43 28.85 20.14
N ASN A 146 -30.47 29.15 18.85
CA ASN A 146 -29.26 29.41 18.11
C ASN A 146 -29.02 30.89 17.86
N LEU A 147 -29.92 31.73 18.36
CA LEU A 147 -29.79 33.17 18.21
C LEU A 147 -29.83 33.88 19.56
N LEU A 148 -29.39 35.13 19.57
CA LEU A 148 -29.28 35.90 20.80
C LEU A 148 -29.79 37.32 20.56
N TRP A 149 -30.78 37.72 21.36
CA TRP A 149 -31.37 39.04 21.23
C TRP A 149 -30.60 40.08 22.05
N LEU A 150 -29.73 40.81 21.39
CA LEU A 150 -28.94 41.86 22.05
C LEU A 150 -29.74 43.13 22.22
N THR A 151 -29.92 43.55 23.48
CA THR A 151 -30.65 44.78 23.77
C THR A 151 -29.75 45.78 24.48
N GLU A 152 -30.28 46.98 24.71
CA GLU A 152 -29.54 48.03 25.39
C GLU A 152 -29.17 47.62 26.81
N LYS A 153 -27.99 48.03 27.24
CA LYS A 153 -27.52 47.76 28.60
C LYS A 153 -27.18 49.07 29.31
N GLU A 154 -27.89 49.33 30.40
CA GLU A 154 -27.70 50.55 31.18
C GLU A 154 -27.92 51.81 30.35
N GLY A 155 -29.00 51.81 29.57
CA GLY A 155 -29.40 52.99 28.82
C GLY A 155 -28.51 53.33 27.64
N SER A 156 -27.69 52.36 27.22
CA SER A 156 -26.81 52.59 26.07
C SER A 156 -26.60 51.32 25.25
N TYR A 157 -26.49 51.51 23.94
CA TYR A 157 -26.17 50.42 23.03
C TYR A 157 -24.91 50.76 22.25
N PRO A 158 -23.73 50.41 22.79
CA PRO A 158 -22.46 50.71 22.15
C PRO A 158 -22.32 49.98 20.82
N LYS A 159 -21.63 50.60 19.86
CA LYS A 159 -21.40 49.94 18.58
C LYS A 159 -20.56 48.68 18.77
N LEU A 160 -21.16 47.54 18.48
CA LEU A 160 -20.48 46.26 18.61
C LEU A 160 -19.82 45.86 17.29
N LYS A 161 -18.68 45.20 17.42
CA LYS A 161 -17.96 44.69 16.26
C LYS A 161 -17.22 43.42 16.65
N ASN A 162 -17.77 42.28 16.28
CA ASN A 162 -17.15 40.99 16.56
C ASN A 162 -16.96 40.20 15.28
N SER A 163 -16.03 39.26 15.30
CA SER A 163 -15.74 38.47 14.11
C SER A 163 -15.39 37.03 14.45
N TYR A 164 -15.69 36.13 13.52
CA TYR A 164 -15.34 34.72 13.67
C TYR A 164 -14.52 34.24 12.49
N VAL A 165 -13.47 33.47 12.78
CA VAL A 165 -12.64 32.88 11.75
C VAL A 165 -12.92 31.38 11.63
N ASN A 166 -13.33 30.95 10.43
CA ASN A 166 -13.72 29.56 10.19
C ASN A 166 -12.53 28.62 10.13
N LYS A 167 -12.21 28.00 11.27
CA LYS A 167 -11.12 27.04 11.33
C LYS A 167 -11.64 25.61 11.48
N LYS A 168 -12.87 25.40 11.03
CA LYS A 168 -13.50 24.07 11.12
C LYS A 168 -13.10 23.15 9.98
N GLY A 169 -12.57 23.72 8.91
CA GLY A 169 -12.18 22.95 7.74
C GLY A 169 -13.36 22.52 6.89
N LYS A 170 -14.52 23.09 7.17
CA LYS A 170 -15.75 22.81 6.42
C LYS A 170 -16.55 24.09 6.25
N GLU A 171 -17.51 24.08 5.33
CA GLU A 171 -18.44 25.21 5.22
C GLU A 171 -19.16 25.41 6.55
N VAL A 172 -19.36 26.66 6.95
CA VAL A 172 -20.11 26.93 8.16
C VAL A 172 -21.35 27.77 7.87
N LEU A 173 -22.52 27.17 8.04
CA LEU A 173 -23.78 27.89 7.94
C LEU A 173 -23.96 28.79 9.16
N VAL A 174 -23.98 30.10 8.90
CA VAL A 174 -24.20 31.09 9.94
C VAL A 174 -25.53 31.79 9.70
N LEU A 175 -26.37 31.84 10.73
CA LEU A 175 -27.66 32.51 10.65
C LEU A 175 -27.71 33.67 11.63
N TRP A 176 -28.41 34.74 11.24
CA TRP A 176 -28.61 35.88 12.12
C TRP A 176 -29.93 36.55 11.81
N GLY A 177 -30.31 37.55 12.60
CA GLY A 177 -31.58 38.21 12.40
C GLY A 177 -31.54 39.72 12.53
N ILE A 178 -32.54 40.36 11.94
CA ILE A 178 -32.74 41.80 12.07
C ILE A 178 -34.12 42.07 12.65
N HIS A 179 -34.16 42.75 13.79
CA HIS A 179 -35.43 43.07 14.43
C HIS A 179 -35.98 44.40 13.91
N HIS A 180 -37.29 44.43 13.70
CA HIS A 180 -37.96 45.65 13.24
C HIS A 180 -39.11 46.01 14.18
N PRO A 181 -38.86 46.97 15.09
CA PRO A 181 -39.89 47.44 16.02
C PRO A 181 -41.02 48.18 15.31
N PRO A 182 -42.23 48.15 15.90
CA PRO A 182 -43.41 48.79 15.30
C PRO A 182 -43.40 50.31 15.38
N ASN A 183 -42.65 50.87 16.33
CA ASN A 183 -42.60 52.30 16.52
C ASN A 183 -41.22 52.78 16.97
N SER A 184 -40.97 54.08 16.82
CA SER A 184 -39.67 54.65 17.20
C SER A 184 -39.50 54.66 18.71
N LYS A 185 -40.61 54.60 19.43
CA LYS A 185 -40.59 54.50 20.88
C LYS A 185 -39.88 53.23 21.34
N GLU A 186 -40.37 52.08 20.86
CA GLU A 186 -39.76 50.79 21.18
C GLU A 186 -38.35 50.72 20.63
N GLN A 187 -38.14 51.36 19.48
CA GLN A 187 -36.82 51.45 18.86
C GLN A 187 -35.82 52.06 19.83
N GLN A 188 -36.17 53.22 20.39
CA GLN A 188 -35.31 53.89 21.35
C GLN A 188 -35.18 53.10 22.65
N ASN A 189 -36.29 52.50 23.09
CA ASN A 189 -36.28 51.72 24.33
C ASN A 189 -35.42 50.47 24.25
N LEU A 190 -35.22 49.96 23.03
CA LEU A 190 -34.46 48.72 22.86
C LEU A 190 -33.02 48.92 22.38
N TYR A 191 -32.78 49.96 21.57
CA TYR A 191 -31.48 50.10 20.93
C TYR A 191 -30.91 51.53 21.02
N GLN A 192 -31.71 52.45 21.55
CA GLN A 192 -31.28 53.81 21.87
C GLN A 192 -30.78 54.63 20.66
N ASN A 193 -30.88 54.08 19.46
CA ASN A 193 -30.50 54.81 18.26
C ASN A 193 -31.55 54.69 17.16
N GLU A 194 -32.19 55.80 16.82
CA GLU A 194 -33.25 55.80 15.80
C GLU A 194 -32.68 55.60 14.41
N ASN A 195 -31.37 55.83 14.26
CA ASN A 195 -30.70 55.61 12.99
C ASN A 195 -29.65 54.51 13.08
N ALA A 196 -30.10 53.29 13.38
CA ALA A 196 -29.21 52.16 13.55
C ALA A 196 -28.92 51.44 12.24
N TYR A 197 -27.94 50.53 12.28
CA TYR A 197 -27.59 49.74 11.11
C TYR A 197 -26.87 48.46 11.53
N VAL A 198 -27.03 47.40 10.74
CA VAL A 198 -26.30 46.17 10.96
C VAL A 198 -25.42 45.90 9.73
N SER A 199 -24.19 45.45 9.96
CA SER A 199 -23.30 45.15 8.85
C SER A 199 -22.72 43.75 8.96
N VAL A 200 -22.94 42.93 7.94
CA VAL A 200 -22.36 41.59 7.92
C VAL A 200 -21.49 41.41 6.68
N VAL A 201 -20.23 41.04 6.88
CA VAL A 201 -19.33 40.84 5.75
C VAL A 201 -18.48 39.57 5.84
N THR A 202 -18.20 38.98 4.67
CA THR A 202 -17.19 37.94 4.56
C THR A 202 -16.33 38.27 3.35
N SER A 203 -15.59 37.29 2.85
CA SER A 203 -14.79 37.51 1.65
C SER A 203 -15.66 37.69 0.41
N ASN A 204 -16.82 37.04 0.41
CA ASN A 204 -17.71 37.07 -0.75
C ASN A 204 -19.13 37.51 -0.40
N TYR A 205 -19.39 37.65 0.90
CA TYR A 205 -20.67 38.16 1.36
C TYR A 205 -20.50 39.59 1.86
N ASN A 206 -21.47 40.45 1.55
CA ASN A 206 -21.37 41.85 1.87
C ASN A 206 -22.74 42.50 1.95
N ARG A 207 -23.32 42.56 3.13
CA ARG A 207 -24.68 43.11 3.24
C ARG A 207 -24.87 44.06 4.42
N ARG A 208 -25.64 45.12 4.16
CA ARG A 208 -25.98 46.12 5.16
C ARG A 208 -27.49 46.16 5.37
N PHE A 209 -27.91 46.23 6.63
CA PHE A 209 -29.30 46.15 7.01
C PHE A 209 -29.73 47.40 7.77
N THR A 210 -30.90 47.92 7.43
CA THR A 210 -31.44 49.11 8.08
C THR A 210 -32.85 48.83 8.62
N PRO A 211 -33.08 49.15 9.90
CA PRO A 211 -34.41 48.99 10.53
C PRO A 211 -35.49 49.74 9.77
N GLU A 212 -36.66 49.12 9.65
CA GLU A 212 -37.79 49.75 8.98
C GLU A 212 -38.95 49.83 9.96
N ILE A 213 -39.19 51.03 10.48
CA ILE A 213 -40.17 51.23 11.53
C ILE A 213 -41.54 51.63 11.00
N ALA A 214 -42.55 50.81 11.29
CA ALA A 214 -43.93 51.12 10.97
C ALA A 214 -44.86 50.18 11.73
N GLU A 215 -46.05 50.67 12.08
CA GLU A 215 -47.04 49.81 12.73
C GLU A 215 -47.51 48.76 11.73
N ARG A 216 -47.58 47.52 12.19
CA ARG A 216 -47.96 46.41 11.33
C ARG A 216 -49.09 45.57 11.93
N PRO A 217 -49.89 44.92 11.08
CA PRO A 217 -50.90 43.98 11.56
C PRO A 217 -50.27 42.93 12.47
N LYS A 218 -50.89 42.66 13.61
CA LYS A 218 -50.34 41.71 14.56
C LYS A 218 -50.29 40.30 13.96
N VAL A 219 -49.14 39.65 14.09
CA VAL A 219 -48.97 38.26 13.70
C VAL A 219 -48.33 37.52 14.85
N ARG A 220 -49.00 36.49 15.36
CA ARG A 220 -48.61 35.83 16.61
C ARG A 220 -48.47 36.86 17.73
N ASP A 221 -49.42 37.79 17.76
CA ASP A 221 -49.48 38.85 18.76
C ASP A 221 -48.25 39.75 18.74
N GLN A 222 -47.73 40.02 17.54
CA GLN A 222 -46.55 40.88 17.41
C GLN A 222 -46.72 41.89 16.28
N ALA A 223 -46.56 43.16 16.60
CA ALA A 223 -46.62 44.22 15.60
C ALA A 223 -45.23 44.42 14.99
N GLY A 224 -44.22 43.86 15.66
CA GLY A 224 -42.86 43.93 15.17
C GLY A 224 -42.54 42.76 14.26
N ARG A 225 -41.49 42.90 13.47
CA ARG A 225 -41.05 41.83 12.58
C ARG A 225 -39.62 41.42 12.87
N MET A 226 -39.20 40.31 12.27
CA MET A 226 -37.83 39.84 12.40
C MET A 226 -37.41 39.10 11.14
N ASN A 227 -36.46 39.66 10.42
CA ASN A 227 -35.97 39.04 9.18
C ASN A 227 -34.77 38.15 9.44
N TYR A 228 -34.79 36.94 8.89
CA TYR A 228 -33.72 35.99 9.15
C TYR A 228 -32.85 35.82 7.91
N TYR A 229 -31.54 35.88 8.14
CA TYR A 229 -30.56 35.77 7.06
C TYR A 229 -29.56 34.68 7.37
N TRP A 230 -28.92 34.17 6.31
CA TRP A 230 -27.95 33.10 6.45
C TRP A 230 -26.82 33.30 5.43
N THR A 231 -25.69 32.66 5.69
CA THR A 231 -24.64 32.57 4.68
C THR A 231 -23.73 31.38 4.94
N LEU A 232 -23.13 30.87 3.87
CA LEU A 232 -22.18 29.78 3.97
C LEU A 232 -20.78 30.35 4.02
N LEU A 233 -20.18 30.28 5.20
CA LEU A 233 -18.83 30.79 5.41
C LEU A 233 -17.82 29.74 4.98
N LYS A 234 -17.08 30.03 3.92
CA LYS A 234 -16.11 29.11 3.36
C LYS A 234 -14.98 28.83 4.35
N PRO A 235 -14.33 27.66 4.22
CA PRO A 235 -13.21 27.31 5.11
C PRO A 235 -12.09 28.34 5.09
N GLY A 236 -11.65 28.75 6.29
CA GLY A 236 -10.56 29.70 6.40
C GLY A 236 -10.99 31.14 6.37
N ASP A 237 -12.23 31.39 5.93
CA ASP A 237 -12.72 32.74 5.78
C ASP A 237 -13.24 33.31 7.11
N THR A 238 -13.40 34.62 7.16
CA THR A 238 -13.82 35.32 8.37
C THR A 238 -15.14 36.04 8.15
N ILE A 239 -16.08 35.92 9.09
CA ILE A 239 -17.29 36.73 9.05
C ILE A 239 -17.20 37.82 10.11
N ILE A 240 -17.58 39.04 9.73
CA ILE A 240 -17.56 40.17 10.65
C ILE A 240 -18.95 40.77 10.80
N PHE A 241 -19.40 40.82 12.06
CA PHE A 241 -20.62 41.50 12.43
C PHE A 241 -20.28 42.85 13.06
N GLU A 242 -20.95 43.89 12.59
CA GLU A 242 -20.71 45.24 13.09
C GLU A 242 -22.02 46.00 13.12
N ALA A 243 -22.59 46.18 14.31
CA ALA A 243 -23.91 46.79 14.41
C ALA A 243 -24.03 47.73 15.60
N ASN A 244 -24.97 48.68 15.50
CA ASN A 244 -25.27 49.56 16.62
C ASN A 244 -26.73 49.46 17.04
N GLY A 245 -27.34 48.30 16.76
CA GLY A 245 -28.71 48.05 17.15
C GLY A 245 -29.41 47.05 16.24
N ASN A 246 -30.56 46.56 16.69
CA ASN A 246 -31.45 45.74 15.87
C ASN A 246 -30.87 44.40 15.40
N LEU A 247 -29.68 44.06 15.87
CA LEU A 247 -29.07 42.79 15.50
C LEU A 247 -29.51 41.64 16.39
N ILE A 248 -30.03 40.59 15.78
CA ILE A 248 -30.26 39.33 16.47
C ILE A 248 -29.04 38.44 16.21
N ALA A 249 -28.06 38.51 17.10
CA ALA A 249 -26.75 37.93 16.87
C ALA A 249 -26.77 36.40 16.79
N PRO A 250 -25.83 35.83 16.05
CA PRO A 250 -25.63 34.37 16.06
C PRO A 250 -25.03 33.89 17.37
N MET A 251 -25.50 32.77 17.87
CA MET A 251 -24.90 32.16 19.05
C MET A 251 -24.37 30.78 18.67
N TYR A 252 -25.19 30.01 17.97
CA TYR A 252 -24.76 28.72 17.45
C TYR A 252 -24.77 28.74 15.92
N ALA A 253 -23.83 27.99 15.33
CA ALA A 253 -23.74 27.87 13.88
C ALA A 253 -23.55 26.41 13.50
N PHE A 254 -23.53 26.10 12.21
CA PHE A 254 -23.46 24.71 11.80
C PHE A 254 -22.28 24.40 10.88
N ALA A 255 -21.45 23.43 11.26
CA ALA A 255 -20.43 22.97 10.34
C ALA A 255 -21.03 21.89 9.45
N LEU A 256 -20.99 22.11 8.14
CA LEU A 256 -21.68 21.22 7.21
C LEU A 256 -20.75 20.36 6.38
N SER A 257 -21.14 19.13 6.11
CA SER A 257 -20.37 18.27 5.24
C SER A 257 -21.24 17.93 4.04
N ARG A 258 -20.67 17.83 2.86
CA ARG A 258 -21.46 17.54 1.68
C ARG A 258 -21.50 16.08 1.29
N GLY A 259 -22.60 15.67 0.69
CA GLY A 259 -22.77 14.27 0.32
C GLY A 259 -23.50 14.13 -1.00
N PHE A 260 -23.93 12.90 -1.31
CA PHE A 260 -24.64 12.62 -2.55
C PHE A 260 -25.91 11.82 -2.32
N GLY A 261 -26.89 12.01 -3.20
CA GLY A 261 -28.11 11.22 -3.20
C GLY A 261 -29.01 11.46 -2.00
N SER A 262 -28.88 12.63 -1.39
CA SER A 262 -29.73 13.01 -0.26
C SER A 262 -30.90 13.86 -0.75
N GLY A 263 -31.76 14.25 0.18
CA GLY A 263 -32.91 15.08 -0.15
C GLY A 263 -33.82 15.30 1.04
N ILE A 264 -34.85 16.11 0.83
CA ILE A 264 -35.83 16.39 1.87
C ILE A 264 -37.20 15.87 1.44
N ILE A 265 -37.84 15.07 2.29
CA ILE A 265 -39.16 14.54 1.98
C ILE A 265 -40.14 14.81 3.11
N THR A 266 -41.42 14.87 2.75
CA THR A 266 -42.48 15.01 3.74
C THR A 266 -43.20 13.68 3.88
N SER A 267 -43.20 13.12 5.09
CA SER A 267 -43.74 11.79 5.30
C SER A 267 -44.46 11.62 6.62
N ASN A 268 -45.44 10.72 6.63
CA ASN A 268 -46.19 10.38 7.83
C ASN A 268 -45.60 9.20 8.58
N ALA A 269 -44.91 8.33 7.86
CA ALA A 269 -44.47 7.05 8.39
C ALA A 269 -43.46 7.23 9.52
N SER A 270 -43.27 6.18 10.30
CA SER A 270 -42.34 6.20 11.42
C SER A 270 -41.08 5.41 11.14
N MET A 271 -39.99 5.80 11.79
CA MET A 271 -38.72 5.10 11.67
C MET A 271 -38.81 3.71 12.31
N HIS A 272 -38.36 2.70 11.57
CA HIS A 272 -38.26 1.34 12.09
C HIS A 272 -36.84 0.82 11.96
N GLU A 273 -36.55 -0.28 12.67
CA GLU A 273 -35.24 -0.90 12.59
C GLU A 273 -35.12 -1.74 11.32
N CYS A 274 -35.02 -1.06 10.18
CA CYS A 274 -34.90 -1.74 8.90
C CYS A 274 -33.96 -0.97 7.98
N ASN A 275 -33.51 -1.62 6.91
CA ASN A 275 -32.61 -0.98 5.97
C ASN A 275 -33.08 -1.19 4.54
N THR A 276 -32.90 -0.18 3.70
CA THR A 276 -33.32 -0.25 2.31
C THR A 276 -32.37 0.49 1.39
N LYS A 277 -32.55 0.28 0.09
CA LYS A 277 -31.75 0.95 -0.93
C LYS A 277 -32.61 1.93 -1.71
N CYS A 278 -33.90 1.97 -1.39
CA CYS A 278 -34.85 2.88 -2.01
C CYS A 278 -35.92 3.31 -1.02
N GLN A 279 -36.09 4.61 -0.86
CA GLN A 279 -37.06 5.13 0.12
C GLN A 279 -38.05 6.10 -0.53
N THR A 280 -39.32 5.94 -0.20
CA THR A 280 -40.37 6.84 -0.66
C THR A 280 -41.07 7.41 0.55
N PRO A 281 -41.81 8.53 0.39
CA PRO A 281 -42.54 9.09 1.53
C PRO A 281 -43.58 8.13 2.12
N LEU A 282 -43.92 7.09 1.37
CA LEU A 282 -44.93 6.13 1.79
C LEU A 282 -44.31 4.92 2.45
N GLY A 283 -43.05 4.64 2.11
CA GLY A 283 -42.36 3.48 2.64
C GLY A 283 -41.19 3.07 1.76
N ALA A 284 -40.48 2.03 2.17
CA ALA A 284 -39.31 1.59 1.44
C ALA A 284 -39.67 0.61 0.33
N ILE A 285 -38.92 0.66 -0.76
CA ILE A 285 -39.10 -0.28 -1.85
C ILE A 285 -37.93 -1.23 -1.91
N ASN A 286 -38.23 -2.53 -1.89
CA ASN A 286 -37.21 -3.55 -2.07
C ASN A 286 -37.49 -4.32 -3.36
N SER A 287 -36.85 -3.89 -4.45
CA SER A 287 -37.19 -4.42 -5.76
C SER A 287 -36.06 -4.29 -6.78
N SER A 288 -36.08 -5.17 -7.77
CA SER A 288 -35.13 -5.13 -8.88
C SER A 288 -35.86 -4.81 -10.18
N LEU A 289 -37.15 -4.49 -10.06
CA LEU A 289 -37.97 -4.16 -11.21
C LEU A 289 -37.63 -2.77 -11.76
N PRO A 290 -37.80 -2.58 -13.07
CA PRO A 290 -37.45 -1.30 -13.70
C PRO A 290 -38.48 -0.19 -13.45
N TYR A 291 -39.70 -0.56 -13.10
CA TYR A 291 -40.78 0.43 -12.94
C TYR A 291 -41.47 0.32 -11.60
N GLN A 292 -42.06 1.43 -11.14
CA GLN A 292 -42.82 1.45 -9.90
C GLN A 292 -43.93 2.50 -9.98
N ASN A 293 -45.04 2.23 -9.31
CA ASN A 293 -46.16 3.18 -9.30
C ASN A 293 -46.48 3.64 -7.88
N ILE A 294 -45.51 3.48 -6.98
CA ILE A 294 -45.70 3.81 -5.58
C ILE A 294 -45.67 5.31 -5.31
N HIS A 295 -44.63 5.99 -5.80
CA HIS A 295 -44.49 7.43 -5.57
C HIS A 295 -43.45 8.04 -6.49
N PRO A 296 -43.69 9.27 -6.97
CA PRO A 296 -42.71 9.99 -7.79
C PRO A 296 -41.48 10.44 -7.00
N VAL A 297 -41.63 10.65 -5.70
CA VAL A 297 -40.53 11.12 -4.87
C VAL A 297 -39.73 9.95 -4.30
N THR A 298 -38.45 9.91 -4.66
CA THR A 298 -37.60 8.78 -4.29
C THR A 298 -36.24 9.22 -3.75
N ILE A 299 -35.70 8.43 -2.84
CA ILE A 299 -34.32 8.61 -2.38
C ILE A 299 -33.56 7.29 -2.55
N GLY A 300 -32.40 7.35 -3.17
CA GLY A 300 -31.58 6.17 -3.36
C GLY A 300 -31.63 5.64 -4.78
N GLU A 301 -31.45 4.33 -4.92
CA GLU A 301 -31.49 3.69 -6.23
C GLU A 301 -32.85 3.03 -6.43
N CYS A 302 -33.70 3.68 -7.21
CA CYS A 302 -35.10 3.29 -7.33
C CYS A 302 -35.50 2.99 -8.77
N PRO A 303 -36.63 2.28 -8.95
CA PRO A 303 -37.20 2.11 -10.30
C PRO A 303 -37.82 3.41 -10.79
N LYS A 304 -37.94 3.58 -12.11
CA LYS A 304 -38.57 4.76 -12.68
C LYS A 304 -40.06 4.78 -12.36
N TYR A 305 -40.53 5.91 -11.84
CA TYR A 305 -41.94 6.06 -11.51
C TYR A 305 -42.80 6.24 -12.75
N VAL A 306 -43.90 5.51 -12.81
CA VAL A 306 -44.86 5.63 -13.91
C VAL A 306 -46.28 5.68 -13.37
N ARG A 307 -47.22 6.12 -14.22
CA ARG A 307 -48.62 6.22 -13.80
C ARG A 307 -49.37 4.91 -14.00
N SER A 308 -48.73 3.96 -14.68
CA SER A 308 -49.37 2.70 -15.05
C SER A 308 -49.85 1.90 -13.84
N ALA A 309 -50.85 1.05 -14.06
CA ALA A 309 -51.36 0.17 -13.02
C ALA A 309 -50.93 -1.27 -13.29
N LYS A 310 -50.43 -1.50 -14.50
CA LYS A 310 -50.05 -2.84 -14.92
C LYS A 310 -49.02 -2.81 -16.05
N LEU A 311 -47.89 -3.46 -15.82
CA LEU A 311 -46.89 -3.65 -16.88
C LEU A 311 -46.41 -5.09 -16.88
N ARG A 312 -47.22 -5.98 -17.45
CA ARG A 312 -46.88 -7.40 -17.46
C ARG A 312 -46.42 -7.85 -18.84
N MET A 313 -45.23 -8.44 -18.88
CA MET A 313 -44.62 -8.88 -20.13
C MET A 313 -44.73 -10.40 -20.27
N VAL A 314 -45.23 -10.85 -21.41
CA VAL A 314 -45.42 -12.29 -21.62
C VAL A 314 -44.13 -12.98 -22.06
N THR A 315 -43.85 -14.12 -21.43
CA THR A 315 -42.70 -14.93 -21.81
C THR A 315 -43.16 -16.26 -22.39
N GLY A 316 -44.26 -16.80 -21.86
CA GLY A 316 -44.77 -18.07 -22.32
C GLY A 316 -45.67 -17.94 -23.54
N LEU A 317 -46.46 -18.98 -23.79
CA LEU A 317 -47.36 -19.01 -24.93
C LEU A 317 -48.79 -18.66 -24.53
N ARG A 318 -49.65 -18.49 -25.53
CA ARG A 318 -51.08 -18.36 -25.30
C ARG A 318 -51.61 -19.66 -24.68
N ASN A 319 -52.09 -19.59 -23.45
CA ASN A 319 -52.48 -20.78 -22.71
C ASN A 319 -53.89 -21.28 -23.07
N ILE A 320 -53.94 -22.46 -23.69
CA ILE A 320 -55.22 -23.06 -24.08
C ILE A 320 -55.32 -24.49 -23.55
N PRO A 321 -56.05 -24.67 -22.44
CA PRO A 321 -56.22 -25.97 -21.79
C PRO A 321 -57.19 -26.89 -22.54
N SER A 322 -57.75 -26.40 -23.64
CA SER A 322 -58.74 -27.16 -24.42
C SER A 322 -58.19 -28.52 -24.85
N GLY B 1 -52.94 -16.90 -34.12
CA GLY B 1 -51.57 -16.44 -34.28
C GLY B 1 -51.32 -15.83 -35.64
N LEU B 2 -50.07 -15.45 -35.88
CA LEU B 2 -49.68 -14.83 -37.15
C LEU B 2 -49.29 -15.88 -38.18
N PHE B 3 -48.69 -16.97 -37.72
CA PHE B 3 -48.25 -18.05 -38.59
C PHE B 3 -49.30 -19.15 -38.66
N GLY B 4 -50.46 -18.89 -38.06
CA GLY B 4 -51.59 -19.79 -38.15
C GLY B 4 -51.49 -21.08 -37.37
N ALA B 5 -50.44 -21.22 -36.56
CA ALA B 5 -50.21 -22.45 -35.81
C ALA B 5 -51.00 -22.48 -34.50
N ILE B 6 -50.49 -21.80 -33.48
CA ILE B 6 -51.13 -21.75 -32.17
C ILE B 6 -52.52 -21.14 -32.25
N ALA B 7 -53.49 -21.84 -31.67
CA ALA B 7 -54.91 -21.47 -31.75
C ALA B 7 -55.35 -21.41 -33.22
N GLY B 8 -54.68 -22.20 -34.05
CA GLY B 8 -55.00 -22.28 -35.47
C GLY B 8 -55.31 -23.70 -35.86
N PHE B 9 -54.44 -24.32 -36.67
CA PHE B 9 -54.65 -25.71 -37.04
C PHE B 9 -54.22 -26.64 -35.91
N ILE B 10 -53.68 -26.06 -34.84
CA ILE B 10 -53.50 -26.78 -33.58
C ILE B 10 -54.25 -26.01 -32.50
N GLU B 11 -55.56 -26.28 -32.40
CA GLU B 11 -56.47 -25.47 -31.61
C GLU B 11 -56.10 -25.34 -30.13
N GLY B 12 -55.52 -26.39 -29.56
CA GLY B 12 -55.24 -26.39 -28.13
C GLY B 12 -53.83 -26.82 -27.79
N GLY B 13 -53.48 -26.65 -26.51
CA GLY B 13 -52.17 -27.02 -26.03
C GLY B 13 -52.25 -28.25 -25.16
N TRP B 14 -51.10 -28.84 -24.86
CA TRP B 14 -51.06 -30.08 -24.10
C TRP B 14 -50.61 -29.83 -22.66
N THR B 15 -51.57 -29.85 -21.73
CA THR B 15 -51.27 -29.72 -20.31
C THR B 15 -50.52 -30.96 -19.82
N GLY B 16 -50.57 -32.03 -20.60
CA GLY B 16 -49.89 -33.26 -20.27
C GLY B 16 -48.39 -33.11 -20.42
N MET B 17 -47.98 -32.21 -21.31
CA MET B 17 -46.58 -31.88 -21.49
C MET B 17 -46.19 -30.73 -20.58
N ILE B 18 -45.43 -31.03 -19.52
CA ILE B 18 -45.08 -30.04 -18.52
C ILE B 18 -43.57 -29.86 -18.40
N ASP B 19 -42.85 -30.36 -19.39
CA ASP B 19 -41.39 -30.29 -19.38
C ASP B 19 -40.84 -29.57 -20.60
N GLY B 20 -41.68 -28.78 -21.26
CA GLY B 20 -41.26 -28.03 -22.42
C GLY B 20 -42.33 -27.09 -22.96
N TRP B 21 -41.92 -26.19 -23.84
CA TRP B 21 -42.85 -25.25 -24.47
C TRP B 21 -43.41 -25.85 -25.74
N TYR B 22 -42.54 -26.44 -26.56
CA TYR B 22 -42.95 -27.18 -27.73
C TYR B 22 -42.56 -28.65 -27.53
N GLY B 23 -43.18 -29.56 -28.28
CA GLY B 23 -42.85 -30.96 -28.15
C GLY B 23 -43.65 -31.91 -28.99
N TYR B 24 -43.68 -33.17 -28.56
CA TYR B 24 -44.30 -34.25 -29.32
C TYR B 24 -45.20 -35.14 -28.47
N HIS B 25 -46.13 -35.80 -29.15
CA HIS B 25 -46.94 -36.85 -28.52
C HIS B 25 -46.93 -38.08 -29.43
N HIS B 26 -46.23 -39.13 -29.00
CA HIS B 26 -46.12 -40.34 -29.80
C HIS B 26 -47.12 -41.39 -29.36
N GLN B 27 -47.61 -42.16 -30.32
CA GLN B 27 -48.59 -43.21 -30.07
C GLN B 27 -48.29 -44.46 -30.90
N ASN B 28 -47.81 -45.51 -30.24
CA ASN B 28 -47.52 -46.77 -30.93
C ASN B 28 -47.85 -48.00 -30.10
N GLU B 29 -47.44 -49.16 -30.61
CA GLU B 29 -47.74 -50.44 -29.98
C GLU B 29 -47.19 -50.56 -28.57
N GLN B 30 -46.08 -49.87 -28.30
CA GLN B 30 -45.44 -49.92 -26.99
C GLN B 30 -46.11 -48.95 -26.00
N GLY B 31 -46.97 -48.08 -26.51
CA GLY B 31 -47.67 -47.13 -25.67
C GLY B 31 -47.70 -45.72 -26.23
N SER B 32 -48.08 -44.76 -25.40
CA SER B 32 -48.18 -43.37 -25.84
C SER B 32 -47.56 -42.43 -24.81
N GLY B 33 -47.12 -41.25 -25.25
CA GLY B 33 -46.54 -40.29 -24.32
C GLY B 33 -46.05 -38.97 -24.91
N TYR B 34 -45.79 -38.01 -24.03
CA TYR B 34 -45.31 -36.70 -24.43
C TYR B 34 -43.79 -36.58 -24.27
N ALA B 35 -43.17 -35.74 -25.09
CA ALA B 35 -41.72 -35.51 -25.00
C ALA B 35 -41.32 -34.23 -25.72
N ALA B 36 -40.72 -33.29 -24.98
CA ALA B 36 -40.41 -31.97 -25.51
C ALA B 36 -39.18 -31.94 -26.41
N ASP B 37 -39.20 -31.04 -27.39
CA ASP B 37 -38.05 -30.78 -28.25
C ASP B 37 -37.14 -29.75 -27.57
N GLN B 38 -36.04 -30.23 -26.99
CA GLN B 38 -35.19 -29.39 -26.15
C GLN B 38 -34.45 -28.29 -26.91
N LYS B 39 -34.19 -28.52 -28.19
CA LYS B 39 -33.42 -27.56 -28.99
C LYS B 39 -34.16 -26.24 -29.15
N SER B 40 -35.32 -26.28 -29.81
CA SER B 40 -36.11 -25.10 -30.07
C SER B 40 -36.61 -24.46 -28.77
N THR B 41 -36.84 -25.28 -27.75
CA THR B 41 -37.27 -24.77 -26.46
C THR B 41 -36.17 -23.97 -25.78
N GLN B 42 -34.96 -24.53 -25.77
CA GLN B 42 -33.81 -23.82 -25.23
C GLN B 42 -33.55 -22.53 -25.99
N ASN B 43 -33.70 -22.60 -27.31
CA ASN B 43 -33.55 -21.42 -28.17
C ASN B 43 -34.52 -20.31 -27.78
N ALA B 44 -35.80 -20.68 -27.67
CA ALA B 44 -36.85 -19.73 -27.30
C ALA B 44 -36.57 -19.12 -25.92
N ILE B 45 -36.20 -19.98 -24.97
CA ILE B 45 -35.83 -19.55 -23.63
C ILE B 45 -34.71 -18.52 -23.66
N ASN B 46 -33.66 -18.79 -24.43
CA ASN B 46 -32.54 -17.88 -24.53
C ASN B 46 -32.95 -16.54 -25.13
N GLY B 47 -33.66 -16.59 -26.25
CA GLY B 47 -34.13 -15.39 -26.91
C GLY B 47 -34.97 -14.50 -26.03
N ILE B 48 -35.98 -15.09 -25.39
CA ILE B 48 -36.90 -14.34 -24.55
C ILE B 48 -36.20 -13.81 -23.29
N THR B 49 -35.30 -14.62 -22.73
CA THR B 49 -34.47 -14.19 -21.61
C THR B 49 -33.69 -12.93 -21.99
N ASN B 50 -33.06 -12.95 -23.16
CA ASN B 50 -32.31 -11.79 -23.61
C ASN B 50 -33.21 -10.59 -23.87
N LYS B 51 -34.45 -10.85 -24.30
CA LYS B 51 -35.41 -9.78 -24.50
C LYS B 51 -35.76 -9.08 -23.19
N VAL B 52 -36.17 -9.86 -22.20
CA VAL B 52 -36.50 -9.33 -20.88
C VAL B 52 -35.31 -8.60 -20.27
N ASN B 53 -34.14 -9.22 -20.35
CA ASN B 53 -32.93 -8.61 -19.83
C ASN B 53 -32.64 -7.27 -20.52
N THR B 54 -33.01 -7.19 -21.76
CA THR B 54 -32.80 -5.97 -22.49
C THR B 54 -33.70 -4.91 -21.97
N VAL B 55 -34.99 -5.20 -21.90
CA VAL B 55 -35.95 -4.24 -21.42
C VAL B 55 -35.62 -3.76 -20.04
N ILE B 56 -35.11 -4.63 -19.21
CA ILE B 56 -34.72 -4.19 -17.88
C ILE B 56 -33.47 -3.30 -17.93
N GLU B 57 -32.49 -3.68 -18.75
CA GLU B 57 -31.24 -2.93 -18.83
C GLU B 57 -31.42 -1.54 -19.44
N LYS B 58 -32.35 -1.41 -20.38
CA LYS B 58 -32.56 -0.12 -21.04
C LYS B 58 -33.05 0.96 -20.08
N MET B 59 -33.66 0.53 -18.98
CA MET B 59 -34.05 1.47 -17.94
C MET B 59 -32.92 1.70 -16.95
N ASN B 60 -32.28 2.86 -17.05
CA ASN B 60 -31.24 3.25 -16.10
C ASN B 60 -31.82 3.38 -14.71
N ILE B 61 -30.97 3.26 -13.70
CA ILE B 61 -31.39 3.42 -12.32
C ILE B 61 -31.84 4.86 -12.09
N GLN B 62 -33.08 5.03 -11.67
CA GLN B 62 -33.60 6.35 -11.33
C GLN B 62 -33.08 6.75 -9.96
N PHE B 63 -32.09 7.65 -9.94
CA PHE B 63 -31.49 8.08 -8.68
C PHE B 63 -32.37 9.10 -7.97
N THR B 64 -31.82 9.71 -6.91
CA THR B 64 -32.59 10.62 -6.06
C THR B 64 -33.16 11.81 -6.82
N ALA B 65 -34.47 11.98 -6.70
CA ALA B 65 -35.17 13.10 -7.32
C ALA B 65 -36.29 13.59 -6.40
N VAL B 66 -36.06 14.70 -5.73
CA VAL B 66 -37.03 15.24 -4.79
C VAL B 66 -37.63 16.54 -5.31
N GLY B 67 -38.78 16.92 -4.74
CA GLY B 67 -39.42 18.16 -5.09
C GLY B 67 -38.69 19.34 -4.46
N LYS B 68 -38.87 20.52 -5.05
CA LYS B 68 -38.29 21.73 -4.50
C LYS B 68 -39.39 22.60 -3.93
N GLU B 69 -39.03 23.68 -3.25
CA GLU B 69 -40.03 24.62 -2.74
C GLU B 69 -39.82 25.99 -3.34
N PHE B 70 -40.90 26.76 -3.42
CA PHE B 70 -40.87 28.08 -4.05
C PHE B 70 -41.75 29.04 -3.26
N ASN B 71 -41.35 30.30 -3.17
CA ASN B 71 -42.15 31.29 -2.46
C ASN B 71 -43.25 31.86 -3.36
N LYS B 72 -43.99 32.83 -2.83
CA LYS B 72 -45.18 33.34 -3.52
C LYS B 72 -44.83 34.19 -4.73
N LEU B 73 -43.57 34.58 -4.86
CA LEU B 73 -43.14 35.39 -6.00
C LEU B 73 -42.31 34.58 -7.00
N GLU B 74 -42.38 33.25 -6.90
CA GLU B 74 -41.66 32.38 -7.82
C GLU B 74 -42.60 31.35 -8.45
N LYS B 75 -43.82 31.78 -8.73
CA LYS B 75 -44.86 30.92 -9.27
C LYS B 75 -44.50 30.38 -10.66
N ARG B 76 -43.84 31.20 -11.47
CA ARG B 76 -43.41 30.80 -12.80
C ARG B 76 -42.39 29.65 -12.78
N MET B 77 -41.39 29.76 -11.91
CA MET B 77 -40.37 28.72 -11.79
C MET B 77 -40.98 27.43 -11.24
N GLU B 78 -41.91 27.59 -10.31
CA GLU B 78 -42.64 26.47 -9.73
C GLU B 78 -43.41 25.71 -10.80
N ASN B 79 -44.18 26.47 -11.59
CA ASN B 79 -44.95 25.93 -12.69
C ASN B 79 -44.07 25.27 -13.75
N LEU B 80 -42.91 25.85 -14.00
CA LEU B 80 -41.96 25.29 -14.96
C LEU B 80 -41.42 23.94 -14.47
N ASN B 81 -41.02 23.89 -13.21
CA ASN B 81 -40.56 22.64 -12.59
C ASN B 81 -41.65 21.56 -12.70
N LYS B 82 -42.88 21.97 -12.40
CA LYS B 82 -44.01 21.06 -12.49
C LYS B 82 -44.21 20.55 -13.92
N LYS B 83 -44.10 21.45 -14.90
CA LYS B 83 -44.24 21.10 -16.30
C LYS B 83 -43.17 20.10 -16.74
N VAL B 84 -41.94 20.30 -16.24
CA VAL B 84 -40.84 19.40 -16.54
C VAL B 84 -41.12 18.00 -15.99
N ASP B 85 -41.39 17.95 -14.69
CA ASP B 85 -41.68 16.67 -14.03
C ASP B 85 -42.83 15.91 -14.73
N ASP B 86 -43.95 16.62 -14.92
CA ASP B 86 -45.12 16.03 -15.54
C ASP B 86 -44.85 15.54 -16.97
N GLY B 87 -44.10 16.33 -17.73
CA GLY B 87 -43.76 15.96 -19.10
C GLY B 87 -42.96 14.67 -19.14
N PHE B 88 -41.89 14.64 -18.34
CA PHE B 88 -41.06 13.45 -18.25
C PHE B 88 -41.89 12.23 -17.84
N LEU B 89 -42.79 12.42 -16.89
CA LEU B 89 -43.67 11.34 -16.44
C LEU B 89 -44.53 10.81 -17.59
N ASP B 90 -45.20 11.72 -18.29
CA ASP B 90 -46.01 11.38 -19.46
C ASP B 90 -45.21 10.52 -20.43
N ILE B 91 -44.05 11.04 -20.83
CA ILE B 91 -43.20 10.36 -21.77
C ILE B 91 -42.83 8.95 -21.31
N TRP B 92 -42.40 8.81 -20.06
CA TRP B 92 -41.94 7.51 -19.58
C TRP B 92 -43.07 6.49 -19.45
N THR B 93 -44.24 6.92 -19.00
CA THR B 93 -45.40 6.03 -18.96
C THR B 93 -45.74 5.54 -20.37
N TYR B 94 -45.83 6.49 -21.29
CA TYR B 94 -46.05 6.20 -22.72
C TYR B 94 -45.09 5.13 -23.23
N ASN B 95 -43.80 5.39 -23.07
CA ASN B 95 -42.76 4.48 -23.52
C ASN B 95 -42.89 3.09 -22.91
N ALA B 96 -43.08 3.03 -21.58
CA ALA B 96 -43.20 1.74 -20.90
C ALA B 96 -44.34 0.92 -21.47
N GLU B 97 -45.54 1.50 -21.44
CA GLU B 97 -46.73 0.80 -21.91
C GLU B 97 -46.58 0.33 -23.36
N LEU B 98 -46.17 1.24 -24.24
CA LEU B 98 -45.98 0.92 -25.65
C LEU B 98 -45.01 -0.24 -25.85
N LEU B 99 -43.84 -0.11 -25.22
CA LEU B 99 -42.80 -1.14 -25.32
C LEU B 99 -43.34 -2.50 -24.90
N VAL B 100 -44.01 -2.54 -23.76
CA VAL B 100 -44.55 -3.81 -23.29
C VAL B 100 -45.56 -4.40 -24.29
N LEU B 101 -46.46 -3.56 -24.80
CA LEU B 101 -47.42 -4.03 -25.81
C LEU B 101 -46.72 -4.67 -27.03
N LEU B 102 -45.87 -3.87 -27.69
CA LEU B 102 -45.15 -4.32 -28.88
C LEU B 102 -44.41 -5.63 -28.63
N GLU B 103 -43.65 -5.66 -27.54
CA GLU B 103 -42.86 -6.84 -27.21
C GLU B 103 -43.73 -8.07 -26.95
N ASN B 104 -44.88 -7.86 -26.31
CA ASN B 104 -45.80 -8.97 -26.09
C ASN B 104 -46.31 -9.56 -27.40
N GLU B 105 -46.79 -8.68 -28.29
CA GLU B 105 -47.21 -9.12 -29.62
C GLU B 105 -46.11 -9.93 -30.32
N ARG B 106 -44.93 -9.32 -30.41
CA ARG B 106 -43.79 -9.97 -31.05
C ARG B 106 -43.44 -11.32 -30.43
N THR B 107 -43.63 -11.44 -29.12
CA THR B 107 -43.35 -12.68 -28.40
C THR B 107 -44.33 -13.77 -28.81
N LEU B 108 -45.62 -13.44 -28.75
CA LEU B 108 -46.65 -14.39 -29.16
C LEU B 108 -46.38 -14.90 -30.58
N ASP B 109 -46.16 -13.96 -31.50
CA ASP B 109 -45.89 -14.33 -32.88
C ASP B 109 -44.60 -15.16 -33.00
N PHE B 110 -43.64 -14.89 -32.12
CA PHE B 110 -42.40 -15.66 -32.08
C PHE B 110 -42.66 -17.13 -31.74
N HIS B 111 -43.48 -17.35 -30.69
CA HIS B 111 -43.85 -18.71 -30.33
C HIS B 111 -44.58 -19.41 -31.48
N ASP B 112 -45.55 -18.71 -32.07
CA ASP B 112 -46.25 -19.23 -33.24
C ASP B 112 -45.24 -19.71 -34.30
N SER B 113 -44.28 -18.83 -34.60
CA SER B 113 -43.22 -19.11 -35.55
C SER B 113 -42.46 -20.38 -35.21
N ASN B 114 -42.04 -20.50 -33.96
CA ASN B 114 -41.28 -21.67 -33.53
C ASN B 114 -42.07 -22.97 -33.69
N VAL B 115 -43.34 -22.95 -33.27
CA VAL B 115 -44.19 -24.14 -33.42
C VAL B 115 -44.30 -24.55 -34.89
N LYS B 116 -44.70 -23.60 -35.73
CA LYS B 116 -44.84 -23.91 -37.15
C LYS B 116 -43.53 -24.42 -37.75
N ASN B 117 -42.41 -23.82 -37.35
CA ASN B 117 -41.09 -24.24 -37.83
C ASN B 117 -40.80 -25.69 -37.45
N LEU B 118 -41.12 -26.05 -36.22
CA LEU B 118 -40.95 -27.43 -35.77
C LEU B 118 -41.78 -28.37 -36.64
N TYR B 119 -43.05 -28.02 -36.81
CA TYR B 119 -43.96 -28.80 -37.64
C TYR B 119 -43.42 -29.01 -39.06
N GLU B 120 -42.92 -27.93 -39.67
CA GLU B 120 -42.37 -27.98 -41.02
C GLU B 120 -41.13 -28.85 -41.08
N LYS B 121 -40.30 -28.78 -40.04
CA LYS B 121 -39.09 -29.58 -39.98
C LYS B 121 -39.42 -31.06 -39.94
N VAL B 122 -40.36 -31.42 -39.06
CA VAL B 122 -40.81 -32.80 -38.98
C VAL B 122 -41.42 -33.27 -40.31
N LYS B 123 -42.29 -32.46 -40.88
CA LYS B 123 -42.92 -32.77 -42.17
C LYS B 123 -41.89 -33.04 -43.27
N SER B 124 -40.89 -32.17 -43.36
CA SER B 124 -39.84 -32.31 -44.37
C SER B 124 -38.98 -33.54 -44.07
N GLN B 125 -38.90 -33.91 -42.80
CA GLN B 125 -38.21 -35.14 -42.44
C GLN B 125 -38.97 -36.38 -42.90
N LEU B 126 -40.28 -36.39 -42.74
CA LEU B 126 -41.09 -37.57 -43.05
C LEU B 126 -41.41 -37.74 -44.53
N LYS B 127 -41.64 -36.63 -45.22
CA LYS B 127 -42.01 -36.64 -46.64
C LYS B 127 -43.27 -37.48 -46.89
N ASN B 128 -43.22 -38.34 -47.90
CA ASN B 128 -44.39 -39.13 -48.27
C ASN B 128 -44.46 -40.49 -47.56
N ASN B 129 -43.65 -40.67 -46.52
CA ASN B 129 -43.68 -41.90 -45.74
C ASN B 129 -44.73 -41.84 -44.64
N ALA B 130 -45.49 -40.76 -44.63
CA ALA B 130 -46.60 -40.59 -43.69
C ALA B 130 -47.60 -39.61 -44.26
N LYS B 131 -48.77 -39.51 -43.64
CA LYS B 131 -49.78 -38.57 -44.14
C LYS B 131 -50.27 -37.62 -43.06
N GLU B 132 -50.53 -36.38 -43.45
CA GLU B 132 -50.98 -35.35 -42.53
C GLU B 132 -52.48 -35.50 -42.25
N ILE B 133 -52.81 -35.94 -41.05
CA ILE B 133 -54.20 -36.18 -40.69
C ILE B 133 -54.83 -34.99 -39.97
N GLY B 134 -54.16 -33.84 -40.06
CA GLY B 134 -54.66 -32.63 -39.42
C GLY B 134 -54.28 -32.53 -37.96
N ASN B 135 -54.58 -31.38 -37.35
CA ASN B 135 -54.29 -31.11 -35.95
C ASN B 135 -52.80 -31.24 -35.64
N GLY B 136 -51.97 -31.09 -36.67
CA GLY B 136 -50.53 -31.17 -36.51
C GLY B 136 -50.05 -32.58 -36.23
N CYS B 137 -50.84 -33.57 -36.64
CA CYS B 137 -50.49 -34.97 -36.42
C CYS B 137 -50.20 -35.70 -37.72
N PHE B 138 -49.27 -36.65 -37.66
CA PHE B 138 -48.93 -37.48 -38.81
C PHE B 138 -49.27 -38.93 -38.55
N GLU B 139 -49.81 -39.61 -39.56
CA GLU B 139 -50.05 -41.04 -39.47
C GLU B 139 -49.05 -41.81 -40.33
N PHE B 140 -48.37 -42.76 -39.72
CA PHE B 140 -47.33 -43.53 -40.39
C PHE B 140 -47.89 -44.55 -41.38
N TYR B 141 -47.14 -44.79 -42.45
CA TYR B 141 -47.45 -45.86 -43.39
C TYR B 141 -46.68 -47.13 -42.99
N HIS B 142 -46.23 -47.17 -41.75
CA HIS B 142 -45.47 -48.31 -41.24
C HIS B 142 -45.43 -48.36 -39.71
N LYS B 143 -44.82 -49.41 -39.18
CA LYS B 143 -44.66 -49.57 -37.73
C LYS B 143 -43.51 -48.70 -37.23
N CYS B 144 -43.66 -48.16 -36.02
CA CYS B 144 -42.62 -47.32 -35.43
C CYS B 144 -42.56 -47.46 -33.91
N ASP B 145 -41.50 -48.11 -33.42
CA ASP B 145 -41.32 -48.28 -31.99
C ASP B 145 -40.76 -47.01 -31.34
N ASN B 146 -40.32 -47.12 -30.09
CA ASN B 146 -39.77 -45.99 -29.36
C ASN B 146 -38.46 -45.47 -29.94
N GLU B 147 -37.66 -46.38 -30.49
CA GLU B 147 -36.38 -46.01 -31.07
C GLU B 147 -36.57 -45.20 -32.34
N CYS B 148 -37.58 -45.56 -33.13
CA CYS B 148 -37.91 -44.84 -34.35
C CYS B 148 -38.41 -43.44 -34.03
N MET B 149 -39.33 -43.36 -33.07
CA MET B 149 -39.85 -42.09 -32.60
C MET B 149 -38.72 -41.21 -32.12
N GLU B 150 -37.78 -41.80 -31.38
CA GLU B 150 -36.62 -41.08 -30.91
C GLU B 150 -35.75 -40.59 -32.07
N SER B 151 -35.65 -41.41 -33.12
CA SER B 151 -34.89 -41.02 -34.30
C SER B 151 -35.54 -39.83 -34.99
N VAL B 152 -36.87 -39.76 -34.92
CA VAL B 152 -37.59 -38.63 -35.48
C VAL B 152 -37.41 -37.38 -34.62
N ARG B 153 -37.51 -37.54 -33.31
CA ARG B 153 -37.41 -36.42 -32.37
C ARG B 153 -36.11 -35.64 -32.51
N ASN B 154 -34.98 -36.34 -32.48
CA ASN B 154 -33.70 -35.64 -32.46
C ASN B 154 -33.13 -35.41 -33.86
N GLY B 155 -34.03 -35.40 -34.85
CA GLY B 155 -33.69 -34.97 -36.20
C GLY B 155 -32.82 -35.93 -37.00
N THR B 156 -33.08 -37.23 -36.87
CA THR B 156 -32.29 -38.23 -37.57
C THR B 156 -33.14 -39.34 -38.19
N TYR B 157 -34.26 -38.97 -38.78
CA TYR B 157 -35.13 -39.96 -39.42
C TYR B 157 -34.50 -40.53 -40.68
N ASP B 158 -34.76 -41.83 -40.93
CA ASP B 158 -34.20 -42.51 -42.08
C ASP B 158 -35.29 -42.82 -43.11
N TYR B 159 -35.32 -42.01 -44.18
CA TYR B 159 -36.33 -42.16 -45.23
C TYR B 159 -36.17 -43.44 -46.08
N PRO B 160 -34.95 -43.75 -46.58
CA PRO B 160 -34.83 -44.97 -47.39
C PRO B 160 -35.09 -46.24 -46.60
N LYS B 161 -34.97 -46.16 -45.27
CA LYS B 161 -35.14 -47.32 -44.41
C LYS B 161 -36.59 -47.82 -44.40
N TYR B 162 -37.54 -46.90 -44.56
CA TYR B 162 -38.95 -47.26 -44.49
C TYR B 162 -39.70 -46.92 -45.77
N SER B 163 -38.97 -46.40 -46.76
CA SER B 163 -39.57 -45.98 -48.03
C SER B 163 -40.32 -47.11 -48.73
N GLU B 164 -39.77 -48.32 -48.67
CA GLU B 164 -40.36 -49.48 -49.34
C GLU B 164 -41.67 -49.92 -48.69
N GLU B 165 -41.62 -50.14 -47.37
CA GLU B 165 -42.79 -50.56 -46.61
C GLU B 165 -43.90 -49.51 -46.68
N SER B 166 -43.51 -48.25 -46.55
CA SER B 166 -44.46 -47.14 -46.68
C SER B 166 -45.08 -47.14 -48.07
N LYS B 167 -44.26 -47.34 -49.09
CA LYS B 167 -44.73 -47.43 -50.47
C LYS B 167 -45.74 -48.57 -50.64
N LEU B 168 -45.52 -49.65 -49.90
CA LEU B 168 -46.43 -50.78 -49.92
C LEU B 168 -47.78 -50.42 -49.29
N ASN B 169 -47.74 -49.95 -48.05
CA ASN B 169 -48.97 -49.62 -47.32
C ASN B 169 -49.72 -48.45 -47.94
N ARG B 170 -49.04 -47.67 -48.76
CA ARG B 170 -49.66 -46.51 -49.43
C ARG B 170 -50.62 -46.94 -50.52
N GLU B 171 -50.18 -47.92 -51.33
CA GLU B 171 -50.96 -48.48 -52.44
C GLU B 171 -51.67 -47.42 -53.27
N ASP C 1 64.59 27.58 -22.34
CA ASP C 1 64.07 27.28 -21.01
C ASP C 1 62.59 26.95 -21.08
N THR C 2 62.18 25.88 -20.40
CA THR C 2 60.82 25.38 -20.46
C THR C 2 60.25 24.97 -19.10
N ILE C 3 58.92 25.03 -18.99
CA ILE C 3 58.22 24.54 -17.80
C ILE C 3 56.98 23.76 -18.23
N CYS C 4 56.65 22.71 -17.47
CA CYS C 4 55.55 21.82 -17.84
C CYS C 4 54.64 21.50 -16.65
N ILE C 5 53.34 21.41 -16.92
CA ILE C 5 52.38 21.01 -15.90
C ILE C 5 51.94 19.58 -16.16
N GLY C 6 52.10 18.72 -15.15
CA GLY C 6 51.76 17.31 -15.29
C GLY C 6 51.20 16.73 -14.01
N TYR C 7 50.90 15.43 -14.03
CA TYR C 7 50.25 14.79 -12.90
C TYR C 7 50.95 13.53 -12.45
N HIS C 8 50.57 13.05 -11.27
CA HIS C 8 51.23 11.93 -10.61
C HIS C 8 51.07 10.61 -11.36
N ALA C 9 52.04 9.71 -11.14
CA ALA C 9 51.94 8.34 -11.58
C ALA C 9 52.82 7.46 -10.69
N ASN C 10 52.43 6.20 -10.53
CA ASN C 10 53.19 5.27 -9.71
C ASN C 10 52.92 3.82 -10.10
N ASN C 11 53.47 2.88 -9.33
CA ASN C 11 53.35 1.47 -9.68
C ASN C 11 52.07 0.82 -9.21
N SER C 12 51.11 1.63 -8.78
CA SER C 12 49.83 1.10 -8.33
C SER C 12 49.12 0.38 -9.48
N THR C 13 48.61 -0.81 -9.21
CA THR C 13 47.86 -1.57 -10.20
C THR C 13 46.40 -1.70 -9.79
N ASP C 14 46.00 -0.89 -8.81
CA ASP C 14 44.63 -0.85 -8.33
C ASP C 14 43.66 -0.51 -9.46
N THR C 15 42.57 -1.26 -9.54
CA THR C 15 41.57 -1.06 -10.57
C THR C 15 40.20 -0.75 -9.98
N VAL C 16 39.50 0.19 -10.61
CA VAL C 16 38.15 0.57 -10.18
C VAL C 16 37.21 0.65 -11.38
N ASP C 17 35.92 0.45 -11.12
CA ASP C 17 34.93 0.55 -12.19
C ASP C 17 34.21 1.89 -12.11
N THR C 18 33.86 2.42 -13.27
CA THR C 18 33.03 3.61 -13.35
C THR C 18 31.78 3.29 -14.16
N VAL C 19 30.94 4.30 -14.34
CA VAL C 19 29.73 4.13 -15.13
C VAL C 19 30.08 4.00 -16.63
N LEU C 20 31.07 4.76 -17.07
CA LEU C 20 31.46 4.77 -18.48
C LEU C 20 32.47 3.70 -18.85
N GLU C 21 33.41 3.44 -17.95
CA GLU C 21 34.52 2.55 -18.27
C GLU C 21 34.78 1.59 -17.12
N LYS C 22 34.96 0.32 -17.45
CA LYS C 22 35.28 -0.67 -16.44
C LYS C 22 36.78 -0.84 -16.30
N ASN C 23 37.22 -1.18 -15.09
CA ASN C 23 38.59 -1.59 -14.84
C ASN C 23 39.62 -0.51 -15.17
N VAL C 24 39.51 0.63 -14.49
CA VAL C 24 40.46 1.72 -14.68
C VAL C 24 41.58 1.65 -13.66
N THR C 25 42.82 1.61 -14.12
CA THR C 25 43.97 1.58 -13.22
C THR C 25 44.19 2.96 -12.63
N VAL C 26 44.40 3.02 -11.32
CA VAL C 26 44.50 4.30 -10.62
C VAL C 26 45.65 4.33 -9.61
N THR C 27 46.05 5.54 -9.22
CA THR C 27 47.21 5.72 -8.36
C THR C 27 46.90 5.47 -6.89
N HIS C 28 45.71 5.85 -6.46
CA HIS C 28 45.29 5.67 -5.08
C HIS C 28 43.83 5.28 -5.00
N SER C 29 43.50 4.36 -4.11
CA SER C 29 42.12 3.89 -3.96
C SER C 29 41.90 3.25 -2.60
N VAL C 30 40.66 3.30 -2.13
CA VAL C 30 40.30 2.66 -0.87
C VAL C 30 39.29 1.53 -1.10
N ASN C 31 39.43 0.46 -0.34
CA ASN C 31 38.46 -0.63 -0.39
C ASN C 31 37.43 -0.47 0.72
N LEU C 32 36.16 -0.43 0.33
CA LEU C 32 35.07 -0.21 1.27
C LEU C 32 34.39 -1.51 1.66
N LEU C 33 34.85 -2.61 1.09
CA LEU C 33 34.20 -3.91 1.27
C LEU C 33 35.07 -4.87 2.07
N GLU C 34 34.65 -5.15 3.30
CA GLU C 34 35.37 -6.10 4.15
C GLU C 34 35.02 -7.53 3.76
N ASP C 35 36.05 -8.34 3.52
CA ASP C 35 35.85 -9.71 3.06
C ASP C 35 36.66 -10.72 3.86
N SER C 36 37.23 -10.27 4.97
CA SER C 36 38.10 -11.10 5.78
C SER C 36 37.57 -11.29 7.21
N HIS C 37 37.58 -12.54 7.66
CA HIS C 37 37.19 -12.87 9.03
C HIS C 37 38.17 -13.88 9.61
N ASN C 38 38.15 -14.07 10.93
CA ASN C 38 39.17 -14.88 11.58
C ASN C 38 38.75 -16.34 11.87
N GLY C 39 37.56 -16.70 11.43
CA GLY C 39 37.08 -18.07 11.58
C GLY C 39 36.93 -18.54 13.00
N LYS C 40 36.78 -17.60 13.94
CA LYS C 40 36.71 -17.94 15.35
C LYS C 40 35.47 -17.38 16.02
N LEU C 41 34.88 -18.15 16.92
CA LEU C 41 33.85 -17.64 17.83
C LEU C 41 34.54 -16.87 18.94
N CYS C 42 34.16 -15.60 19.11
CA CYS C 42 34.88 -14.74 20.03
C CYS C 42 33.98 -14.12 21.10
N ARG C 43 34.61 -13.56 22.13
CA ARG C 43 33.90 -12.74 23.10
C ARG C 43 33.41 -11.47 22.41
N LEU C 44 32.20 -11.04 22.76
CA LEU C 44 31.66 -9.82 22.19
C LEU C 44 31.60 -8.74 23.26
N LYS C 45 32.43 -7.70 23.09
CA LYS C 45 32.55 -6.62 24.07
C LYS C 45 32.87 -7.17 25.46
N GLY C 46 33.80 -8.13 25.52
CA GLY C 46 34.26 -8.68 26.77
C GLY C 46 33.41 -9.81 27.32
N ILE C 47 32.27 -10.07 26.68
CA ILE C 47 31.36 -11.11 27.17
C ILE C 47 31.35 -12.34 26.27
N ALA C 48 31.64 -13.49 26.85
CA ALA C 48 31.68 -14.77 26.13
C ALA C 48 30.29 -15.23 25.73
N PRO C 49 30.19 -15.97 24.61
CA PRO C 49 28.88 -16.50 24.19
C PRO C 49 28.43 -17.68 25.04
N LEU C 50 27.17 -18.05 24.90
CA LEU C 50 26.64 -19.25 25.54
C LEU C 50 26.56 -20.38 24.53
N GLN C 51 27.50 -21.32 24.60
CA GLN C 51 27.51 -22.46 23.68
C GLN C 51 26.72 -23.62 24.25
N LEU C 52 25.81 -24.17 23.46
CA LEU C 52 24.93 -25.24 23.91
C LEU C 52 25.48 -26.61 23.57
N GLY C 53 26.55 -26.63 22.76
CA GLY C 53 27.19 -27.88 22.38
C GLY C 53 26.28 -28.82 21.63
N LYS C 54 26.13 -30.03 22.16
CA LYS C 54 25.30 -31.06 21.53
C LYS C 54 23.81 -30.70 21.57
N CYS C 55 23.46 -29.77 22.46
CA CYS C 55 22.06 -29.40 22.64
C CYS C 55 21.61 -28.26 21.73
N ASN C 56 20.31 -28.22 21.48
CA ASN C 56 19.66 -27.02 20.96
C ASN C 56 18.91 -26.36 22.10
N ILE C 57 18.21 -25.26 21.82
CA ILE C 57 17.49 -24.52 22.86
C ILE C 57 16.54 -25.41 23.67
N ALA C 58 15.77 -26.24 22.97
CA ALA C 58 14.79 -27.11 23.63
C ALA C 58 15.44 -28.13 24.55
N GLY C 59 16.46 -28.82 24.05
CA GLY C 59 17.19 -29.80 24.84
C GLY C 59 17.82 -29.20 26.08
N TRP C 60 18.22 -27.93 25.98
CA TRP C 60 18.82 -27.24 27.11
C TRP C 60 17.75 -26.86 28.14
N LEU C 61 16.68 -26.21 27.68
CA LEU C 61 15.64 -25.73 28.58
C LEU C 61 14.90 -26.86 29.30
N LEU C 62 14.58 -27.92 28.57
CA LEU C 62 13.91 -29.06 29.19
C LEU C 62 14.88 -29.85 30.07
N GLY C 63 16.17 -29.73 29.78
CA GLY C 63 17.19 -30.43 30.54
C GLY C 63 17.48 -31.83 30.05
N ASN C 64 17.72 -31.97 28.75
CA ASN C 64 18.09 -33.24 28.15
C ASN C 64 19.36 -33.79 28.79
N PRO C 65 19.30 -35.04 29.30
CA PRO C 65 20.39 -35.66 30.06
C PRO C 65 21.66 -35.88 29.24
N GLU C 66 21.53 -35.95 27.92
CA GLU C 66 22.68 -36.25 27.06
C GLU C 66 23.64 -35.07 26.91
N CYS C 67 23.27 -33.92 27.44
CA CYS C 67 24.11 -32.73 27.34
C CYS C 67 24.78 -32.40 28.67
N ASP C 68 26.06 -32.05 28.62
CA ASP C 68 26.81 -31.70 29.81
C ASP C 68 26.19 -30.50 30.51
N PRO C 69 25.87 -30.65 31.81
CA PRO C 69 25.20 -29.61 32.58
C PRO C 69 26.03 -28.35 32.69
N LEU C 70 25.38 -27.20 32.47
CA LEU C 70 26.05 -25.91 32.55
C LEU C 70 26.12 -25.41 34.00
N LEU C 71 26.83 -24.31 34.21
CA LEU C 71 26.85 -23.66 35.51
C LEU C 71 25.44 -23.17 35.85
N PRO C 72 25.12 -23.08 37.15
CA PRO C 72 23.80 -22.60 37.58
C PRO C 72 23.50 -21.18 37.12
N VAL C 73 24.55 -20.37 36.97
CA VAL C 73 24.38 -18.98 36.58
C VAL C 73 25.28 -18.61 35.39
N ARG C 74 24.68 -18.11 34.32
CA ARG C 74 25.48 -17.69 33.16
C ARG C 74 25.04 -16.36 32.59
N SER C 75 26.01 -15.60 32.10
CA SER C 75 25.77 -14.40 31.31
C SER C 75 26.43 -14.56 29.95
N TRP C 76 25.80 -14.03 28.91
CA TRP C 76 26.35 -14.15 27.57
C TRP C 76 26.09 -12.93 26.69
N SER C 77 26.72 -12.92 25.53
CA SER C 77 26.56 -11.85 24.56
C SER C 77 25.76 -12.36 23.36
N TYR C 78 25.83 -13.67 23.13
CA TYR C 78 25.03 -14.32 22.10
C TYR C 78 25.02 -15.83 22.32
N ILE C 79 23.96 -16.49 21.85
CA ILE C 79 23.78 -17.92 22.02
C ILE C 79 24.18 -18.67 20.75
N VAL C 80 24.92 -19.75 20.90
CA VAL C 80 25.38 -20.53 19.75
C VAL C 80 24.82 -21.95 19.73
N GLU C 81 24.09 -22.28 18.68
CA GLU C 81 23.64 -23.64 18.43
C GLU C 81 24.49 -24.29 17.34
N THR C 82 24.90 -25.54 17.57
CA THR C 82 25.59 -26.28 16.52
C THR C 82 24.58 -26.75 15.47
N PRO C 83 25.00 -26.82 14.20
CA PRO C 83 24.10 -27.24 13.11
C PRO C 83 23.53 -28.64 13.35
N ASN C 84 24.37 -29.53 13.85
CA ASN C 84 24.01 -30.92 14.09
C ASN C 84 23.63 -31.21 15.54
N SER C 85 22.48 -30.72 15.96
CA SER C 85 22.01 -30.96 17.33
C SER C 85 21.10 -32.17 17.38
N GLU C 86 21.66 -33.30 17.80
CA GLU C 86 20.90 -34.55 17.89
C GLU C 86 20.11 -34.61 19.19
N ASN C 87 20.50 -33.76 20.14
CA ASN C 87 19.85 -33.72 21.44
C ASN C 87 18.91 -32.53 21.61
N GLY C 88 17.62 -32.81 21.64
CA GLY C 88 16.60 -31.79 21.86
C GLY C 88 15.43 -32.37 22.63
N ILE C 89 14.27 -32.40 21.98
CA ILE C 89 13.12 -33.09 22.54
C ILE C 89 13.34 -34.60 22.42
N CYS C 90 13.65 -35.25 23.54
CA CYS C 90 13.97 -36.67 23.53
C CYS C 90 12.74 -37.55 23.79
N TYR C 91 11.73 -36.99 24.43
CA TYR C 91 10.45 -37.67 24.52
C TYR C 91 9.46 -36.99 23.56
N PRO C 92 8.99 -37.76 22.56
CA PRO C 92 8.20 -37.25 21.43
C PRO C 92 7.01 -36.39 21.86
N GLY C 93 6.76 -35.32 21.12
CA GLY C 93 5.67 -34.41 21.42
C GLY C 93 5.91 -33.02 20.88
N ASP C 94 5.02 -32.10 21.23
CA ASP C 94 5.09 -30.73 20.70
C ASP C 94 5.54 -29.74 21.76
N PHE C 95 6.52 -28.90 21.40
CA PHE C 95 6.92 -27.80 22.25
C PHE C 95 6.12 -26.56 21.83
N ILE C 96 5.08 -26.27 22.60
CA ILE C 96 4.13 -25.22 22.24
C ILE C 96 4.74 -23.82 22.35
N ASP C 97 4.55 -23.03 21.29
CA ASP C 97 5.11 -21.68 21.20
C ASP C 97 6.62 -21.67 21.37
N TYR C 98 7.28 -22.68 20.80
CA TYR C 98 8.72 -22.83 20.87
C TYR C 98 9.47 -21.65 20.23
N GLU C 99 9.07 -21.30 19.02
CA GLU C 99 9.71 -20.21 18.29
C GLU C 99 9.63 -18.88 19.04
N GLU C 100 8.48 -18.62 19.64
CA GLU C 100 8.29 -17.40 20.43
C GLU C 100 9.21 -17.39 21.64
N LEU C 101 9.43 -18.57 22.21
CA LEU C 101 10.34 -18.71 23.34
C LEU C 101 11.77 -18.42 22.88
N ARG C 102 12.13 -18.88 21.68
CA ARG C 102 13.43 -18.54 21.11
C ARG C 102 13.58 -17.03 20.95
N GLU C 103 12.53 -16.39 20.44
CA GLU C 103 12.56 -14.95 20.22
C GLU C 103 12.73 -14.21 21.55
N GLN C 104 12.07 -14.73 22.59
CA GLN C 104 12.25 -14.21 23.93
C GLN C 104 13.70 -14.35 24.39
N LEU C 105 14.26 -15.54 24.19
CA LEU C 105 15.65 -15.84 24.57
C LEU C 105 16.65 -14.95 23.83
N SER C 106 16.26 -14.45 22.66
CA SER C 106 17.15 -13.59 21.87
C SER C 106 17.46 -12.25 22.55
N SER C 107 16.66 -11.87 23.54
CA SER C 107 16.90 -10.62 24.25
C SER C 107 17.21 -10.85 25.73
N VAL C 108 17.53 -12.10 26.06
CA VAL C 108 17.95 -12.45 27.41
C VAL C 108 19.48 -12.50 27.48
N SER C 109 20.05 -11.89 28.52
CA SER C 109 21.50 -11.78 28.63
C SER C 109 22.07 -12.62 29.77
N SER C 110 21.20 -13.15 30.61
CA SER C 110 21.64 -13.90 31.79
C SER C 110 20.57 -14.84 32.32
N PHE C 111 20.98 -16.00 32.84
CA PHE C 111 20.04 -16.87 33.54
C PHE C 111 20.61 -17.42 34.84
N GLU C 112 19.72 -17.58 35.81
CA GLU C 112 20.01 -18.32 37.04
C GLU C 112 19.10 -19.54 37.10
N ARG C 113 19.69 -20.73 37.06
CA ARG C 113 18.94 -21.96 37.22
C ARG C 113 18.72 -22.24 38.71
N PHE C 114 17.47 -22.45 39.11
CA PHE C 114 17.14 -22.67 40.52
C PHE C 114 15.99 -23.65 40.69
N GLU C 115 15.98 -24.34 41.83
CA GLU C 115 14.99 -25.38 42.11
C GLU C 115 13.66 -24.79 42.62
N ILE C 116 12.68 -24.73 41.74
CA ILE C 116 11.39 -24.09 42.05
C ILE C 116 10.48 -25.02 42.85
N PHE C 117 10.46 -26.29 42.49
CA PHE C 117 9.70 -27.30 43.24
C PHE C 117 10.60 -28.49 43.55
N PRO C 118 11.20 -28.43 44.72
CA PRO C 118 12.10 -29.46 45.21
C PRO C 118 11.52 -30.82 45.09
N LYS C 119 12.32 -31.70 44.54
CA LYS C 119 11.96 -33.06 44.27
C LYS C 119 11.35 -33.82 45.42
N GLU C 120 12.08 -33.96 46.51
CA GLU C 120 11.55 -34.71 47.62
C GLU C 120 10.99 -33.83 48.69
N SER C 121 9.79 -33.31 48.48
CA SER C 121 9.10 -32.44 49.43
C SER C 121 8.00 -31.59 48.86
N SER C 122 7.81 -31.61 47.56
CA SER C 122 6.80 -30.76 46.97
C SER C 122 5.65 -31.57 46.52
N TRP C 123 5.90 -32.84 46.30
CA TRP C 123 4.84 -33.73 45.87
C TRP C 123 4.70 -34.95 46.78
N PRO C 124 4.11 -34.76 47.97
CA PRO C 124 3.85 -35.88 48.85
C PRO C 124 2.78 -36.79 48.27
N ASN C 125 2.85 -38.09 48.58
CA ASN C 125 1.88 -39.07 48.11
C ASN C 125 1.88 -39.23 46.59
N HIS C 126 3.00 -38.86 45.97
CA HIS C 126 3.20 -39.09 44.54
C HIS C 126 4.60 -39.64 44.31
N ASN C 127 4.72 -40.56 43.35
CA ASN C 127 6.03 -41.06 42.97
C ASN C 127 6.71 -40.09 42.01
N THR C 128 7.98 -39.79 42.29
CA THR C 128 8.74 -38.83 41.50
C THR C 128 9.94 -39.49 40.85
N ASN C 129 9.83 -40.78 40.58
CA ASN C 129 10.97 -41.58 40.14
C ASN C 129 10.86 -42.03 38.68
N GLY C 130 9.76 -41.64 38.03
CA GLY C 130 9.50 -42.04 36.66
C GLY C 130 10.63 -41.74 35.69
N VAL C 131 10.96 -42.71 34.85
CA VAL C 131 11.97 -42.54 33.82
C VAL C 131 11.51 -43.16 32.51
N THR C 132 12.35 -43.07 31.49
CA THR C 132 12.04 -43.62 30.19
C THR C 132 13.32 -43.87 29.40
N ALA C 133 13.24 -44.77 28.43
CA ALA C 133 14.39 -45.12 27.61
C ALA C 133 14.55 -44.11 26.47
N ALA C 134 13.49 -43.37 26.18
CA ALA C 134 13.54 -42.31 25.19
C ALA C 134 14.51 -41.22 25.62
N CYS C 135 14.61 -41.01 26.93
CA CYS C 135 15.56 -40.06 27.48
C CYS C 135 16.69 -40.81 28.18
N SER C 136 17.46 -41.56 27.41
CA SER C 136 18.55 -42.34 27.97
C SER C 136 19.77 -41.50 28.29
N HIS C 137 20.53 -41.93 29.29
CA HIS C 137 21.80 -41.31 29.62
C HIS C 137 22.74 -42.35 30.21
N GLU C 138 23.89 -42.53 29.58
CA GLU C 138 24.88 -43.53 29.96
C GLU C 138 24.26 -44.93 30.00
N GLY C 139 23.42 -45.23 29.01
CA GLY C 139 22.82 -46.53 28.87
C GLY C 139 21.52 -46.70 29.64
N LYS C 140 21.47 -46.15 30.85
CA LYS C 140 20.29 -46.27 31.70
C LYS C 140 19.16 -45.36 31.25
N SER C 141 17.93 -45.84 31.42
CA SER C 141 16.74 -45.02 31.18
C SER C 141 16.73 -43.85 32.17
N SER C 142 16.38 -42.66 31.69
CA SER C 142 16.40 -41.49 32.56
C SER C 142 15.28 -40.51 32.23
N PHE C 143 15.48 -39.25 32.58
CA PHE C 143 14.48 -38.21 32.32
C PHE C 143 15.07 -36.81 32.34
N TYR C 144 14.29 -35.84 31.88
CA TYR C 144 14.68 -34.44 31.84
C TYR C 144 15.17 -33.92 33.20
N ARG C 145 16.24 -33.14 33.19
CA ARG C 145 16.84 -32.62 34.42
C ARG C 145 15.99 -31.56 35.10
N ASN C 146 15.21 -30.82 34.33
CA ASN C 146 14.45 -29.71 34.88
C ASN C 146 12.97 -30.04 35.08
N LEU C 147 12.59 -31.27 34.74
CA LEU C 147 11.21 -31.71 34.92
C LEU C 147 11.14 -32.98 35.76
N LEU C 148 9.95 -33.27 36.26
CA LEU C 148 9.73 -34.38 37.17
C LEU C 148 8.47 -35.13 36.78
N TRP C 149 8.60 -36.42 36.52
CA TRP C 149 7.46 -37.23 36.11
C TRP C 149 6.74 -37.77 37.33
N LEU C 150 5.65 -37.11 37.72
CA LEU C 150 4.85 -37.53 38.85
C LEU C 150 3.94 -38.69 38.47
N THR C 151 4.12 -39.83 39.12
CA THR C 151 3.30 -41.00 38.86
C THR C 151 2.49 -41.40 40.09
N GLU C 152 1.62 -42.38 39.90
CA GLU C 152 0.78 -42.87 41.00
C GLU C 152 1.64 -43.49 42.09
N LYS C 153 1.23 -43.29 43.34
CA LYS C 153 1.92 -43.88 44.47
C LYS C 153 0.93 -44.70 45.29
N GLU C 154 1.18 -46.00 45.37
CA GLU C 154 0.34 -46.93 46.13
C GLU C 154 -1.12 -46.90 45.67
N GLY C 155 -1.32 -46.96 44.35
CA GLY C 155 -2.65 -47.08 43.78
C GLY C 155 -3.53 -45.84 43.87
N SER C 156 -2.91 -44.69 44.11
CA SER C 156 -3.67 -43.45 44.18
C SER C 156 -2.86 -42.26 43.67
N TYR C 157 -3.56 -41.35 42.99
CA TYR C 157 -2.98 -40.09 42.55
C TYR C 157 -3.83 -38.97 43.10
N PRO C 158 -3.51 -38.52 44.32
CA PRO C 158 -4.28 -37.46 44.99
C PRO C 158 -4.22 -36.15 44.21
N LYS C 159 -5.27 -35.36 44.26
CA LYS C 159 -5.26 -34.05 43.59
C LYS C 159 -4.19 -33.19 44.23
N LEU C 160 -3.16 -32.87 43.45
CA LEU C 160 -2.06 -32.04 43.93
C LEU C 160 -2.30 -30.59 43.59
N LYS C 161 -1.85 -29.72 44.49
CA LYS C 161 -1.94 -28.29 44.29
C LYS C 161 -0.78 -27.59 44.98
N ASN C 162 0.21 -27.19 44.19
CA ASN C 162 1.35 -26.46 44.72
C ASN C 162 1.54 -25.14 43.99
N SER C 163 2.22 -24.19 44.64
CA SER C 163 2.41 -22.89 44.06
C SER C 163 3.77 -22.29 44.38
N TYR C 164 4.26 -21.43 43.49
CA TYR C 164 5.51 -20.73 43.70
C TYR C 164 5.33 -19.23 43.61
N VAL C 165 5.94 -18.50 44.54
CA VAL C 165 5.90 -17.05 44.52
C VAL C 165 7.25 -16.49 44.07
N ASN C 166 7.24 -15.72 42.98
CA ASN C 166 8.45 -15.19 42.39
C ASN C 166 9.03 -14.02 43.20
N LYS C 167 9.97 -14.33 44.07
CA LYS C 167 10.63 -13.30 44.87
C LYS C 167 12.08 -13.10 44.41
N LYS C 168 12.33 -13.45 43.15
CA LYS C 168 13.67 -13.34 42.55
C LYS C 168 13.96 -11.92 42.07
N GLY C 169 12.92 -11.11 41.91
CA GLY C 169 13.07 -9.76 41.42
C GLY C 169 13.32 -9.70 39.93
N LYS C 170 13.12 -10.84 39.25
CA LYS C 170 13.28 -10.93 37.80
C LYS C 170 12.22 -11.84 37.22
N GLU C 171 12.02 -11.77 35.90
CA GLU C 171 11.14 -12.71 35.22
C GLU C 171 11.64 -14.13 35.45
N VAL C 172 10.72 -15.07 35.67
CA VAL C 172 11.10 -16.46 35.83
C VAL C 172 10.46 -17.34 34.77
N LEU C 173 11.29 -17.91 33.90
CA LEU C 173 10.83 -18.87 32.91
C LEU C 173 10.49 -20.20 33.59
N VAL C 174 9.21 -20.58 33.53
CA VAL C 174 8.80 -21.86 34.09
C VAL C 174 8.31 -22.78 32.98
N LEU C 175 8.85 -24.00 32.96
CA LEU C 175 8.47 -25.01 31.98
C LEU C 175 7.84 -26.22 32.65
N TRP C 176 6.86 -26.82 31.98
CA TRP C 176 6.24 -28.05 32.46
C TRP C 176 5.76 -28.89 31.28
N GLY C 177 5.25 -30.07 31.56
CA GLY C 177 4.81 -30.97 30.51
C GLY C 177 3.49 -31.66 30.79
N ILE C 178 2.84 -32.10 29.73
CA ILE C 178 1.61 -32.89 29.81
C ILE C 178 1.83 -34.20 29.10
N HIS C 179 1.65 -35.31 29.82
CA HIS C 179 1.82 -36.62 29.23
C HIS C 179 0.52 -37.13 28.61
N HIS C 180 0.64 -37.77 27.46
CA HIS C 180 -0.50 -38.35 26.77
C HIS C 180 -0.22 -39.81 26.48
N PRO C 181 -0.74 -40.70 27.32
CA PRO C 181 -0.58 -42.15 27.14
C PRO C 181 -1.31 -42.65 25.90
N PRO C 182 -0.83 -43.76 25.31
CA PRO C 182 -1.41 -44.31 24.09
C PRO C 182 -2.75 -45.02 24.33
N ASN C 183 -2.97 -45.47 25.57
CA ASN C 183 -4.20 -46.20 25.89
C ASN C 183 -4.69 -45.90 27.30
N SER C 184 -5.96 -46.20 27.55
CA SER C 184 -6.57 -45.95 28.86
C SER C 184 -6.02 -46.90 29.92
N LYS C 185 -5.48 -48.02 29.47
CA LYS C 185 -4.82 -48.98 30.36
C LYS C 185 -3.63 -48.33 31.06
N GLU C 186 -2.70 -47.80 30.28
CA GLU C 186 -1.53 -47.13 30.82
C GLU C 186 -1.93 -45.86 31.56
N GLN C 187 -2.99 -45.21 31.09
CA GLN C 187 -3.53 -44.04 31.75
C GLN C 187 -3.92 -44.35 33.20
N GLN C 188 -4.69 -45.42 33.37
CA GLN C 188 -5.08 -45.84 34.72
C GLN C 188 -3.89 -46.33 35.53
N ASN C 189 -2.98 -47.06 34.87
CA ASN C 189 -1.82 -47.61 35.56
C ASN C 189 -0.87 -46.51 36.06
N LEU C 190 -0.89 -45.35 35.42
CA LEU C 190 0.02 -44.26 35.79
C LEU C 190 -0.63 -43.18 36.64
N TYR C 191 -1.91 -42.92 36.44
CA TYR C 191 -2.54 -41.76 37.10
C TYR C 191 -3.88 -42.07 37.76
N GLN C 192 -4.36 -43.30 37.60
CA GLN C 192 -5.55 -43.79 38.31
C GLN C 192 -6.85 -43.01 38.09
N ASN C 193 -6.82 -42.04 37.18
CA ASN C 193 -8.02 -41.27 36.85
C ASN C 193 -8.23 -41.14 35.34
N GLU C 194 -9.30 -41.73 34.83
CA GLU C 194 -9.57 -41.69 33.40
C GLU C 194 -10.03 -40.30 32.96
N ASN C 195 -10.48 -39.50 33.91
CA ASN C 195 -10.87 -38.12 33.64
C ASN C 195 -9.97 -37.12 34.35
N ALA C 196 -8.68 -37.11 34.00
CA ALA C 196 -7.72 -36.24 34.66
C ALA C 196 -7.64 -34.88 33.99
N TYR C 197 -6.97 -33.94 34.66
CA TYR C 197 -6.80 -32.59 34.15
C TYR C 197 -5.62 -31.91 34.82
N VAL C 198 -4.97 -31.00 34.09
CA VAL C 198 -3.92 -30.18 34.67
C VAL C 198 -4.32 -28.71 34.60
N SER C 199 -4.03 -27.96 35.66
CA SER C 199 -4.37 -26.53 35.69
C SER C 199 -3.15 -25.70 36.04
N VAL C 200 -2.79 -24.78 35.15
CA VAL C 200 -1.69 -23.86 35.43
C VAL C 200 -2.18 -22.42 35.34
N VAL C 201 -2.00 -21.66 36.42
CA VAL C 201 -2.43 -20.26 36.40
C VAL C 201 -1.43 -19.27 36.99
N THR C 202 -1.44 -18.06 36.44
CA THR C 202 -0.75 -16.93 37.05
C THR C 202 -1.70 -15.74 37.03
N SER C 203 -1.17 -14.54 37.22
CA SER C 203 -1.98 -13.34 37.13
C SER C 203 -2.47 -13.09 35.72
N ASN C 204 -1.67 -13.48 34.73
CA ASN C 204 -1.99 -13.23 33.34
C ASN C 204 -1.97 -14.48 32.48
N TYR C 205 -1.53 -15.60 33.05
CA TYR C 205 -1.58 -16.88 32.36
C TYR C 205 -2.68 -17.72 32.98
N ASN C 206 -3.41 -18.44 32.13
CA ASN C 206 -4.57 -19.19 32.58
C ASN C 206 -4.88 -20.33 31.62
N ARG C 207 -4.33 -21.52 31.88
CA ARG C 207 -4.54 -22.62 30.96
C ARG C 207 -4.87 -23.94 31.63
N ARG C 208 -5.77 -24.67 30.99
CA ARG C 208 -6.21 -25.99 31.44
C ARG C 208 -5.88 -27.03 30.37
N PHE C 209 -5.36 -28.17 30.80
CA PHE C 209 -4.89 -29.21 29.89
C PHE C 209 -5.64 -30.52 30.14
N THR C 210 -6.03 -31.18 29.06
CA THR C 210 -6.75 -32.44 29.15
C THR C 210 -6.04 -33.54 28.38
N PRO C 211 -5.82 -34.70 29.03
CA PRO C 211 -5.20 -35.87 28.40
C PRO C 211 -5.95 -36.31 27.16
N GLU C 212 -5.20 -36.67 26.12
CA GLU C 212 -5.80 -37.15 24.88
C GLU C 212 -5.28 -38.54 24.54
N ILE C 213 -6.12 -39.54 24.78
CA ILE C 213 -5.70 -40.93 24.64
C ILE C 213 -6.05 -41.50 23.26
N ALA C 214 -5.02 -41.95 22.54
CA ALA C 214 -5.18 -42.64 21.27
C ALA C 214 -3.87 -43.33 20.89
N GLU C 215 -3.95 -44.46 20.21
CA GLU C 215 -2.75 -45.12 19.72
C GLU C 215 -2.11 -44.27 18.64
N ARG C 216 -0.78 -44.10 18.74
CA ARG C 216 -0.07 -43.26 17.80
C ARG C 216 1.14 -43.99 17.20
N PRO C 217 1.54 -43.59 15.99
CA PRO C 217 2.78 -44.10 15.40
C PRO C 217 3.97 -43.94 16.34
N LYS C 218 4.78 -44.98 16.48
CA LYS C 218 5.92 -44.94 17.38
C LYS C 218 6.94 -43.88 16.96
N VAL C 219 7.36 -43.06 17.92
CA VAL C 219 8.45 -42.10 17.70
C VAL C 219 9.45 -42.23 18.85
N ARG C 220 10.69 -42.57 18.50
CA ARG C 220 11.70 -42.93 19.49
C ARG C 220 11.18 -44.04 20.39
N ASP C 221 10.51 -45.02 19.76
CA ASP C 221 9.92 -46.17 20.43
C ASP C 221 8.86 -45.78 21.45
N GLN C 222 8.05 -44.78 21.11
CA GLN C 222 6.98 -44.33 22.00
C GLN C 222 5.68 -44.07 21.26
N ALA C 223 4.61 -44.72 21.72
CA ALA C 223 3.28 -44.49 21.19
C ALA C 223 2.62 -43.33 21.92
N GLY C 224 3.21 -42.96 23.05
CA GLY C 224 2.71 -41.84 23.84
C GLY C 224 3.35 -40.53 23.42
N ARG C 225 2.72 -39.43 23.80
CA ARG C 225 3.27 -38.11 23.49
C ARG C 225 3.47 -37.30 24.77
N MET C 226 4.15 -36.17 24.64
CA MET C 226 4.36 -35.27 25.77
C MET C 226 4.46 -33.83 25.26
N ASN C 227 3.48 -33.01 25.62
CA ASN C 227 3.48 -31.62 25.18
C ASN C 227 4.15 -30.72 26.21
N TYR C 228 5.05 -29.86 25.75
CA TYR C 228 5.81 -29.03 26.68
C TYR C 228 5.33 -27.59 26.59
N TYR C 229 5.10 -27.00 27.77
CA TYR C 229 4.60 -25.64 27.86
C TYR C 229 5.52 -24.78 28.73
N TRP C 230 5.44 -23.47 28.53
CA TRP C 230 6.26 -22.52 29.28
C TRP C 230 5.47 -21.26 29.55
N THR C 231 5.92 -20.49 30.54
CA THR C 231 5.39 -19.15 30.73
C THR C 231 6.40 -18.30 31.50
N LEU C 232 6.36 -16.98 31.26
CA LEU C 232 7.22 -16.05 31.96
C LEU C 232 6.48 -15.46 33.16
N LEU C 233 6.91 -15.87 34.36
CA LEU C 233 6.31 -15.41 35.60
C LEU C 233 6.92 -14.08 36.02
N LYS C 234 6.10 -13.04 35.99
CA LYS C 234 6.53 -11.68 36.31
C LYS C 234 7.00 -11.57 37.76
N PRO C 235 7.88 -10.60 38.05
CA PRO C 235 8.37 -10.40 39.42
C PRO C 235 7.24 -10.16 40.42
N GLY C 236 7.26 -10.88 41.53
CA GLY C 236 6.26 -10.72 42.57
C GLY C 236 5.02 -11.56 42.38
N ASP C 237 4.83 -12.10 41.18
CA ASP C 237 3.64 -12.87 40.84
C ASP C 237 3.76 -14.32 41.29
N THR C 238 2.63 -15.01 41.34
CA THR C 238 2.57 -16.39 41.81
C THR C 238 2.06 -17.33 40.71
N ILE C 239 2.71 -18.47 40.53
CA ILE C 239 2.18 -19.50 39.64
C ILE C 239 1.60 -20.65 40.46
N ILE C 240 0.43 -21.14 40.05
CA ILE C 240 -0.23 -22.26 40.72
C ILE C 240 -0.45 -23.43 39.79
N PHE C 241 0.10 -24.58 40.20
CA PHE C 241 -0.14 -25.86 39.54
C PHE C 241 -1.15 -26.67 40.34
N GLU C 242 -2.15 -27.20 39.65
CA GLU C 242 -3.19 -28.01 40.28
C GLU C 242 -3.61 -29.13 39.35
N ALA C 243 -3.19 -30.36 39.64
CA ALA C 243 -3.47 -31.46 38.73
C ALA C 243 -3.83 -32.75 39.45
N ASN C 244 -4.55 -33.64 38.76
CA ASN C 244 -4.84 -34.96 39.28
C ASN C 244 -4.32 -36.04 38.35
N GLY C 245 -3.28 -35.71 37.59
CA GLY C 245 -2.65 -36.66 36.69
C GLY C 245 -2.01 -36.01 35.49
N ASN C 246 -1.17 -36.77 34.80
CA ASN C 246 -0.61 -36.38 33.51
C ASN C 246 0.30 -35.14 33.54
N LEU C 247 0.58 -34.62 34.72
CA LEU C 247 1.45 -33.46 34.84
C LEU C 247 2.93 -33.86 34.93
N ILE C 248 3.72 -33.30 34.03
CA ILE C 248 5.17 -33.39 34.15
C ILE C 248 5.66 -32.12 34.84
N ALA C 249 5.78 -32.19 36.17
CA ALA C 249 5.98 -31.00 37.00
C ALA C 249 7.31 -30.32 36.76
N PRO C 250 7.37 -29.00 37.01
CA PRO C 250 8.64 -28.27 37.02
C PRO C 250 9.47 -28.62 38.25
N MET C 251 10.78 -28.80 38.07
CA MET C 251 11.66 -29.00 39.22
C MET C 251 12.65 -27.85 39.29
N TYR C 252 13.25 -27.51 38.15
CA TYR C 252 14.12 -26.35 38.06
C TYR C 252 13.51 -25.31 37.13
N ALA C 253 13.78 -24.04 37.42
CA ALA C 253 13.29 -22.93 36.60
C ALA C 253 14.41 -21.94 36.36
N PHE C 254 14.15 -20.92 35.54
CA PHE C 254 15.19 -19.97 35.17
C PHE C 254 14.83 -18.53 35.49
N ALA C 255 15.69 -17.86 36.25
CA ALA C 255 15.56 -16.42 36.46
C ALA C 255 16.30 -15.69 35.34
N LEU C 256 15.58 -14.86 34.60
CA LEU C 256 16.15 -14.25 33.40
C LEU C 256 16.43 -12.76 33.55
N SER C 257 17.50 -12.30 32.93
CA SER C 257 17.80 -10.88 32.90
C SER C 257 17.83 -10.46 31.44
N ARG C 258 17.29 -9.30 31.14
CA ARG C 258 17.24 -8.81 29.78
C ARG C 258 18.44 -7.97 29.38
N GLY C 259 18.76 -8.01 28.10
CA GLY C 259 19.90 -7.27 27.58
C GLY C 259 19.61 -6.71 26.19
N PHE C 260 20.66 -6.24 25.52
CA PHE C 260 20.51 -5.66 24.19
C PHE C 260 21.53 -6.24 23.21
N GLY C 261 21.14 -6.29 21.93
CA GLY C 261 22.05 -6.70 20.88
C GLY C 261 22.49 -8.15 20.92
N SER C 262 21.70 -9.00 21.56
CA SER C 262 21.99 -10.42 21.61
C SER C 262 21.22 -11.16 20.51
N GLY C 263 21.42 -12.46 20.44
CA GLY C 263 20.74 -13.26 19.42
C GLY C 263 21.18 -14.71 19.44
N ILE C 264 20.55 -15.52 18.59
CA ILE C 264 20.89 -16.93 18.47
C ILE C 264 21.43 -17.19 17.08
N ILE C 265 22.60 -17.82 17.00
CA ILE C 265 23.20 -18.13 15.72
C ILE C 265 23.57 -19.60 15.64
N THR C 266 23.64 -20.12 14.42
CA THR C 266 24.06 -21.49 14.20
C THR C 266 25.48 -21.49 13.66
N SER C 267 26.40 -22.14 14.37
CA SER C 267 27.80 -22.04 14.00
C SER C 267 28.60 -23.33 14.16
N ASN C 268 29.61 -23.42 13.31
CA ASN C 268 30.54 -24.52 13.22
C ASN C 268 31.77 -24.26 14.06
N ALA C 269 32.08 -22.97 14.17
CA ALA C 269 33.35 -22.50 14.69
C ALA C 269 33.52 -22.81 16.16
N SER C 270 34.78 -22.72 16.61
CA SER C 270 35.11 -23.01 18.00
C SER C 270 35.40 -21.72 18.75
N MET C 271 35.15 -21.74 20.04
CA MET C 271 35.47 -20.61 20.91
C MET C 271 36.97 -20.44 21.04
N HIS C 272 37.46 -19.22 20.85
CA HIS C 272 38.86 -18.91 21.09
C HIS C 272 39.01 -17.78 22.10
N GLU C 273 40.21 -17.64 22.63
CA GLU C 273 40.51 -16.56 23.56
C GLU C 273 40.76 -15.27 22.80
N CYS C 274 39.69 -14.70 22.24
CA CYS C 274 39.81 -13.45 21.48
C CYS C 274 38.59 -12.58 21.72
N ASN C 275 38.70 -11.30 21.34
CA ASN C 275 37.60 -10.37 21.54
C ASN C 275 37.32 -9.57 20.28
N THR C 276 36.04 -9.32 20.02
CA THR C 276 35.63 -8.57 18.84
C THR C 276 34.40 -7.72 19.14
N LYS C 277 34.09 -6.83 18.20
CA LYS C 277 32.92 -5.98 18.32
C LYS C 277 31.88 -6.36 17.27
N CYS C 278 32.23 -7.36 16.46
CA CYS C 278 31.33 -7.88 15.44
C CYS C 278 31.55 -9.39 15.23
N GLN C 279 30.48 -10.17 15.35
CA GLN C 279 30.58 -11.61 15.23
C GLN C 279 29.63 -12.18 14.18
N THR C 280 30.14 -13.08 13.34
CA THR C 280 29.34 -13.78 12.35
C THR C 280 29.46 -15.28 12.57
N PRO C 281 28.51 -16.07 12.03
CA PRO C 281 28.59 -17.53 12.18
C PRO C 281 29.87 -18.14 11.57
N LEU C 282 30.56 -17.37 10.74
CA LEU C 282 31.77 -17.86 10.09
C LEU C 282 33.02 -17.44 10.85
N GLY C 283 32.92 -16.35 11.61
CA GLY C 283 34.04 -15.84 12.36
C GLY C 283 33.86 -14.37 12.70
N ALA C 284 34.84 -13.79 13.40
CA ALA C 284 34.73 -12.40 13.83
C ALA C 284 35.24 -11.44 12.77
N ILE C 285 34.62 -10.27 12.71
CA ILE C 285 35.06 -9.21 11.80
C ILE C 285 35.67 -8.07 12.60
N ASN C 286 36.88 -7.68 12.24
CA ASN C 286 37.53 -6.51 12.83
C ASN C 286 37.76 -5.45 11.78
N SER C 287 36.82 -4.51 11.67
CA SER C 287 36.83 -3.56 10.56
C SER C 287 36.06 -2.28 10.86
N SER C 288 36.46 -1.21 10.17
CA SER C 288 35.78 0.06 10.26
C SER C 288 35.13 0.39 8.91
N LEU C 289 35.19 -0.56 7.99
CA LEU C 289 34.61 -0.40 6.66
C LEU C 289 33.09 -0.46 6.72
N PRO C 290 32.43 0.26 5.80
CA PRO C 290 30.96 0.32 5.80
C PRO C 290 30.26 -0.93 5.26
N TYR C 291 30.95 -1.74 4.48
CA TYR C 291 30.32 -2.90 3.84
C TYR C 291 31.06 -4.20 4.08
N GLN C 292 30.34 -5.31 4.00
CA GLN C 292 30.92 -6.63 4.14
C GLN C 292 30.13 -7.67 3.34
N ASN C 293 30.82 -8.68 2.82
CA ASN C 293 30.19 -9.74 2.06
C ASN C 293 30.42 -11.11 2.70
N ILE C 294 30.76 -11.08 3.98
CA ILE C 294 31.06 -12.30 4.71
C ILE C 294 29.79 -13.07 5.07
N HIS C 295 28.82 -12.39 5.68
CA HIS C 295 27.59 -13.05 6.10
C HIS C 295 26.49 -12.05 6.46
N PRO C 296 25.24 -12.37 6.12
CA PRO C 296 24.09 -11.54 6.51
C PRO C 296 23.78 -11.57 8.01
N VAL C 297 24.16 -12.64 8.70
CA VAL C 297 23.88 -12.79 10.12
C VAL C 297 25.00 -12.20 10.97
N THR C 298 24.66 -11.20 11.77
CA THR C 298 25.65 -10.46 12.54
C THR C 298 25.22 -10.22 13.99
N ILE C 299 26.20 -10.20 14.89
CA ILE C 299 25.96 -9.78 16.27
C ILE C 299 26.94 -8.67 16.63
N GLY C 300 26.43 -7.58 17.18
CA GLY C 300 27.26 -6.46 17.59
C GLY C 300 27.19 -5.29 16.64
N GLU C 301 28.27 -4.52 16.56
CA GLU C 301 28.34 -3.37 15.66
C GLU C 301 29.10 -3.74 14.39
N CYS C 302 28.36 -3.98 13.32
CA CYS C 302 28.92 -4.57 12.11
C CYS C 302 28.68 -3.69 10.87
N PRO C 303 29.46 -3.95 9.79
CA PRO C 303 29.18 -3.32 8.50
C PRO C 303 27.93 -3.91 7.84
N LYS C 304 27.29 -3.14 6.96
CA LYS C 304 26.12 -3.63 6.23
C LYS C 304 26.51 -4.72 5.24
N TYR C 305 25.79 -5.83 5.29
CA TYR C 305 26.05 -6.94 4.38
C TYR C 305 25.54 -6.65 2.98
N VAL C 306 26.38 -6.93 1.99
CA VAL C 306 26.00 -6.75 0.58
C VAL C 306 26.43 -7.96 -0.23
N ARG C 307 25.87 -8.11 -1.43
CA ARG C 307 26.19 -9.24 -2.29
C ARG C 307 27.42 -8.97 -3.16
N SER C 308 27.89 -7.72 -3.15
CA SER C 308 28.99 -7.32 -4.02
C SER C 308 30.25 -8.12 -3.77
N ALA C 309 31.10 -8.21 -4.79
CA ALA C 309 32.38 -8.89 -4.68
C ALA C 309 33.49 -7.85 -4.63
N LYS C 310 33.15 -6.62 -4.98
CA LYS C 310 34.12 -5.54 -5.05
C LYS C 310 33.45 -4.18 -4.91
N LEU C 311 33.91 -3.39 -3.94
CA LEU C 311 33.48 -2.01 -3.80
C LEU C 311 34.69 -1.13 -3.56
N ARG C 312 35.41 -0.82 -4.63
CA ARG C 312 36.63 -0.02 -4.52
C ARG C 312 36.40 1.39 -5.03
N MET C 313 36.68 2.37 -4.17
CA MET C 313 36.47 3.77 -4.47
C MET C 313 37.80 4.44 -4.82
N VAL C 314 37.85 5.14 -5.95
CA VAL C 314 39.08 5.77 -6.39
C VAL C 314 39.30 7.11 -5.68
N THR C 315 40.52 7.32 -5.21
CA THR C 315 40.90 8.59 -4.59
C THR C 315 41.96 9.29 -5.42
N GLY C 316 42.86 8.52 -6.03
CA GLY C 316 43.91 9.09 -6.84
C GLY C 316 43.47 9.37 -8.27
N LEU C 317 44.43 9.53 -9.16
CA LEU C 317 44.14 9.82 -10.56
C LEU C 317 44.22 8.56 -11.40
N ARG C 318 43.82 8.67 -12.67
CA ARG C 318 44.07 7.62 -13.63
C ARG C 318 45.58 7.45 -13.80
N ASN C 319 46.08 6.28 -13.41
CA ASN C 319 47.52 6.05 -13.39
C ASN C 319 48.08 5.69 -14.76
N ILE C 320 48.88 6.61 -15.31
CA ILE C 320 49.48 6.40 -16.63
C ILE C 320 50.99 6.58 -16.58
N PRO C 321 51.73 5.47 -16.50
CA PRO C 321 53.20 5.45 -16.41
C PRO C 321 53.89 5.77 -17.73
N SER C 322 53.10 6.01 -18.78
CA SER C 322 53.64 6.28 -20.12
C SER C 322 54.62 7.44 -20.12
N GLY D 1 39.35 12.05 -21.41
CA GLY D 1 38.81 12.64 -20.21
C GLY D 1 37.64 13.57 -20.51
N LEU D 2 37.10 14.21 -19.49
CA LEU D 2 35.97 15.12 -19.67
C LEU D 2 36.47 16.52 -19.98
N PHE D 3 37.57 16.92 -19.36
CA PHE D 3 38.15 18.24 -19.57
C PHE D 3 39.31 18.17 -20.55
N GLY D 4 39.52 16.99 -21.12
CA GLY D 4 40.51 16.79 -22.15
C GLY D 4 41.95 16.87 -21.68
N ALA D 5 42.16 16.98 -20.38
CA ALA D 5 43.51 17.11 -19.83
C ALA D 5 44.20 15.76 -19.67
N ILE D 6 43.87 15.05 -18.59
CA ILE D 6 44.46 13.75 -18.31
C ILE D 6 44.11 12.76 -19.41
N ALA D 7 45.12 12.07 -19.93
CA ALA D 7 44.97 11.16 -21.07
C ALA D 7 44.36 11.88 -22.27
N GLY D 8 44.60 13.19 -22.33
CA GLY D 8 44.13 14.02 -23.43
C GLY D 8 45.30 14.71 -24.09
N PHE D 9 45.39 16.03 -23.95
CA PHE D 9 46.54 16.75 -24.50
C PHE D 9 47.75 16.61 -23.58
N ILE D 10 47.56 15.95 -22.45
CA ILE D 10 48.68 15.49 -21.61
C ILE D 10 48.57 13.98 -21.46
N GLU D 11 49.09 13.27 -22.46
CA GLU D 11 48.85 11.82 -22.60
C GLU D 11 49.28 10.96 -21.42
N GLY D 12 50.36 11.35 -20.75
CA GLY D 12 50.91 10.53 -19.69
C GLY D 12 51.23 11.24 -18.39
N GLY D 13 51.52 10.46 -17.37
CA GLY D 13 51.85 11.00 -16.06
C GLY D 13 53.32 10.87 -15.72
N TRP D 14 53.74 11.57 -14.67
CA TRP D 14 55.15 11.59 -14.30
C TRP D 14 55.41 10.76 -13.04
N THR D 15 55.99 9.58 -13.23
CA THR D 15 56.38 8.74 -12.11
C THR D 15 57.53 9.38 -11.34
N GLY D 16 58.18 10.36 -11.96
CA GLY D 16 59.28 11.07 -11.33
C GLY D 16 58.82 12.00 -10.23
N MET D 17 57.58 12.47 -10.33
CA MET D 17 56.99 13.29 -9.28
C MET D 17 56.29 12.40 -8.26
N ILE D 18 56.88 12.29 -7.08
CA ILE D 18 56.38 11.38 -6.05
C ILE D 18 55.97 12.09 -4.77
N ASP D 19 55.82 13.41 -4.85
CA ASP D 19 55.44 14.19 -3.68
C ASP D 19 54.18 15.02 -3.91
N GLY D 20 53.39 14.65 -4.91
CA GLY D 20 52.17 15.37 -5.20
C GLY D 20 51.31 14.75 -6.28
N TRP D 21 50.07 15.23 -6.39
CA TRP D 21 49.15 14.76 -7.41
C TRP D 21 49.29 15.57 -8.69
N TYR D 22 49.34 16.90 -8.54
CA TYR D 22 49.61 17.78 -9.66
C TYR D 22 50.94 18.48 -9.39
N GLY D 23 51.57 19.03 -10.43
CA GLY D 23 52.83 19.72 -10.24
C GLY D 23 53.51 20.24 -11.49
N TYR D 24 54.82 20.45 -11.38
CA TYR D 24 55.60 21.07 -12.44
C TYR D 24 56.90 20.33 -12.73
N HIS D 25 57.41 20.51 -13.94
CA HIS D 25 58.74 20.07 -14.32
C HIS D 25 59.47 21.22 -15.01
N HIS D 26 60.44 21.82 -14.33
CA HIS D 26 61.16 22.96 -14.89
C HIS D 26 62.48 22.54 -15.53
N GLN D 27 62.85 23.26 -16.59
CA GLN D 27 64.08 23.00 -17.34
C GLN D 27 64.77 24.31 -17.72
N ASN D 28 65.88 24.62 -17.07
CA ASN D 28 66.63 25.82 -17.39
C ASN D 28 68.15 25.65 -17.28
N GLU D 29 68.86 26.77 -17.39
CA GLU D 29 70.33 26.79 -17.37
C GLU D 29 70.92 26.19 -16.10
N GLN D 30 70.21 26.32 -14.99
CA GLN D 30 70.69 25.78 -13.72
C GLN D 30 70.38 24.30 -13.57
N GLY D 31 69.53 23.77 -14.45
CA GLY D 31 69.20 22.36 -14.40
C GLY D 31 67.71 22.08 -14.58
N SER D 32 67.30 20.85 -14.28
CA SER D 32 65.90 20.46 -14.45
C SER D 32 65.38 19.69 -13.24
N GLY D 33 64.06 19.70 -13.03
CA GLY D 33 63.49 18.97 -11.92
C GLY D 33 61.98 19.06 -11.73
N TYR D 34 61.45 18.17 -10.90
CA TYR D 34 60.02 18.14 -10.60
C TYR D 34 59.71 18.83 -9.27
N ALA D 35 58.49 19.39 -9.18
CA ALA D 35 58.05 20.05 -7.94
C ALA D 35 56.53 20.20 -7.94
N ALA D 36 55.88 19.60 -6.93
CA ALA D 36 54.42 19.57 -6.88
C ALA D 36 53.80 20.91 -6.44
N ASP D 37 52.61 21.19 -6.95
CA ASP D 37 51.83 22.35 -6.52
C ASP D 37 51.02 21.99 -5.28
N GLN D 38 51.50 22.44 -4.12
CA GLN D 38 50.94 22.03 -2.83
C GLN D 38 49.52 22.55 -2.55
N LYS D 39 49.18 23.70 -3.12
CA LYS D 39 47.89 24.33 -2.85
C LYS D 39 46.72 23.49 -3.38
N SER D 40 46.66 23.33 -4.70
CA SER D 40 45.60 22.58 -5.34
C SER D 40 45.61 21.12 -4.91
N THR D 41 46.80 20.61 -4.58
CA THR D 41 46.93 19.24 -4.11
C THR D 41 46.29 19.08 -2.74
N GLN D 42 46.58 20.01 -1.84
CA GLN D 42 45.96 20.00 -0.52
C GLN D 42 44.44 20.13 -0.65
N ASN D 43 44.00 21.00 -1.56
CA ASN D 43 42.57 21.15 -1.83
C ASN D 43 41.92 19.85 -2.26
N ALA D 44 42.51 19.18 -3.25
CA ALA D 44 41.99 17.91 -3.75
C ALA D 44 41.95 16.84 -2.67
N ILE D 45 43.05 16.75 -1.91
CA ILE D 45 43.14 15.82 -0.78
C ILE D 45 41.99 16.06 0.20
N ASN D 46 41.76 17.32 0.56
CA ASN D 46 40.70 17.65 1.50
C ASN D 46 39.32 17.27 0.96
N GLY D 47 39.05 17.67 -0.28
CA GLY D 47 37.78 17.37 -0.92
C GLY D 47 37.47 15.88 -0.96
N ILE D 48 38.42 15.10 -1.46
CA ILE D 48 38.23 13.66 -1.60
C ILE D 48 38.14 12.96 -0.23
N THR D 49 38.94 13.43 0.72
CA THR D 49 38.85 12.95 2.10
C THR D 49 37.44 13.13 2.63
N ASN D 50 36.89 14.33 2.44
CA ASN D 50 35.52 14.58 2.89
C ASN D 50 34.50 13.74 2.14
N LYS D 51 34.79 13.43 0.87
CA LYS D 51 33.91 12.57 0.10
C LYS D 51 33.84 11.16 0.67
N VAL D 52 35.01 10.54 0.84
CA VAL D 52 35.10 9.21 1.42
C VAL D 52 34.49 9.15 2.81
N ASN D 53 34.83 10.16 3.63
CA ASN D 53 34.27 10.24 4.98
C ASN D 53 32.76 10.35 4.95
N THR D 54 32.19 10.97 3.95
CA THR D 54 30.77 11.06 3.94
C THR D 54 30.14 9.74 3.58
N VAL D 55 30.68 9.10 2.57
CA VAL D 55 30.16 7.82 2.14
C VAL D 55 30.22 6.86 3.28
N ILE D 56 31.28 6.92 4.04
CA ILE D 56 31.37 6.01 5.19
C ILE D 56 30.36 6.38 6.27
N GLU D 57 30.23 7.67 6.55
CA GLU D 57 29.32 8.14 7.59
C GLU D 57 27.85 7.91 7.25
N LYS D 58 27.51 7.98 5.96
CA LYS D 58 26.13 7.79 5.53
C LYS D 58 25.63 6.37 5.82
N MET D 59 26.57 5.42 5.92
CA MET D 59 26.23 4.07 6.31
C MET D 59 26.19 3.94 7.82
N ASN D 60 24.99 3.85 8.37
CA ASN D 60 24.83 3.64 9.81
C ASN D 60 25.42 2.31 10.24
N ILE D 61 25.78 2.21 11.51
CA ILE D 61 26.29 0.96 12.05
C ILE D 61 25.19 -0.09 12.00
N GLN D 62 25.45 -1.19 11.31
CA GLN D 62 24.49 -2.28 11.27
C GLN D 62 24.56 -3.09 12.56
N PHE D 63 23.59 -2.89 13.43
CA PHE D 63 23.56 -3.59 14.72
C PHE D 63 23.08 -5.02 14.56
N THR D 64 22.83 -5.69 15.68
CA THR D 64 22.47 -7.10 15.68
C THR D 64 21.21 -7.40 14.88
N ALA D 65 21.34 -8.32 13.93
CA ALA D 65 20.21 -8.75 13.11
C ALA D 65 20.31 -10.24 12.81
N VAL D 66 19.51 -11.05 13.49
CA VAL D 66 19.52 -12.49 13.32
C VAL D 66 18.25 -13.00 12.66
N GLY D 67 18.32 -14.20 12.10
CA GLY D 67 17.15 -14.84 11.52
C GLY D 67 16.22 -15.36 12.60
N LYS D 68 14.96 -15.56 12.24
CA LYS D 68 13.99 -16.12 13.17
C LYS D 68 13.63 -17.54 12.74
N GLU D 69 12.88 -18.24 13.58
CA GLU D 69 12.41 -19.57 13.23
C GLU D 69 10.90 -19.62 13.20
N PHE D 70 10.36 -20.54 12.41
CA PHE D 70 8.92 -20.67 12.20
C PHE D 70 8.54 -22.14 12.10
N ASN D 71 7.36 -22.50 12.61
CA ASN D 71 6.92 -23.89 12.52
C ASN D 71 6.27 -24.17 11.16
N LYS D 72 5.75 -25.38 10.99
CA LYS D 72 5.25 -25.82 9.69
C LYS D 72 3.94 -25.16 9.29
N LEU D 73 3.28 -24.50 10.23
CA LEU D 73 2.03 -23.80 9.94
C LEU D 73 2.21 -22.29 9.92
N GLU D 74 3.44 -21.83 9.81
CA GLU D 74 3.73 -20.39 9.74
C GLU D 74 4.56 -20.07 8.50
N LYS D 75 4.29 -20.79 7.41
CA LYS D 75 5.03 -20.64 6.17
C LYS D 75 4.89 -19.25 5.54
N ARG D 76 3.70 -18.66 5.65
CA ARG D 76 3.47 -17.32 5.12
C ARG D 76 4.34 -16.28 5.82
N MET D 77 4.39 -16.33 7.15
CA MET D 77 5.18 -15.39 7.92
C MET D 77 6.68 -15.58 7.64
N GLU D 78 7.08 -16.84 7.51
CA GLU D 78 8.46 -17.18 7.16
C GLU D 78 8.85 -16.59 5.81
N ASN D 79 8.00 -16.82 4.82
CA ASN D 79 8.20 -16.30 3.47
C ASN D 79 8.22 -14.78 3.46
N LEU D 80 7.39 -14.16 4.29
CA LEU D 80 7.35 -12.70 4.40
C LEU D 80 8.65 -12.16 4.97
N ASN D 81 9.13 -12.78 6.04
CA ASN D 81 10.40 -12.41 6.65
C ASN D 81 11.53 -12.50 5.60
N LYS D 82 11.51 -13.60 4.86
CA LYS D 82 12.48 -13.81 3.79
C LYS D 82 12.40 -12.71 2.73
N LYS D 83 11.19 -12.36 2.34
CA LYS D 83 10.96 -11.31 1.34
C LYS D 83 11.50 -9.96 1.81
N VAL D 84 11.30 -9.67 3.09
CA VAL D 84 11.81 -8.43 3.69
C VAL D 84 13.33 -8.40 3.64
N ASP D 85 13.96 -9.44 4.20
CA ASP D 85 15.42 -9.52 4.22
C ASP D 85 16.02 -9.40 2.81
N ASP D 86 15.52 -10.22 1.89
CA ASP D 86 16.02 -10.22 0.52
C ASP D 86 15.82 -8.86 -0.16
N GLY D 87 14.67 -8.25 0.06
CA GLY D 87 14.39 -6.94 -0.53
C GLY D 87 15.39 -5.90 -0.05
N PHE D 88 15.53 -5.80 1.27
CA PHE D 88 16.49 -4.85 1.84
C PHE D 88 17.91 -5.11 1.30
N LEU D 89 18.27 -6.38 1.19
CA LEU D 89 19.58 -6.75 0.66
C LEU D 89 19.78 -6.24 -0.77
N ASP D 90 18.81 -6.54 -1.64
CA ASP D 90 18.82 -6.04 -3.02
C ASP D 90 19.05 -4.54 -3.05
N ILE D 91 18.20 -3.82 -2.34
CA ILE D 91 18.26 -2.36 -2.30
C ILE D 91 19.65 -1.87 -1.89
N TRP D 92 20.18 -2.42 -0.80
CA TRP D 92 21.47 -1.94 -0.30
C TRP D 92 22.66 -2.27 -1.20
N THR D 93 22.66 -3.46 -1.80
CA THR D 93 23.70 -3.80 -2.77
C THR D 93 23.67 -2.81 -3.95
N TYR D 94 22.46 -2.63 -4.48
CA TYR D 94 22.21 -1.66 -5.54
C TYR D 94 22.80 -0.29 -5.20
N ASN D 95 22.39 0.24 -4.04
CA ASN D 95 22.83 1.55 -3.58
C ASN D 95 24.35 1.64 -3.47
N ALA D 96 24.97 0.64 -2.85
CA ALA D 96 26.42 0.62 -2.67
C ALA D 96 27.14 0.69 -4.01
N GLU D 97 26.84 -0.27 -4.88
CA GLU D 97 27.51 -0.35 -6.19
C GLU D 97 27.33 0.94 -6.99
N LEU D 98 26.08 1.39 -7.12
CA LEU D 98 25.79 2.61 -7.87
C LEU D 98 26.55 3.81 -7.33
N LEU D 99 26.45 4.03 -6.02
CA LEU D 99 27.14 5.13 -5.36
C LEU D 99 28.62 5.12 -5.67
N VAL D 100 29.24 3.96 -5.52
CA VAL D 100 30.68 3.83 -5.79
C VAL D 100 31.00 4.19 -7.25
N LEU D 101 30.20 3.68 -8.19
CA LEU D 101 30.39 4.03 -9.61
C LEU D 101 30.35 5.55 -9.86
N LEU D 102 29.22 6.16 -9.50
CA LEU D 102 29.03 7.60 -9.70
C LEU D 102 30.16 8.41 -9.09
N GLU D 103 30.47 8.12 -7.83
CA GLU D 103 31.52 8.86 -7.14
C GLU D 103 32.89 8.68 -7.78
N ASN D 104 33.16 7.48 -8.30
CA ASN D 104 34.42 7.25 -9.00
C ASN D 104 34.52 8.12 -10.25
N GLU D 105 33.47 8.08 -11.07
CA GLU D 105 33.41 8.93 -12.26
C GLU D 105 33.66 10.40 -11.90
N ARG D 106 32.86 10.91 -10.96
CA ARG D 106 32.97 12.30 -10.52
C ARG D 106 34.37 12.64 -10.02
N THR D 107 35.03 11.66 -9.39
CA THR D 107 36.38 11.87 -8.87
C THR D 107 37.37 12.04 -10.01
N LEU D 108 37.34 11.10 -10.96
CA LEU D 108 38.22 11.18 -12.13
C LEU D 108 38.06 12.53 -12.82
N ASP D 109 36.82 12.89 -13.11
CA ASP D 109 36.55 14.16 -13.77
C ASP D 109 37.01 15.35 -12.94
N PHE D 110 36.94 15.19 -11.62
CA PHE D 110 37.43 16.23 -10.70
C PHE D 110 38.94 16.44 -10.84
N HIS D 111 39.69 15.35 -10.89
CA HIS D 111 41.13 15.45 -11.10
C HIS D 111 41.46 16.10 -12.45
N ASP D 112 40.78 15.64 -13.49
CA ASP D 112 40.92 16.25 -14.81
C ASP D 112 40.75 17.77 -14.72
N SER D 113 39.66 18.16 -14.06
CA SER D 113 39.32 19.56 -13.83
C SER D 113 40.46 20.30 -13.15
N ASN D 114 41.00 19.73 -12.08
CA ASN D 114 42.07 20.38 -11.34
C ASN D 114 43.32 20.60 -12.19
N VAL D 115 43.72 19.57 -12.93
CA VAL D 115 44.88 19.69 -13.82
C VAL D 115 44.67 20.80 -14.85
N LYS D 116 43.55 20.75 -15.57
CA LYS D 116 43.28 21.78 -16.57
C LYS D 116 43.25 23.17 -15.95
N ASN D 117 42.67 23.29 -14.76
CA ASN D 117 42.62 24.57 -14.06
C ASN D 117 44.00 25.12 -13.73
N LEU D 118 44.89 24.24 -13.27
CA LEU D 118 46.27 24.63 -13.00
C LEU D 118 46.93 25.14 -14.28
N TYR D 119 46.78 24.36 -15.35
CA TYR D 119 47.31 24.74 -16.65
C TYR D 119 46.83 26.13 -17.11
N GLU D 120 45.52 26.36 -16.97
CA GLU D 120 44.93 27.64 -17.36
C GLU D 120 45.45 28.78 -16.51
N LYS D 121 45.65 28.51 -15.22
CA LYS D 121 46.18 29.54 -14.32
C LYS D 121 47.59 29.94 -14.73
N VAL D 122 48.43 28.95 -14.97
CA VAL D 122 49.79 29.23 -15.45
C VAL D 122 49.79 29.98 -16.77
N LYS D 123 48.99 29.50 -17.73
CA LYS D 123 48.88 30.17 -19.03
C LYS D 123 48.47 31.64 -18.91
N SER D 124 47.48 31.90 -18.07
CA SER D 124 47.01 33.26 -17.85
C SER D 124 48.06 34.09 -17.13
N GLN D 125 48.91 33.43 -16.35
CA GLN D 125 50.02 34.13 -15.72
C GLN D 125 51.09 34.55 -16.74
N LEU D 126 51.43 33.66 -17.65
CA LEU D 126 52.53 33.91 -18.60
C LEU D 126 52.14 34.80 -19.77
N LYS D 127 50.91 34.64 -20.27
CA LYS D 127 50.42 35.41 -21.42
C LYS D 127 51.32 35.21 -22.64
N ASN D 128 51.69 36.31 -23.30
CA ASN D 128 52.49 36.22 -24.52
C ASN D 128 54.00 36.26 -24.30
N ASN D 129 54.42 36.07 -23.04
CA ASN D 129 55.84 36.03 -22.72
C ASN D 129 56.44 34.64 -22.90
N ALA D 130 55.62 33.72 -23.41
CA ALA D 130 56.06 32.36 -23.73
C ALA D 130 55.13 31.76 -24.78
N LYS D 131 55.51 30.62 -25.34
CA LYS D 131 54.66 29.99 -26.35
C LYS D 131 54.32 28.54 -26.01
N GLU D 132 53.09 28.16 -26.33
CA GLU D 132 52.58 26.82 -26.06
C GLU D 132 53.04 25.81 -27.11
N ILE D 133 53.94 24.92 -26.72
CA ILE D 133 54.49 23.94 -27.66
C ILE D 133 53.74 22.61 -27.59
N GLY D 134 52.57 22.62 -26.97
CA GLY D 134 51.76 21.42 -26.85
C GLY D 134 52.20 20.54 -25.70
N ASN D 135 51.43 19.48 -25.44
CA ASN D 135 51.70 18.52 -24.37
C ASN D 135 51.75 19.19 -22.99
N GLY D 136 51.10 20.34 -22.87
CA GLY D 136 51.04 21.05 -21.61
C GLY D 136 52.34 21.71 -21.18
N CYS D 137 53.22 21.99 -22.14
CA CYS D 137 54.50 22.62 -21.84
C CYS D 137 54.59 24.02 -22.46
N PHE D 138 55.29 24.91 -21.77
CA PHE D 138 55.51 26.26 -22.28
C PHE D 138 57.00 26.48 -22.54
N GLU D 139 57.31 27.15 -23.65
CA GLU D 139 58.69 27.52 -23.92
C GLU D 139 58.86 29.03 -23.74
N PHE D 140 59.83 29.41 -22.91
CA PHE D 140 60.06 30.81 -22.60
C PHE D 140 60.71 31.59 -23.75
N TYR D 141 60.36 32.86 -23.85
CA TYR D 141 61.02 33.77 -24.78
C TYR D 141 62.15 34.50 -24.06
N HIS D 142 62.58 33.95 -22.92
CA HIS D 142 63.64 34.56 -22.13
C HIS D 142 64.27 33.58 -21.14
N LYS D 143 65.29 34.05 -20.42
CA LYS D 143 65.98 33.27 -19.41
C LYS D 143 65.18 33.21 -18.12
N CYS D 144 65.23 32.06 -17.44
CA CYS D 144 64.51 31.90 -16.18
C CYS D 144 65.25 30.97 -15.22
N ASP D 145 65.82 31.53 -14.15
CA ASP D 145 66.53 30.74 -13.16
C ASP D 145 65.55 30.07 -12.19
N ASN D 146 66.08 29.52 -11.10
CA ASN D 146 65.25 28.85 -10.11
C ASN D 146 64.33 29.81 -9.36
N GLU D 147 64.79 31.04 -9.18
CA GLU D 147 64.00 32.06 -8.49
C GLU D 147 62.79 32.46 -9.32
N CYS D 148 62.99 32.54 -10.64
CA CYS D 148 61.91 32.86 -11.55
C CYS D 148 60.86 31.76 -11.58
N MET D 149 61.32 30.52 -11.73
CA MET D 149 60.43 29.37 -11.71
C MET D 149 59.65 29.32 -10.40
N GLU D 150 60.33 29.58 -9.29
CA GLU D 150 59.68 29.62 -7.99
C GLU D 150 58.64 30.74 -7.92
N SER D 151 58.94 31.86 -8.57
CA SER D 151 58.00 32.98 -8.62
C SER D 151 56.75 32.59 -9.43
N VAL D 152 56.94 31.74 -10.44
CA VAL D 152 55.84 31.25 -11.25
C VAL D 152 54.97 30.24 -10.50
N ARG D 153 55.63 29.32 -9.80
CA ARG D 153 54.93 28.26 -9.07
C ARG D 153 53.92 28.79 -8.07
N ASN D 154 54.34 29.73 -7.24
CA ASN D 154 53.51 30.19 -6.15
C ASN D 154 52.63 31.40 -6.52
N GLY D 155 52.40 31.56 -7.81
CA GLY D 155 51.41 32.50 -8.33
C GLY D 155 51.72 33.99 -8.23
N THR D 156 52.98 34.35 -8.48
CA THR D 156 53.40 35.74 -8.40
C THR D 156 54.34 36.16 -9.53
N TYR D 157 54.05 35.71 -10.76
CA TYR D 157 54.88 36.06 -11.91
C TYR D 157 54.77 37.54 -12.28
N ASP D 158 55.88 38.11 -12.72
CA ASP D 158 55.95 39.52 -13.11
C ASP D 158 56.08 39.68 -14.62
N TYR D 159 54.98 40.04 -15.27
CA TYR D 159 54.93 40.19 -16.73
C TYR D 159 55.77 41.35 -17.29
N PRO D 160 55.65 42.58 -16.73
CA PRO D 160 56.45 43.67 -17.29
C PRO D 160 57.96 43.50 -17.14
N LYS D 161 58.37 42.63 -16.21
CA LYS D 161 59.79 42.40 -15.95
C LYS D 161 60.48 41.73 -17.13
N TYR D 162 59.75 40.90 -17.87
CA TYR D 162 60.33 40.15 -18.97
C TYR D 162 59.64 40.46 -20.29
N SER D 163 58.67 41.37 -20.23
CA SER D 163 57.90 41.75 -21.41
C SER D 163 58.79 42.25 -22.54
N GLU D 164 59.82 43.02 -22.19
CA GLU D 164 60.72 43.61 -23.19
C GLU D 164 61.58 42.57 -23.90
N GLU D 165 62.27 41.76 -23.11
CA GLU D 165 63.13 40.70 -23.64
C GLU D 165 62.33 39.69 -24.45
N SER D 166 61.17 39.30 -23.92
CA SER D 166 60.28 38.41 -24.64
C SER D 166 59.83 39.03 -25.96
N LYS D 167 59.48 40.31 -25.92
CA LYS D 167 59.09 41.05 -27.11
C LYS D 167 60.22 41.05 -28.14
N LEU D 168 61.45 41.08 -27.65
CA LEU D 168 62.62 41.03 -28.54
C LEU D 168 62.75 39.67 -29.21
N ASN D 169 62.82 38.62 -28.40
CA ASN D 169 63.02 37.28 -28.92
C ASN D 169 61.84 36.76 -29.74
N ARG D 170 60.68 37.39 -29.57
CA ARG D 170 59.48 37.01 -30.32
C ARG D 170 59.55 37.46 -31.78
N GLU D 171 60.00 38.69 -31.97
CA GLU D 171 60.14 39.32 -33.29
C GLU D 171 58.93 39.07 -34.20
N ASP E 1 39.53 28.62 -47.98
CA ASP E 1 39.35 27.23 -47.57
C ASP E 1 39.01 27.16 -46.09
N THR E 2 38.01 26.34 -45.75
CA THR E 2 37.50 26.25 -44.39
C THR E 2 37.25 24.81 -43.93
N ILE E 3 37.31 24.61 -42.61
CA ILE E 3 36.96 23.33 -42.01
C ILE E 3 36.15 23.59 -40.75
N CYS E 4 35.18 22.71 -40.48
CA CYS E 4 34.26 22.92 -39.37
C CYS E 4 34.08 21.65 -38.53
N ILE E 5 33.99 21.82 -37.21
CA ILE E 5 33.71 20.71 -36.32
C ILE E 5 32.26 20.80 -35.85
N GLY E 6 31.50 19.73 -36.07
CA GLY E 6 30.09 19.71 -35.71
C GLY E 6 29.63 18.34 -35.24
N TYR E 7 28.34 18.23 -34.95
CA TYR E 7 27.80 16.99 -34.39
C TYR E 7 26.57 16.49 -35.12
N HIS E 8 26.19 15.24 -34.83
CA HIS E 8 25.13 14.55 -35.54
C HIS E 8 23.75 15.17 -35.31
N ALA E 9 22.87 14.96 -36.29
CA ALA E 9 21.46 15.29 -36.15
C ALA E 9 20.64 14.41 -37.09
N ASN E 10 19.39 14.13 -36.72
CA ASN E 10 18.52 13.30 -37.54
C ASN E 10 17.04 13.55 -37.26
N ASN E 11 16.18 12.74 -37.87
CA ASN E 11 14.74 12.97 -37.76
C ASN E 11 14.13 12.37 -36.50
N SER E 12 14.98 11.97 -35.56
CA SER E 12 14.50 11.40 -34.30
C SER E 12 13.67 12.41 -33.52
N THR E 13 12.53 11.96 -33.03
CA THR E 13 11.68 12.79 -32.19
C THR E 13 11.61 12.24 -30.77
N ASP E 14 12.52 11.33 -30.46
CA ASP E 14 12.63 10.75 -29.12
C ASP E 14 12.85 11.83 -28.07
N THR E 15 12.11 11.73 -26.97
CA THR E 15 12.23 12.72 -25.90
C THR E 15 12.64 12.07 -24.58
N VAL E 16 13.53 12.74 -23.85
CA VAL E 16 13.98 12.25 -22.56
C VAL E 16 13.98 13.37 -21.52
N ASP E 17 13.84 13.00 -20.25
CA ASP E 17 13.85 13.99 -19.18
C ASP E 17 15.20 14.02 -18.48
N THR E 18 15.60 15.20 -18.06
CA THR E 18 16.80 15.34 -17.23
C THR E 18 16.41 16.01 -15.92
N VAL E 19 17.38 16.22 -15.05
CA VAL E 19 17.13 16.90 -13.79
C VAL E 19 16.88 18.40 -14.01
N LEU E 20 17.62 18.99 -14.95
CA LEU E 20 17.53 20.43 -15.21
C LEU E 20 16.43 20.78 -16.21
N GLU E 21 16.24 19.94 -17.21
CA GLU E 21 15.33 20.26 -18.30
C GLU E 21 14.46 19.06 -18.65
N LYS E 22 13.16 19.30 -18.78
CA LYS E 22 12.24 18.25 -19.17
C LYS E 22 12.08 18.21 -20.68
N ASN E 23 11.82 17.02 -21.20
CA ASN E 23 11.40 16.86 -22.59
C ASN E 23 12.41 17.35 -23.61
N VAL E 24 13.60 16.76 -23.58
CA VAL E 24 14.67 17.07 -24.51
C VAL E 24 14.66 16.08 -25.68
N THR E 25 14.58 16.62 -26.90
CA THR E 25 14.61 15.80 -28.10
C THR E 25 16.05 15.33 -28.36
N VAL E 26 16.21 14.05 -28.67
CA VAL E 26 17.54 13.47 -28.84
C VAL E 26 17.64 12.55 -30.05
N THR E 27 18.87 12.29 -30.49
CA THR E 27 19.12 11.53 -31.71
C THR E 27 18.99 10.02 -31.49
N HIS E 28 19.42 9.55 -30.33
CA HIS E 28 19.37 8.13 -30.00
C HIS E 28 19.01 7.91 -28.55
N SER E 29 18.16 6.92 -28.30
CA SER E 29 17.72 6.61 -26.93
C SER E 29 17.22 5.18 -26.84
N VAL E 30 17.31 4.60 -25.65
CA VAL E 30 16.78 3.26 -25.40
C VAL E 30 15.64 3.32 -24.38
N ASN E 31 14.64 2.47 -24.59
CA ASN E 31 13.54 2.35 -23.64
C ASN E 31 13.80 1.19 -22.69
N LEU E 32 13.78 1.49 -21.40
CA LEU E 32 14.08 0.51 -20.36
C LEU E 32 12.81 -0.04 -19.71
N LEU E 33 11.66 0.48 -20.13
CA LEU E 33 10.40 0.15 -19.49
C LEU E 33 9.48 -0.66 -20.40
N GLU E 34 9.29 -1.92 -20.07
CA GLU E 34 8.38 -2.78 -20.83
C GLU E 34 6.94 -2.50 -20.44
N ASP E 35 6.10 -2.27 -21.45
CA ASP E 35 4.71 -1.91 -21.21
C ASP E 35 3.74 -2.72 -22.08
N SER E 36 4.28 -3.75 -22.73
CA SER E 36 3.49 -4.55 -23.66
C SER E 36 3.41 -6.01 -23.25
N HIS E 37 2.20 -6.57 -23.29
CA HIS E 37 1.98 -7.98 -23.01
C HIS E 37 1.01 -8.58 -24.04
N ASN E 38 0.94 -9.91 -24.10
CA ASN E 38 0.19 -10.57 -25.17
C ASN E 38 -1.23 -11.00 -24.80
N GLY E 39 -1.66 -10.67 -23.58
CA GLY E 39 -3.00 -10.98 -23.14
C GLY E 39 -3.34 -12.46 -23.10
N LYS E 40 -2.32 -13.29 -22.99
CA LYS E 40 -2.52 -14.74 -23.02
C LYS E 40 -1.92 -15.43 -21.79
N LEU E 41 -2.63 -16.43 -21.28
CA LEU E 41 -2.03 -17.36 -20.31
C LEU E 41 -1.18 -18.35 -21.08
N CYS E 42 0.10 -18.44 -20.73
CA CYS E 42 1.03 -19.24 -21.52
C CYS E 42 1.74 -20.30 -20.69
N ARG E 43 2.37 -21.25 -21.39
CA ARG E 43 3.27 -22.20 -20.78
C ARG E 43 4.50 -21.48 -20.24
N LEU E 44 4.97 -21.88 -19.07
CA LEU E 44 6.16 -21.29 -18.50
C LEU E 44 7.30 -22.28 -18.57
N LYS E 45 8.30 -21.98 -19.40
CA LYS E 45 9.43 -22.86 -19.63
C LYS E 45 8.97 -24.26 -20.04
N GLY E 46 8.01 -24.31 -20.94
CA GLY E 46 7.54 -25.57 -21.50
C GLY E 46 6.48 -26.27 -20.67
N ILE E 47 6.19 -25.74 -19.49
CA ILE E 47 5.24 -26.36 -18.58
C ILE E 47 3.94 -25.57 -18.49
N ALA E 48 2.82 -26.22 -18.78
CA ALA E 48 1.51 -25.59 -18.75
C ALA E 48 1.04 -25.32 -17.32
N PRO E 49 0.23 -24.27 -17.14
CA PRO E 49 -0.31 -23.98 -15.80
C PRO E 49 -1.43 -24.93 -15.41
N LEU E 50 -1.79 -24.92 -14.14
CA LEU E 50 -2.91 -25.69 -13.65
C LEU E 50 -4.14 -24.80 -13.50
N GLN E 51 -5.07 -24.89 -14.45
CA GLN E 51 -6.27 -24.08 -14.41
C GLN E 51 -7.38 -24.81 -13.66
N LEU E 52 -7.99 -24.14 -12.69
CA LEU E 52 -9.01 -24.76 -11.85
C LEU E 52 -10.41 -24.49 -12.39
N GLY E 53 -10.51 -23.59 -13.37
CA GLY E 53 -11.79 -23.27 -13.98
C GLY E 53 -12.79 -22.69 -13.01
N LYS E 54 -13.95 -23.34 -12.91
CA LYS E 54 -15.03 -22.90 -12.04
C LYS E 54 -14.67 -23.03 -10.56
N CYS E 55 -13.66 -23.84 -10.27
CA CYS E 55 -13.25 -24.11 -8.89
C CYS E 55 -12.21 -23.13 -8.36
N ASN E 56 -12.18 -22.98 -7.05
CA ASN E 56 -11.03 -22.38 -6.37
C ASN E 56 -10.24 -23.51 -5.71
N ILE E 57 -9.17 -23.17 -5.00
CA ILE E 57 -8.31 -24.18 -4.36
C ILE E 57 -9.11 -25.15 -3.48
N ALA E 58 -10.00 -24.59 -2.65
CA ALA E 58 -10.80 -25.39 -1.72
C ALA E 58 -11.72 -26.35 -2.46
N GLY E 59 -12.46 -25.81 -3.43
CA GLY E 59 -13.37 -26.62 -4.23
C GLY E 59 -12.67 -27.73 -4.96
N TRP E 60 -11.42 -27.50 -5.34
CA TRP E 60 -10.61 -28.50 -6.02
C TRP E 60 -10.16 -29.59 -5.05
N LEU E 61 -9.57 -29.17 -3.94
CA LEU E 61 -9.01 -30.11 -2.97
C LEU E 61 -10.07 -30.99 -2.32
N LEU E 62 -11.19 -30.40 -1.94
CA LEU E 62 -12.27 -31.18 -1.34
C LEU E 62 -12.96 -32.05 -2.39
N GLY E 63 -12.88 -31.64 -3.64
CA GLY E 63 -13.51 -32.38 -4.73
C GLY E 63 -14.96 -32.00 -4.95
N ASN E 64 -15.21 -30.70 -5.06
CA ASN E 64 -16.55 -30.19 -5.34
C ASN E 64 -17.09 -30.76 -6.66
N PRO E 65 -18.27 -31.38 -6.61
CA PRO E 65 -18.87 -32.09 -7.74
C PRO E 65 -19.22 -31.20 -8.93
N GLU E 66 -19.40 -29.90 -8.69
CA GLU E 66 -19.81 -29.00 -9.76
C GLU E 66 -18.67 -28.66 -10.72
N CYS E 67 -17.46 -29.10 -10.38
CA CYS E 67 -16.30 -28.84 -11.21
C CYS E 67 -15.86 -30.07 -11.99
N ASP E 68 -15.53 -29.89 -13.26
CA ASP E 68 -15.06 -30.99 -14.11
C ASP E 68 -13.78 -31.60 -13.57
N PRO E 69 -13.79 -32.92 -13.36
CA PRO E 69 -12.67 -33.66 -12.77
C PRO E 69 -11.39 -33.60 -13.59
N LEU E 70 -10.26 -33.36 -12.93
CA LEU E 70 -8.97 -33.30 -13.59
C LEU E 70 -8.37 -34.70 -13.77
N LEU E 71 -7.27 -34.76 -14.50
CA LEU E 71 -6.49 -36.01 -14.62
C LEU E 71 -5.97 -36.44 -13.25
N PRO E 72 -5.77 -37.76 -13.07
CA PRO E 72 -5.24 -38.28 -11.80
C PRO E 72 -3.85 -37.74 -11.46
N VAL E 73 -3.07 -37.42 -12.49
CA VAL E 73 -1.72 -36.91 -12.30
C VAL E 73 -1.48 -35.63 -13.08
N ARG E 74 -1.08 -34.58 -12.39
CA ARG E 74 -0.80 -33.32 -13.09
C ARG E 74 0.51 -32.67 -12.63
N SER E 75 1.19 -32.03 -13.59
CA SER E 75 2.34 -31.19 -13.30
C SER E 75 2.06 -29.78 -13.83
N TRP E 76 2.54 -28.76 -13.11
CA TRP E 76 2.33 -27.39 -13.54
C TRP E 76 3.48 -26.45 -13.22
N SER E 77 3.39 -25.24 -13.75
CA SER E 77 4.38 -24.18 -13.52
C SER E 77 3.79 -23.09 -12.63
N TYR E 78 2.48 -22.95 -12.69
CA TYR E 78 1.76 -22.03 -11.81
C TYR E 78 0.27 -22.36 -11.81
N ILE E 79 -0.42 -22.00 -10.72
CA ILE E 79 -1.84 -22.30 -10.58
C ILE E 79 -2.66 -21.05 -10.90
N VAL E 80 -3.73 -21.25 -11.68
CA VAL E 80 -4.59 -20.13 -12.05
C VAL E 80 -6.00 -20.30 -11.50
N GLU E 81 -6.42 -19.35 -10.68
CA GLU E 81 -7.81 -19.29 -10.24
C GLU E 81 -8.54 -18.20 -11.00
N THR E 82 -9.73 -18.50 -11.49
CA THR E 82 -10.57 -17.49 -12.11
C THR E 82 -11.15 -16.59 -11.04
N PRO E 83 -11.33 -15.30 -11.34
CA PRO E 83 -11.89 -14.34 -10.37
C PRO E 83 -13.28 -14.76 -9.88
N ASN E 84 -14.11 -15.28 -10.78
CA ASN E 84 -15.48 -15.66 -10.46
C ASN E 84 -15.66 -17.15 -10.19
N SER E 85 -15.14 -17.61 -9.07
CA SER E 85 -15.28 -19.02 -8.68
C SER E 85 -16.47 -19.19 -7.73
N GLU E 86 -17.60 -19.63 -8.26
CA GLU E 86 -18.78 -19.81 -7.42
C GLU E 86 -18.73 -21.16 -6.72
N ASN E 87 -17.86 -22.04 -7.20
CA ASN E 87 -17.71 -23.38 -6.64
C ASN E 87 -16.48 -23.52 -5.76
N GLY E 88 -16.70 -23.65 -4.46
CA GLY E 88 -15.63 -23.88 -3.51
C GLY E 88 -16.10 -24.78 -2.39
N ILE E 89 -16.12 -24.23 -1.18
CA ILE E 89 -16.72 -24.92 -0.05
C ILE E 89 -18.24 -24.91 -0.20
N CYS E 90 -18.81 -26.04 -0.59
CA CYS E 90 -20.24 -26.10 -0.87
C CYS E 90 -21.09 -26.50 0.34
N TYR E 91 -20.47 -27.17 1.31
CA TYR E 91 -21.13 -27.38 2.58
C TYR E 91 -20.53 -26.45 3.63
N PRO E 92 -21.35 -25.55 4.18
CA PRO E 92 -20.93 -24.44 5.03
C PRO E 92 -20.02 -24.87 6.19
N GLY E 93 -19.00 -24.05 6.46
CA GLY E 93 -18.06 -24.33 7.53
C GLY E 93 -16.72 -23.66 7.32
N ASP E 94 -15.77 -23.98 8.19
CA ASP E 94 -14.46 -23.34 8.15
C ASP E 94 -13.38 -24.30 7.66
N PHE E 95 -12.58 -23.83 6.70
CA PHE E 95 -11.42 -24.58 6.24
C PHE E 95 -10.23 -24.11 7.06
N ILE E 96 -9.86 -24.91 8.06
CA ILE E 96 -8.84 -24.52 9.03
C ILE E 96 -7.44 -24.49 8.41
N ASP E 97 -6.72 -23.39 8.68
CA ASP E 97 -5.38 -23.16 8.13
C ASP E 97 -5.38 -23.24 6.60
N TYR E 98 -6.43 -22.71 6.00
CA TYR E 98 -6.60 -22.70 4.54
C TYR E 98 -5.49 -21.93 3.84
N GLU E 99 -5.22 -20.72 4.32
CA GLU E 99 -4.22 -19.84 3.73
C GLU E 99 -2.82 -20.48 3.76
N GLU E 100 -2.51 -21.15 4.87
CA GLU E 100 -1.24 -21.85 5.00
C GLU E 100 -1.14 -22.98 3.99
N LEU E 101 -2.26 -23.62 3.74
CA LEU E 101 -2.31 -24.68 2.74
C LEU E 101 -2.09 -24.09 1.35
N ARG E 102 -2.63 -22.91 1.09
CA ARG E 102 -2.34 -22.21 -0.16
C ARG E 102 -0.85 -21.95 -0.30
N GLU E 103 -0.23 -21.48 0.80
CA GLU E 103 1.20 -21.19 0.78
C GLU E 103 2.02 -22.45 0.49
N GLN E 104 1.58 -23.57 1.05
CA GLN E 104 2.19 -24.87 0.74
C GLN E 104 2.05 -25.20 -0.74
N LEU E 105 0.83 -25.04 -1.27
CA LEU E 105 0.55 -25.32 -2.68
C LEU E 105 1.36 -24.43 -3.62
N SER E 106 1.79 -23.27 -3.13
CA SER E 106 2.58 -22.35 -3.95
C SER E 106 3.94 -22.91 -4.36
N SER E 107 4.41 -23.94 -3.65
CA SER E 107 5.70 -24.56 -3.99
C SER E 107 5.53 -26.01 -4.41
N VAL E 108 4.31 -26.40 -4.74
CA VAL E 108 4.04 -27.73 -5.25
C VAL E 108 3.99 -27.69 -6.78
N SER E 109 4.67 -28.64 -7.42
CA SER E 109 4.78 -28.63 -8.87
C SER E 109 4.03 -29.79 -9.52
N SER E 110 3.59 -30.75 -8.70
CA SER E 110 2.95 -31.95 -9.22
C SER E 110 2.08 -32.63 -8.17
N PHE E 111 0.97 -33.22 -8.61
CA PHE E 111 0.17 -34.05 -7.71
C PHE E 111 -0.30 -35.33 -8.38
N GLU E 112 -0.39 -36.38 -7.57
CA GLU E 112 -1.04 -37.63 -7.96
C GLU E 112 -2.24 -37.85 -7.05
N ARG E 113 -3.44 -37.83 -7.63
CA ARG E 113 -4.66 -38.14 -6.89
C ARG E 113 -4.82 -39.65 -6.75
N PHE E 114 -5.00 -40.14 -5.53
CA PHE E 114 -5.11 -41.57 -5.30
C PHE E 114 -6.06 -41.91 -4.15
N GLU E 115 -6.64 -43.10 -4.22
CA GLU E 115 -7.63 -43.57 -3.26
C GLU E 115 -6.98 -44.11 -2.00
N ILE E 116 -6.98 -43.31 -0.93
CA ILE E 116 -6.30 -43.67 0.31
C ILE E 116 -7.14 -44.63 1.16
N PHE E 117 -8.45 -44.40 1.19
CA PHE E 117 -9.38 -45.29 1.86
C PHE E 117 -10.54 -45.64 0.93
N PRO E 118 -10.41 -46.72 0.20
CA PRO E 118 -11.42 -47.17 -0.74
C PRO E 118 -12.82 -47.16 -0.18
N LYS E 119 -13.75 -46.63 -0.96
CA LYS E 119 -15.14 -46.50 -0.56
C LYS E 119 -15.78 -47.71 0.08
N GLU E 120 -16.04 -48.74 -0.71
CA GLU E 120 -16.67 -49.91 -0.16
C GLU E 120 -15.59 -50.88 0.12
N SER E 121 -15.07 -50.84 1.34
CA SER E 121 -14.00 -51.71 1.78
C SER E 121 -13.32 -51.25 3.04
N SER E 122 -13.23 -49.95 3.27
CA SER E 122 -12.51 -49.46 4.44
C SER E 122 -13.32 -49.20 5.67
N TRP E 123 -14.60 -49.03 5.52
CA TRP E 123 -15.45 -48.74 6.65
C TRP E 123 -16.58 -49.76 6.79
N PRO E 124 -16.25 -50.96 7.28
CA PRO E 124 -17.29 -51.96 7.49
C PRO E 124 -18.21 -51.53 8.62
N ASN E 125 -19.48 -51.95 8.56
CA ASN E 125 -20.47 -51.63 9.59
C ASN E 125 -20.78 -50.13 9.65
N HIS E 126 -20.50 -49.42 8.57
CA HIS E 126 -20.86 -48.02 8.46
C HIS E 126 -21.48 -47.71 7.10
N ASN E 127 -22.45 -46.81 7.08
CA ASN E 127 -23.02 -46.36 5.81
C ASN E 127 -22.14 -45.31 5.16
N THR E 128 -21.89 -45.49 3.87
CA THR E 128 -21.02 -44.60 3.11
C THR E 128 -21.78 -43.93 1.96
N ASN E 129 -23.08 -43.74 2.15
CA ASN E 129 -23.95 -43.27 1.07
C ASN E 129 -24.47 -41.85 1.27
N GLY E 130 -24.11 -41.23 2.40
CA GLY E 130 -24.57 -39.90 2.74
C GLY E 130 -24.35 -38.84 1.67
N VAL E 131 -25.38 -38.06 1.40
CA VAL E 131 -25.28 -36.93 0.47
C VAL E 131 -25.99 -35.70 1.03
N THR E 132 -25.98 -34.62 0.27
CA THR E 132 -26.62 -33.38 0.70
C THR E 132 -26.93 -32.50 -0.51
N ALA E 133 -27.90 -31.61 -0.34
CA ALA E 133 -28.33 -30.72 -1.42
C ALA E 133 -27.42 -29.50 -1.53
N ALA E 134 -26.66 -29.23 -0.48
CA ALA E 134 -25.68 -28.15 -0.51
C ALA E 134 -24.60 -28.44 -1.54
N CYS E 135 -24.31 -29.72 -1.75
CA CYS E 135 -23.34 -30.14 -2.75
C CYS E 135 -24.06 -30.81 -3.92
N SER E 136 -24.86 -30.05 -4.64
CA SER E 136 -25.63 -30.59 -5.76
C SER E 136 -24.75 -30.76 -7.00
N HIS E 137 -25.13 -31.74 -7.83
CA HIS E 137 -24.50 -31.94 -9.13
C HIS E 137 -25.50 -32.56 -10.10
N GLU E 138 -25.76 -31.86 -11.21
CA GLU E 138 -26.75 -32.29 -12.20
C GLU E 138 -28.11 -32.51 -11.55
N GLY E 139 -28.47 -31.60 -10.64
CA GLY E 139 -29.78 -31.61 -10.00
C GLY E 139 -29.89 -32.44 -8.72
N LYS E 140 -29.32 -33.64 -8.72
CA LYS E 140 -29.40 -34.49 -7.53
C LYS E 140 -28.44 -34.08 -6.42
N SER E 141 -28.85 -34.32 -5.18
CA SER E 141 -28.00 -34.10 -4.03
C SER E 141 -26.78 -35.00 -4.10
N SER E 142 -25.61 -34.47 -3.74
CA SER E 142 -24.37 -35.24 -3.83
C SER E 142 -23.40 -34.89 -2.71
N PHE E 143 -22.12 -35.14 -2.94
CA PHE E 143 -21.12 -34.87 -1.91
C PHE E 143 -19.72 -34.75 -2.53
N TYR E 144 -18.77 -34.27 -1.73
CA TYR E 144 -17.38 -34.12 -2.16
C TYR E 144 -16.80 -35.41 -2.75
N ARG E 145 -16.05 -35.28 -3.84
CA ARG E 145 -15.47 -36.42 -4.53
C ARG E 145 -14.35 -37.08 -3.74
N ASN E 146 -13.67 -36.30 -2.91
CA ASN E 146 -12.50 -36.79 -2.19
C ASN E 146 -12.81 -37.11 -0.74
N LEU E 147 -14.05 -36.92 -0.34
CA LEU E 147 -14.46 -37.23 1.02
C LEU E 147 -15.64 -38.19 1.04
N LEU E 148 -15.88 -38.81 2.19
CA LEU E 148 -16.92 -39.81 2.33
C LEU E 148 -17.66 -39.58 3.64
N TRP E 149 -18.97 -39.41 3.56
CA TRP E 149 -19.79 -39.14 4.73
C TRP E 149 -20.24 -40.44 5.40
N LEU E 150 -19.54 -40.83 6.45
CA LEU E 150 -19.87 -42.04 7.19
C LEU E 150 -21.04 -41.80 8.13
N THR E 151 -22.13 -42.53 7.91
CA THR E 151 -23.31 -42.43 8.76
C THR E 151 -23.62 -43.76 9.44
N GLU E 152 -24.60 -43.74 10.34
CA GLU E 152 -25.00 -44.93 11.07
C GLU E 152 -25.53 -46.03 10.14
N LYS E 153 -25.21 -47.26 10.47
CA LYS E 153 -25.71 -48.42 9.71
C LYS E 153 -26.46 -49.36 10.65
N GLU E 154 -27.74 -49.54 10.39
CA GLU E 154 -28.62 -50.41 11.18
C GLU E 154 -28.63 -50.01 12.66
N GLY E 155 -28.78 -48.72 12.92
CA GLY E 155 -28.94 -48.22 14.28
C GLY E 155 -27.70 -48.26 15.14
N SER E 156 -26.54 -48.41 14.51
CA SER E 156 -25.29 -48.42 15.27
C SER E 156 -24.13 -47.80 14.50
N TYR E 157 -23.27 -47.10 15.23
CA TYR E 157 -22.05 -46.54 14.67
C TYR E 157 -20.87 -47.08 15.49
N PRO E 158 -20.33 -48.24 15.10
CA PRO E 158 -19.22 -48.86 15.82
C PRO E 158 -17.97 -48.00 15.77
N LYS E 159 -17.15 -48.06 16.82
CA LYS E 159 -15.91 -47.29 16.84
C LYS E 159 -15.01 -47.75 15.71
N LEU E 160 -14.78 -46.86 14.75
CA LEU E 160 -13.93 -47.18 13.62
C LEU E 160 -12.49 -46.73 13.87
N LYS E 161 -11.57 -47.51 13.35
CA LYS E 161 -10.15 -47.18 13.40
C LYS E 161 -9.42 -47.72 12.20
N ASN E 162 -9.09 -46.83 11.26
CA ASN E 162 -8.34 -47.24 10.09
C ASN E 162 -7.09 -46.40 9.97
N SER E 163 -6.09 -46.91 9.25
CA SER E 163 -4.83 -46.21 9.13
C SER E 163 -4.22 -46.40 7.75
N TYR E 164 -3.44 -45.41 7.31
CA TYR E 164 -2.76 -45.50 6.03
C TYR E 164 -1.26 -45.28 6.22
N VAL E 165 -0.47 -46.10 5.56
CA VAL E 165 0.99 -45.97 5.60
C VAL E 165 1.48 -45.39 4.27
N ASN E 166 2.15 -44.25 4.36
CA ASN E 166 2.61 -43.54 3.18
C ASN E 166 3.82 -44.20 2.53
N LYS E 167 3.56 -45.04 1.53
CA LYS E 167 4.62 -45.70 0.79
C LYS E 167 4.74 -45.12 -0.62
N LYS E 168 4.32 -43.88 -0.78
CA LYS E 168 4.36 -43.20 -2.07
C LYS E 168 5.74 -42.61 -2.36
N GLY E 169 6.55 -42.45 -1.32
CA GLY E 169 7.87 -41.86 -1.45
C GLY E 169 7.81 -40.36 -1.61
N LYS E 170 6.63 -39.79 -1.36
CA LYS E 170 6.43 -38.34 -1.41
C LYS E 170 5.50 -37.90 -0.29
N GLU E 171 5.47 -36.59 -0.02
CA GLU E 171 4.50 -36.04 0.92
C GLU E 171 3.09 -36.35 0.46
N VAL E 172 2.22 -36.70 1.40
CA VAL E 172 0.82 -36.93 1.05
C VAL E 172 -0.12 -35.97 1.78
N LEU E 173 -0.75 -35.09 1.02
CA LEU E 173 -1.78 -34.22 1.56
C LEU E 173 -3.05 -35.02 1.82
N VAL E 174 -3.42 -35.11 3.10
CA VAL E 174 -4.64 -35.79 3.49
C VAL E 174 -5.63 -34.78 4.06
N LEU E 175 -6.86 -34.81 3.53
CA LEU E 175 -7.92 -33.93 3.99
C LEU E 175 -9.08 -34.74 4.58
N TRP E 176 -9.73 -34.18 5.59
CA TRP E 176 -10.92 -34.79 6.16
C TRP E 176 -11.84 -33.72 6.72
N GLY E 177 -13.01 -34.14 7.21
CA GLY E 177 -13.98 -33.19 7.71
C GLY E 177 -14.62 -33.64 9.01
N ILE E 178 -15.14 -32.66 9.75
CA ILE E 178 -15.91 -32.92 10.96
C ILE E 178 -17.29 -32.29 10.80
N HIS E 179 -18.33 -33.10 10.90
CA HIS E 179 -19.69 -32.60 10.77
C HIS E 179 -20.23 -32.15 12.12
N HIS E 180 -20.94 -31.03 12.12
CA HIS E 180 -21.58 -30.50 13.31
C HIS E 180 -23.07 -30.31 13.05
N PRO E 181 -23.89 -31.26 13.52
CA PRO E 181 -25.35 -31.17 13.38
C PRO E 181 -25.93 -30.02 14.21
N PRO E 182 -27.07 -29.46 13.78
CA PRO E 182 -27.70 -28.33 14.47
C PRO E 182 -28.38 -28.73 15.78
N ASN E 183 -28.74 -30.00 15.91
CA ASN E 183 -29.42 -30.48 17.11
C ASN E 183 -29.02 -31.91 17.47
N SER E 184 -29.27 -32.28 18.72
CA SER E 184 -28.91 -33.61 19.21
C SER E 184 -29.79 -34.69 18.58
N LYS E 185 -30.95 -34.29 18.08
CA LYS E 185 -31.85 -35.19 17.37
C LYS E 185 -31.15 -35.76 16.14
N GLU E 186 -30.68 -34.86 15.28
CA GLU E 186 -29.95 -35.23 14.08
C GLU E 186 -28.63 -35.92 14.43
N GLN E 187 -28.04 -35.49 15.53
CA GLN E 187 -26.81 -36.11 16.04
C GLN E 187 -27.00 -37.61 16.28
N GLN E 188 -28.04 -37.95 17.03
CA GLN E 188 -28.36 -39.35 17.30
C GLN E 188 -28.79 -40.08 16.04
N ASN E 189 -29.59 -39.42 15.21
CA ASN E 189 -30.08 -40.06 13.99
C ASN E 189 -28.96 -40.37 13.00
N LEU E 190 -27.85 -39.65 13.08
CA LEU E 190 -26.74 -39.85 12.15
C LEU E 190 -25.60 -40.67 12.72
N TYR E 191 -25.34 -40.56 14.02
CA TYR E 191 -24.13 -41.17 14.59
C TYR E 191 -24.37 -41.97 15.87
N GLN E 192 -25.60 -41.97 16.37
CA GLN E 192 -26.02 -42.80 17.50
C GLN E 192 -25.24 -42.59 18.81
N ASN E 193 -24.35 -41.61 18.85
CA ASN E 193 -23.64 -41.29 20.09
C ASN E 193 -23.61 -39.78 20.37
N GLU E 194 -24.27 -39.36 21.43
CA GLU E 194 -24.33 -37.93 21.77
C GLU E 194 -23.00 -37.39 22.28
N ASN E 195 -22.12 -38.28 22.71
CA ASN E 195 -20.78 -37.89 23.16
C ASN E 195 -19.69 -38.46 22.27
N ALA E 196 -19.69 -38.07 21.01
CA ALA E 196 -18.74 -38.59 20.04
C ALA E 196 -17.44 -37.79 19.99
N TYR E 197 -16.45 -38.34 19.30
CA TYR E 197 -15.16 -37.69 19.13
C TYR E 197 -14.45 -38.27 17.90
N VAL E 198 -13.63 -37.44 17.25
CA VAL E 198 -12.79 -37.91 16.15
C VAL E 198 -11.33 -37.73 16.53
N SER E 199 -10.50 -38.71 16.20
CA SER E 199 -9.08 -38.64 16.52
C SER E 199 -8.22 -38.85 15.29
N VAL E 200 -7.37 -37.88 14.99
CA VAL E 200 -6.44 -38.02 13.88
C VAL E 200 -5.00 -37.88 14.35
N VAL E 201 -4.17 -38.89 14.09
CA VAL E 201 -2.77 -38.81 14.52
C VAL E 201 -1.77 -39.24 13.46
N THR E 202 -0.60 -38.59 13.49
CA THR E 202 0.56 -39.07 12.74
C THR E 202 1.77 -39.04 13.66
N SER E 203 2.96 -39.09 13.10
CA SER E 203 4.18 -39.01 13.91
C SER E 203 4.32 -37.61 14.50
N ASN E 204 3.83 -36.61 13.78
CA ASN E 204 3.99 -35.22 14.21
C ASN E 204 2.67 -34.46 14.27
N TYR E 205 1.60 -35.09 13.80
CA TYR E 205 0.28 -34.50 13.92
C TYR E 205 -0.51 -35.25 14.98
N ASN E 206 -1.27 -34.51 15.78
CA ASN E 206 -1.97 -35.10 16.91
C ASN E 206 -3.15 -34.24 17.30
N ARG E 207 -4.32 -34.54 16.76
CA ARG E 207 -5.48 -33.70 17.05
C ARG E 207 -6.77 -34.47 17.33
N ARG E 208 -7.52 -33.95 18.30
CA ARG E 208 -8.79 -34.51 18.73
C ARG E 208 -9.91 -33.50 18.48
N PHE E 209 -11.02 -34.00 17.95
CA PHE E 209 -12.14 -33.16 17.54
C PHE E 209 -13.40 -33.56 18.27
N THR E 210 -14.14 -32.56 18.75
CA THR E 210 -15.40 -32.80 19.45
C THR E 210 -16.52 -32.04 18.77
N PRO E 211 -17.63 -32.75 18.46
CA PRO E 211 -18.81 -32.13 17.87
C PRO E 211 -19.36 -31.01 18.76
N GLU E 212 -19.77 -29.91 18.14
CA GLU E 212 -20.35 -28.79 18.87
C GLU E 212 -21.73 -28.52 18.32
N ILE E 213 -22.73 -28.93 19.08
CA ILE E 213 -24.12 -28.89 18.63
C ILE E 213 -24.84 -27.61 19.08
N ALA E 214 -25.34 -26.87 18.10
CA ALA E 214 -26.15 -25.69 18.35
C ALA E 214 -26.86 -25.28 17.07
N GLU E 215 -28.06 -24.70 17.19
CA GLU E 215 -28.76 -24.20 16.03
C GLU E 215 -28.01 -23.02 15.45
N ARG E 216 -27.86 -23.00 14.14
CA ARG E 216 -27.11 -21.95 13.47
C ARG E 216 -27.90 -21.34 12.33
N PRO E 217 -27.65 -20.07 12.01
CA PRO E 217 -28.24 -19.44 10.82
C PRO E 217 -27.96 -20.26 9.56
N LYS E 218 -29.00 -20.47 8.75
CA LYS E 218 -28.85 -21.29 7.55
C LYS E 218 -27.86 -20.68 6.57
N VAL E 219 -26.94 -21.51 6.09
CA VAL E 219 -26.03 -21.11 5.02
C VAL E 219 -26.05 -22.20 3.96
N ARG E 220 -26.44 -21.82 2.74
CA ARG E 220 -26.74 -22.77 1.67
C ARG E 220 -27.77 -23.79 2.15
N ASP E 221 -28.78 -23.28 2.86
CA ASP E 221 -29.88 -24.08 3.38
C ASP E 221 -29.41 -25.15 4.36
N GLN E 222 -28.42 -24.83 5.19
CA GLN E 222 -27.93 -25.77 6.19
C GLN E 222 -27.73 -25.11 7.53
N ALA E 223 -28.34 -25.68 8.56
CA ALA E 223 -28.17 -25.19 9.93
C ALA E 223 -26.95 -25.86 10.56
N GLY E 224 -26.48 -26.92 9.92
CA GLY E 224 -25.31 -27.63 10.36
C GLY E 224 -24.04 -27.06 9.75
N ARG E 225 -22.90 -27.39 10.34
CA ARG E 225 -21.62 -26.94 9.80
C ARG E 225 -20.72 -28.13 9.49
N MET E 226 -19.62 -27.86 8.82
CA MET E 226 -18.63 -28.89 8.52
C MET E 226 -17.25 -28.26 8.44
N ASN E 227 -16.38 -28.62 9.39
CA ASN E 227 -15.04 -28.08 9.42
C ASN E 227 -14.06 -28.97 8.67
N TYR E 228 -13.24 -28.37 7.81
CA TYR E 228 -12.33 -29.17 6.99
C TYR E 228 -10.90 -29.01 7.47
N TYR E 229 -10.21 -30.14 7.62
CA TYR E 229 -8.84 -30.16 8.11
C TYR E 229 -7.93 -30.88 7.13
N TRP E 230 -6.64 -30.59 7.23
CA TRP E 230 -5.64 -31.21 6.35
C TRP E 230 -4.34 -31.46 7.11
N THR E 231 -3.52 -32.35 6.60
CA THR E 231 -2.16 -32.49 7.10
C THR E 231 -1.24 -33.10 6.04
N LEU E 232 0.03 -32.77 6.13
CA LEU E 232 1.03 -33.32 5.22
C LEU E 232 1.71 -34.53 5.85
N LEU E 233 1.37 -35.70 5.34
CA LEU E 233 1.91 -36.96 5.83
C LEU E 233 3.27 -37.23 5.18
N LYS E 234 4.33 -37.18 5.99
CA LYS E 234 5.68 -37.37 5.51
C LYS E 234 5.88 -38.78 4.95
N PRO E 235 6.85 -38.95 4.03
CA PRO E 235 7.13 -40.27 3.46
C PRO E 235 7.46 -41.30 4.54
N GLY E 236 6.81 -42.45 4.47
CA GLY E 236 7.06 -43.54 5.41
C GLY E 236 6.22 -43.46 6.67
N ASP E 237 5.60 -42.31 6.91
CA ASP E 237 4.81 -42.11 8.13
C ASP E 237 3.40 -42.67 7.97
N THR E 238 2.72 -42.86 9.09
CA THR E 238 1.38 -43.45 9.10
C THR E 238 0.37 -42.48 9.70
N ILE E 239 -0.78 -42.33 9.05
CA ILE E 239 -1.86 -41.56 9.65
C ILE E 239 -2.94 -42.52 10.16
N ILE E 240 -3.43 -42.25 11.36
CA ILE E 240 -4.47 -43.07 11.98
C ILE E 240 -5.71 -42.24 12.28
N PHE E 241 -6.83 -42.70 11.72
CA PHE E 241 -8.15 -42.15 12.01
C PHE E 241 -8.88 -43.09 12.98
N GLU E 242 -9.45 -42.50 14.03
CA GLU E 242 -10.18 -43.26 15.03
C GLU E 242 -11.38 -42.46 15.52
N ALA E 243 -12.57 -42.84 15.08
CA ALA E 243 -13.76 -42.05 15.40
C ALA E 243 -14.99 -42.90 15.72
N ASN E 244 -15.91 -42.32 16.48
CA ASN E 244 -17.20 -42.96 16.75
C ASN E 244 -18.35 -42.07 16.30
N GLY E 245 -18.09 -41.21 15.32
CA GLY E 245 -19.11 -40.35 14.77
C GLY E 245 -18.56 -39.06 14.20
N ASN E 246 -19.39 -38.36 13.43
CA ASN E 246 -19.10 -37.00 12.96
C ASN E 246 -17.88 -36.88 12.06
N LEU E 247 -17.25 -37.99 11.70
CA LEU E 247 -16.09 -37.95 10.82
C LEU E 247 -16.51 -37.95 9.35
N ILE E 248 -16.04 -36.95 8.62
CA ILE E 248 -16.15 -36.96 7.17
C ILE E 248 -14.84 -37.53 6.64
N ALA E 249 -14.82 -38.84 6.44
CA ALA E 249 -13.59 -39.56 6.19
C ALA E 249 -12.91 -39.20 4.87
N PRO E 250 -11.58 -39.34 4.81
CA PRO E 250 -10.86 -39.22 3.55
C PRO E 250 -11.11 -40.41 2.65
N MET E 251 -11.29 -40.16 1.35
CA MET E 251 -11.40 -41.23 0.37
C MET E 251 -10.25 -41.12 -0.62
N TYR E 252 -10.01 -39.91 -1.10
CA TYR E 252 -8.87 -39.64 -1.97
C TYR E 252 -7.89 -38.69 -1.30
N ALA E 253 -6.60 -38.85 -1.62
CA ALA E 253 -5.56 -37.99 -1.07
C ALA E 253 -4.60 -37.56 -2.18
N PHE E 254 -3.64 -36.71 -1.87
CA PHE E 254 -2.77 -36.19 -2.92
C PHE E 254 -1.29 -36.44 -2.67
N ALA E 255 -0.61 -37.08 -3.60
CA ALA E 255 0.84 -37.20 -3.51
C ALA E 255 1.49 -35.98 -4.15
N LEU E 256 2.28 -35.25 -3.38
CA LEU E 256 2.80 -33.97 -3.85
C LEU E 256 4.31 -33.96 -4.15
N SER E 257 4.73 -33.22 -5.15
CA SER E 257 6.15 -33.07 -5.36
C SER E 257 6.46 -31.59 -5.35
N ARG E 258 7.60 -31.22 -4.78
CA ARG E 258 7.99 -29.83 -4.67
C ARG E 258 8.75 -29.27 -5.85
N GLY E 259 8.58 -27.99 -6.10
CA GLY E 259 9.25 -27.34 -7.21
C GLY E 259 9.69 -25.94 -6.82
N PHE E 260 10.12 -25.16 -7.81
CA PHE E 260 10.59 -23.80 -7.57
C PHE E 260 9.93 -22.79 -8.50
N GLY E 261 9.79 -21.56 -8.03
CA GLY E 261 9.30 -20.47 -8.85
C GLY E 261 7.85 -20.59 -9.26
N SER E 262 7.07 -21.33 -8.49
CA SER E 262 5.64 -21.46 -8.75
C SER E 262 4.84 -20.46 -7.92
N GLY E 263 3.52 -20.47 -8.09
CA GLY E 263 2.65 -19.56 -7.36
C GLY E 263 1.20 -19.65 -7.79
N ILE E 264 0.35 -18.90 -7.12
CA ILE E 264 -1.07 -18.86 -7.44
C ILE E 264 -1.45 -17.46 -7.91
N ILE E 265 -2.11 -17.38 -9.07
CA ILE E 265 -2.53 -16.10 -9.60
C ILE E 265 -4.02 -16.11 -9.96
N THR E 266 -4.62 -14.92 -9.94
CA THR E 266 -6.01 -14.74 -10.35
C THR E 266 -6.04 -14.03 -11.71
N SER E 267 -6.65 -14.67 -12.71
CA SER E 267 -6.61 -14.11 -14.05
C SER E 267 -7.90 -14.27 -14.86
N ASN E 268 -8.13 -13.31 -15.75
CA ASN E 268 -9.28 -13.34 -16.66
C ASN E 268 -8.89 -14.01 -17.98
N ALA E 269 -7.60 -13.95 -18.29
CA ALA E 269 -7.10 -14.38 -19.59
C ALA E 269 -7.24 -15.89 -19.83
N SER E 270 -7.16 -16.30 -21.09
CA SER E 270 -7.31 -17.70 -21.46
C SER E 270 -5.99 -18.35 -21.86
N MET E 271 -5.91 -19.66 -21.68
CA MET E 271 -4.74 -20.44 -22.09
C MET E 271 -4.61 -20.48 -23.61
N HIS E 272 -3.42 -20.18 -24.11
CA HIS E 272 -3.14 -20.28 -25.54
C HIS E 272 -1.94 -21.19 -25.79
N GLU E 273 -1.78 -21.61 -27.05
CA GLU E 273 -0.63 -22.42 -27.44
C GLU E 273 0.60 -21.55 -27.62
N CYS E 274 1.15 -21.06 -26.53
CA CYS E 274 2.33 -20.22 -26.57
C CYS E 274 3.24 -20.50 -25.38
N ASN E 275 4.49 -20.03 -25.46
CA ASN E 275 5.44 -20.25 -24.39
C ASN E 275 6.14 -18.95 -24.01
N THR E 276 6.40 -18.79 -22.71
CA THR E 276 7.05 -17.58 -22.21
C THR E 276 7.95 -17.88 -21.03
N LYS E 277 8.75 -16.89 -20.66
CA LYS E 277 9.63 -16.99 -19.51
C LYS E 277 9.17 -16.06 -18.40
N CYS E 278 8.11 -15.31 -18.68
CA CYS E 278 7.51 -14.40 -17.71
C CYS E 278 6.00 -14.31 -17.90
N GLN E 279 5.25 -14.57 -16.84
CA GLN E 279 3.78 -14.57 -16.92
C GLN E 279 3.15 -13.64 -15.88
N THR E 280 2.18 -12.85 -16.34
CA THR E 280 1.42 -11.97 -15.47
C THR E 280 -0.06 -12.30 -15.60
N PRO E 281 -0.88 -11.90 -14.63
CA PRO E 281 -2.33 -12.14 -14.73
C PRO E 281 -2.96 -11.47 -15.95
N LEU E 282 -2.26 -10.53 -16.58
CA LEU E 282 -2.79 -9.82 -17.73
C LEU E 282 -2.32 -10.46 -19.02
N GLY E 283 -1.19 -11.15 -18.97
CA GLY E 283 -0.62 -11.79 -20.14
C GLY E 283 0.86 -12.04 -19.97
N ALA E 284 1.48 -12.62 -20.98
CA ALA E 284 2.89 -12.96 -20.92
C ALA E 284 3.77 -11.79 -21.35
N ILE E 285 4.94 -11.67 -20.74
CA ILE E 285 5.91 -10.64 -21.12
C ILE E 285 7.10 -11.27 -21.81
N ASN E 286 7.42 -10.79 -23.00
CA ASN E 286 8.62 -11.22 -23.69
C ASN E 286 9.59 -10.06 -23.86
N SER E 287 10.53 -9.94 -22.92
CA SER E 287 11.40 -8.76 -22.87
C SER E 287 12.70 -9.02 -22.13
N SER E 288 13.72 -8.23 -22.48
CA SER E 288 15.00 -8.28 -21.80
C SER E 288 15.24 -6.97 -21.06
N LEU E 289 14.22 -6.12 -21.03
CA LEU E 289 14.30 -4.83 -20.35
C LEU E 289 14.29 -5.01 -18.83
N PRO E 290 14.92 -4.08 -18.11
CA PRO E 290 15.01 -4.20 -16.66
C PRO E 290 13.72 -3.82 -15.91
N TYR E 291 12.84 -3.06 -16.53
CA TYR E 291 11.64 -2.58 -15.84
C TYR E 291 10.35 -2.88 -16.59
N GLN E 292 9.25 -2.95 -15.85
CA GLN E 292 7.92 -3.14 -16.43
C GLN E 292 6.86 -2.49 -15.57
N ASN E 293 5.80 -1.98 -16.21
CA ASN E 293 4.69 -1.36 -15.49
C ASN E 293 3.39 -2.09 -15.76
N ILE E 294 3.51 -3.34 -16.21
CA ILE E 294 2.36 -4.13 -16.59
C ILE E 294 1.60 -4.65 -15.38
N HIS E 295 2.31 -5.29 -14.45
CA HIS E 295 1.68 -5.87 -13.26
C HIS E 295 2.71 -6.22 -12.19
N PRO E 296 2.36 -6.00 -10.91
CA PRO E 296 3.24 -6.38 -9.79
C PRO E 296 3.34 -7.89 -9.60
N VAL E 297 2.33 -8.64 -10.00
CA VAL E 297 2.32 -10.09 -9.83
C VAL E 297 2.96 -10.79 -11.01
N THR E 298 4.04 -11.52 -10.75
CA THR E 298 4.82 -12.16 -11.80
C THR E 298 5.18 -13.60 -11.48
N ILE E 299 5.26 -14.42 -12.52
CA ILE E 299 5.77 -15.78 -12.40
C ILE E 299 6.89 -15.97 -13.42
N GLY E 300 8.03 -16.47 -12.96
CA GLY E 300 9.17 -16.72 -13.84
C GLY E 300 10.26 -15.68 -13.70
N GLU E 301 10.99 -15.45 -14.78
CA GLU E 301 12.07 -14.46 -14.78
C GLU E 301 11.59 -13.17 -15.44
N CYS E 302 11.27 -12.18 -14.61
CA CYS E 302 10.60 -10.97 -15.07
C CYS E 302 11.38 -9.69 -14.76
N PRO E 303 11.04 -8.58 -15.43
CA PRO E 303 11.58 -7.28 -15.05
C PRO E 303 10.96 -6.77 -13.76
N LYS E 304 11.67 -5.90 -13.05
CA LYS E 304 11.16 -5.32 -11.81
C LYS E 304 9.98 -4.40 -12.08
N TYR E 305 8.89 -4.61 -11.36
CA TYR E 305 7.70 -3.78 -11.53
C TYR E 305 7.90 -2.40 -10.91
N VAL E 306 7.52 -1.37 -11.66
CA VAL E 306 7.58 0.00 -11.16
C VAL E 306 6.30 0.73 -11.53
N ARG E 307 6.05 1.87 -10.89
CA ARG E 307 4.85 2.64 -11.17
C ARG E 307 5.04 3.61 -12.34
N SER E 308 6.28 3.74 -12.79
CA SER E 308 6.62 4.70 -13.83
C SER E 308 5.82 4.48 -15.11
N ALA E 309 5.66 5.55 -15.88
CA ALA E 309 4.99 5.47 -17.18
C ALA E 309 6.02 5.60 -18.29
N LYS E 310 7.22 6.04 -17.91
CA LYS E 310 8.27 6.29 -18.88
C LYS E 310 9.66 6.22 -18.23
N LEU E 311 10.51 5.37 -18.77
CA LEU E 311 11.92 5.33 -18.37
C LEU E 311 12.80 5.25 -19.61
N ARG E 312 12.99 6.39 -20.26
CA ARG E 312 13.78 6.43 -21.48
C ARG E 312 15.15 7.04 -21.23
N MET E 313 16.18 6.29 -21.58
CA MET E 313 17.56 6.71 -21.34
C MET E 313 18.20 7.20 -22.63
N VAL E 314 18.80 8.38 -22.59
CA VAL E 314 19.40 8.97 -23.79
C VAL E 314 20.80 8.40 -24.02
N THR E 315 21.07 8.03 -25.27
CA THR E 315 22.39 7.56 -25.67
C THR E 315 23.01 8.54 -26.66
N GLY E 316 22.18 9.14 -27.51
CA GLY E 316 22.67 10.08 -28.51
C GLY E 316 22.81 11.49 -27.97
N LEU E 317 22.87 12.46 -28.88
CA LEU E 317 23.04 13.85 -28.51
C LEU E 317 21.70 14.59 -28.53
N ARG E 318 21.72 15.82 -28.02
CA ARG E 318 20.59 16.72 -28.18
C ARG E 318 20.38 17.00 -29.67
N ASN E 319 19.24 16.59 -30.21
CA ASN E 319 19.01 16.67 -31.64
C ASN E 319 18.54 18.06 -32.08
N ILE E 320 19.39 18.76 -32.82
CA ILE E 320 19.10 20.10 -33.31
C ILE E 320 19.29 20.20 -34.82
N PRO E 321 18.19 20.10 -35.59
CA PRO E 321 18.23 20.15 -37.05
C PRO E 321 18.44 21.56 -37.61
N SER E 322 18.55 22.54 -36.72
CA SER E 322 18.70 23.94 -37.11
C SER E 322 19.88 24.16 -38.05
N GLY F 1 24.16 23.49 -23.07
CA GLY F 1 25.02 22.48 -22.49
C GLY F 1 25.86 23.00 -21.34
N LEU F 2 26.71 22.14 -20.79
CA LEU F 2 27.56 22.50 -19.67
C LEU F 2 28.90 23.09 -20.11
N PHE F 3 29.42 22.59 -21.22
CA PHE F 3 30.71 23.04 -21.75
C PHE F 3 30.55 24.10 -22.82
N GLY F 4 29.31 24.55 -23.02
CA GLY F 4 29.01 25.64 -23.93
C GLY F 4 29.14 25.32 -25.40
N ALA F 5 29.38 24.05 -25.74
CA ALA F 5 29.57 23.65 -27.13
C ALA F 5 28.24 23.41 -27.82
N ILE F 6 27.64 22.25 -27.58
CA ILE F 6 26.36 21.89 -28.20
C ILE F 6 25.27 22.87 -27.75
N ALA F 7 24.54 23.39 -28.73
CA ALA F 7 23.53 24.44 -28.51
C ALA F 7 24.17 25.65 -27.83
N GLY F 8 25.46 25.85 -28.09
CA GLY F 8 26.20 26.96 -27.56
C GLY F 8 26.83 27.76 -28.68
N PHE F 9 28.15 27.73 -28.78
CA PHE F 9 28.83 28.42 -29.88
C PHE F 9 28.72 27.61 -31.17
N ILE F 10 28.13 26.42 -31.07
CA ILE F 10 27.71 25.67 -32.25
C ILE F 10 26.21 25.44 -32.14
N GLU F 11 25.44 26.43 -32.56
CA GLU F 11 23.99 26.50 -32.31
C GLU F 11 23.20 25.30 -32.82
N GLY F 12 23.62 24.73 -33.94
CA GLY F 12 22.86 23.65 -34.55
C GLY F 12 23.68 22.44 -34.93
N GLY F 13 23.00 21.36 -35.29
CA GLY F 13 23.66 20.13 -35.69
C GLY F 13 23.55 19.86 -37.18
N TRP F 14 24.34 18.90 -37.65
CA TRP F 14 24.39 18.61 -39.08
C TRP F 14 23.66 17.31 -39.43
N THR F 15 22.46 17.46 -40.00
CA THR F 15 21.71 16.31 -40.47
C THR F 15 22.40 15.66 -41.68
N GLY F 16 23.31 16.42 -42.30
CA GLY F 16 24.05 15.93 -43.44
C GLY F 16 25.07 14.87 -43.08
N MET F 17 25.58 14.92 -41.86
CA MET F 17 26.50 13.90 -41.35
C MET F 17 25.71 12.78 -40.68
N ILE F 18 25.64 11.62 -41.33
CA ILE F 18 24.84 10.52 -40.85
C ILE F 18 25.67 9.27 -40.57
N ASP F 19 26.99 9.42 -40.49
CA ASP F 19 27.86 8.29 -40.26
C ASP F 19 28.72 8.47 -39.02
N GLY F 20 28.31 9.36 -38.12
CA GLY F 20 29.04 9.60 -36.89
C GLY F 20 28.33 10.55 -35.96
N TRP F 21 28.79 10.60 -34.72
CA TRP F 21 28.24 11.51 -33.73
C TRP F 21 28.94 12.86 -33.77
N TYR F 22 30.26 12.83 -33.83
CA TYR F 22 31.06 14.02 -34.04
C TYR F 22 31.78 13.91 -35.37
N GLY F 23 32.22 15.04 -35.92
CA GLY F 23 32.93 15.01 -37.18
C GLY F 23 33.35 16.36 -37.74
N TYR F 24 33.57 16.38 -39.05
CA TYR F 24 34.10 17.55 -39.73
C TYR F 24 33.33 17.89 -41.00
N HIS F 25 33.44 19.15 -41.41
CA HIS F 25 32.96 19.61 -42.71
C HIS F 25 34.05 20.42 -43.39
N HIS F 26 34.66 19.85 -44.43
CA HIS F 26 35.74 20.52 -45.13
C HIS F 26 35.23 21.23 -46.38
N GLN F 27 35.86 22.36 -46.69
CA GLN F 27 35.49 23.17 -47.85
C GLN F 27 36.74 23.73 -48.55
N ASN F 28 37.07 23.19 -49.72
CA ASN F 28 38.20 23.68 -50.48
C ASN F 28 37.97 23.68 -51.99
N GLU F 29 39.04 23.95 -52.73
CA GLU F 29 38.98 24.07 -54.19
C GLU F 29 38.51 22.78 -54.85
N GLN F 30 38.82 21.64 -54.23
CA GLN F 30 38.44 20.35 -54.77
C GLN F 30 36.98 19.99 -54.45
N GLY F 31 36.36 20.76 -53.55
CA GLY F 31 34.97 20.53 -53.19
C GLY F 31 34.72 20.61 -51.70
N SER F 32 33.53 20.17 -51.28
CA SER F 32 33.16 20.22 -49.87
C SER F 32 32.52 18.92 -49.41
N GLY F 33 32.57 18.63 -48.12
CA GLY F 33 31.95 17.42 -47.59
C GLY F 33 32.07 17.16 -46.11
N TYR F 34 31.28 16.20 -45.62
CA TYR F 34 31.29 15.82 -44.21
C TYR F 34 32.10 14.54 -44.00
N ALA F 35 32.67 14.39 -42.80
CA ALA F 35 33.44 13.20 -42.47
C ALA F 35 33.60 13.05 -40.96
N ALA F 36 33.10 11.95 -40.41
CA ALA F 36 33.07 11.76 -38.96
C ALA F 36 34.43 11.38 -38.38
N ASP F 37 34.66 11.81 -37.14
CA ASP F 37 35.84 11.42 -36.39
C ASP F 37 35.59 10.09 -35.67
N GLN F 38 36.13 9.02 -36.22
CA GLN F 38 35.82 7.67 -35.75
C GLN F 38 36.38 7.36 -34.36
N LYS F 39 37.46 8.04 -33.97
CA LYS F 39 38.13 7.77 -32.70
C LYS F 39 37.22 8.13 -31.51
N SER F 40 36.92 9.41 -31.38
CA SER F 40 36.10 9.92 -30.28
C SER F 40 34.70 9.33 -30.33
N THR F 41 34.22 9.03 -31.54
CA THR F 41 32.91 8.42 -31.71
C THR F 41 32.90 7.01 -31.15
N GLN F 42 33.94 6.23 -31.48
CA GLN F 42 34.06 4.88 -30.93
C GLN F 42 34.18 4.94 -29.41
N ASN F 43 34.96 5.90 -28.91
CA ASN F 43 35.06 6.08 -27.46
C ASN F 43 33.71 6.34 -26.80
N ALA F 44 32.97 7.30 -27.33
CA ALA F 44 31.66 7.63 -26.79
C ALA F 44 30.70 6.44 -26.84
N ILE F 45 30.70 5.75 -27.98
CA ILE F 45 29.89 4.55 -28.17
C ILE F 45 30.20 3.51 -27.10
N ASN F 46 31.49 3.25 -26.87
CA ASN F 46 31.88 2.27 -25.87
C ASN F 46 31.47 2.68 -24.46
N GLY F 47 31.76 3.93 -24.10
CA GLY F 47 31.41 4.45 -22.80
C GLY F 47 29.92 4.35 -22.49
N ILE F 48 29.10 4.86 -23.41
CA ILE F 48 27.66 4.85 -23.21
C ILE F 48 27.08 3.43 -23.25
N THR F 49 27.64 2.59 -24.12
CA THR F 49 27.26 1.17 -24.14
C THR F 49 27.49 0.55 -22.77
N ASN F 50 28.66 0.81 -22.18
CA ASN F 50 28.96 0.29 -20.85
C ASN F 50 28.04 0.89 -19.79
N LYS F 51 27.63 2.13 -19.99
CA LYS F 51 26.68 2.77 -19.07
C LYS F 51 25.33 2.06 -19.06
N VAL F 52 24.76 1.89 -20.26
CA VAL F 52 23.49 1.19 -20.41
C VAL F 52 23.58 -0.24 -19.88
N ASN F 53 24.66 -0.93 -20.25
CA ASN F 53 24.88 -2.28 -19.79
C ASN F 53 24.95 -2.37 -18.27
N THR F 54 25.46 -1.31 -17.68
CA THR F 54 25.58 -1.25 -16.26
C THR F 54 24.25 -1.02 -15.61
N VAL F 55 23.43 -0.18 -16.19
CA VAL F 55 22.16 0.10 -15.62
C VAL F 55 21.30 -1.11 -15.71
N ILE F 56 21.44 -1.85 -16.78
CA ILE F 56 20.65 -3.08 -16.94
C ILE F 56 21.12 -4.18 -15.99
N GLU F 57 22.44 -4.34 -15.86
CA GLU F 57 23.01 -5.40 -15.02
C GLU F 57 22.74 -5.18 -13.54
N LYS F 58 22.70 -3.92 -13.11
CA LYS F 58 22.47 -3.61 -11.70
C LYS F 58 21.09 -4.05 -11.23
N MET F 59 20.15 -4.16 -12.16
CA MET F 59 18.84 -4.69 -11.85
C MET F 59 18.83 -6.21 -11.94
N ASN F 60 18.82 -6.86 -10.79
CA ASN F 60 18.72 -8.31 -10.73
C ASN F 60 17.39 -8.78 -11.30
N ILE F 61 17.36 -10.03 -11.76
CA ILE F 61 16.14 -10.60 -12.29
C ILE F 61 15.07 -10.70 -11.20
N GLN F 62 13.92 -10.08 -11.44
CA GLN F 62 12.80 -10.17 -10.53
C GLN F 62 12.12 -11.52 -10.69
N PHE F 63 12.38 -12.42 -9.75
CA PHE F 63 11.81 -13.77 -9.81
C PHE F 63 10.36 -13.77 -9.34
N THR F 64 9.80 -14.96 -9.17
CA THR F 64 8.39 -15.12 -8.84
C THR F 64 8.02 -14.40 -7.54
N ALA F 65 7.02 -13.54 -7.62
CA ALA F 65 6.54 -12.80 -6.45
C ALA F 65 5.02 -12.65 -6.53
N VAL F 66 4.32 -13.46 -5.74
CA VAL F 66 2.86 -13.45 -5.74
C VAL F 66 2.30 -12.92 -4.42
N GLY F 67 1.03 -12.51 -4.45
CA GLY F 67 0.34 -12.09 -3.25
C GLY F 67 -0.03 -13.28 -2.40
N LYS F 68 -0.26 -13.04 -1.11
CA LYS F 68 -0.70 -14.09 -0.20
C LYS F 68 -2.15 -13.84 0.19
N GLU F 69 -2.77 -14.78 0.89
CA GLU F 69 -4.12 -14.57 1.36
C GLU F 69 -4.17 -14.64 2.89
N PHE F 70 -5.14 -13.95 3.48
CA PHE F 70 -5.27 -13.85 4.92
C PHE F 70 -6.73 -13.89 5.33
N ASN F 71 -7.04 -14.52 6.46
CA ASN F 71 -8.41 -14.55 6.94
C ASN F 71 -8.75 -13.28 7.72
N LYS F 72 -9.96 -13.24 8.27
CA LYS F 72 -10.49 -12.03 8.90
C LYS F 72 -9.83 -11.70 10.24
N LEU F 73 -9.10 -12.67 10.79
CA LEU F 73 -8.41 -12.45 12.06
C LEU F 73 -6.91 -12.26 11.88
N GLU F 74 -6.47 -12.00 10.65
CA GLU F 74 -5.06 -11.78 10.35
C GLU F 74 -4.86 -10.47 9.60
N LYS F 75 -5.65 -9.46 9.96
CA LYS F 75 -5.61 -8.16 9.30
C LYS F 75 -4.27 -7.44 9.46
N ARG F 76 -3.66 -7.58 10.63
CA ARG F 76 -2.37 -6.96 10.90
C ARG F 76 -1.27 -7.52 10.00
N MET F 77 -1.23 -8.84 9.86
CA MET F 77 -0.22 -9.48 9.01
C MET F 77 -0.43 -9.10 7.54
N GLU F 78 -1.69 -9.03 7.14
CA GLU F 78 -2.07 -8.62 5.80
C GLU F 78 -1.57 -7.20 5.51
N ASN F 79 -1.87 -6.30 6.43
CA ASN F 79 -1.46 -4.92 6.35
C ASN F 79 0.06 -4.77 6.32
N LEU F 80 0.76 -5.61 7.09
CA LEU F 80 2.21 -5.60 7.12
C LEU F 80 2.78 -6.02 5.77
N ASN F 81 2.25 -7.12 5.23
CA ASN F 81 2.65 -7.60 3.92
C ASN F 81 2.45 -6.50 2.86
N LYS F 82 1.30 -5.84 2.95
CA LYS F 82 0.97 -4.72 2.07
C LYS F 82 1.99 -3.59 2.20
N LYS F 83 2.34 -3.25 3.43
CA LYS F 83 3.30 -2.19 3.71
C LYS F 83 4.68 -2.53 3.13
N VAL F 84 5.07 -3.79 3.23
CA VAL F 84 6.34 -4.25 2.66
C VAL F 84 6.33 -4.10 1.14
N ASP F 85 5.32 -4.68 0.51
CA ASP F 85 5.20 -4.62 -0.95
C ASP F 85 5.22 -3.17 -1.46
N ASP F 86 4.35 -2.34 -0.87
CA ASP F 86 4.24 -0.94 -1.27
C ASP F 86 5.54 -0.16 -1.04
N GLY F 87 6.20 -0.42 0.09
CA GLY F 87 7.45 0.25 0.40
C GLY F 87 8.53 -0.06 -0.61
N PHE F 88 8.74 -1.35 -0.85
CA PHE F 88 9.73 -1.78 -1.84
C PHE F 88 9.41 -1.16 -3.20
N LEU F 89 8.12 -1.15 -3.56
CA LEU F 89 7.69 -0.55 -4.82
C LEU F 89 8.08 0.93 -4.93
N ASP F 90 7.71 1.71 -3.91
CA ASP F 90 8.08 3.12 -3.83
C ASP F 90 9.58 3.32 -4.05
N ILE F 91 10.35 2.61 -3.23
CA ILE F 91 11.80 2.72 -3.29
C ILE F 91 12.33 2.44 -4.69
N TRP F 92 11.87 1.35 -5.31
CA TRP F 92 12.38 0.99 -6.62
C TRP F 92 11.99 1.94 -7.74
N THR F 93 10.75 2.45 -7.69
CA THR F 93 10.33 3.46 -8.67
C THR F 93 11.20 4.71 -8.54
N TYR F 94 11.35 5.17 -7.30
CA TYR F 94 12.23 6.30 -6.98
C TYR F 94 13.62 6.12 -7.59
N ASN F 95 14.24 4.99 -7.27
CA ASN F 95 15.57 4.66 -7.75
C ASN F 95 15.66 4.67 -9.28
N ALA F 96 14.71 4.01 -9.93
CA ALA F 96 14.71 3.93 -11.39
C ALA F 96 14.67 5.32 -12.02
N GLU F 97 13.62 6.08 -11.67
CA GLU F 97 13.43 7.40 -12.24
C GLU F 97 14.64 8.31 -12.01
N LEU F 98 15.08 8.38 -10.75
CA LEU F 98 16.23 9.21 -10.41
C LEU F 98 17.49 8.84 -11.20
N LEU F 99 17.81 7.54 -11.19
CA LEU F 99 18.97 7.04 -11.92
C LEU F 99 18.93 7.45 -13.39
N VAL F 100 17.78 7.23 -14.02
CA VAL F 100 17.64 7.60 -15.43
C VAL F 100 17.85 9.09 -15.65
N LEU F 101 17.26 9.92 -14.78
CA LEU F 101 17.48 11.37 -14.87
C LEU F 101 18.97 11.75 -14.81
N LEU F 102 19.63 11.36 -13.72
CA LEU F 102 21.04 11.67 -13.50
C LEU F 102 21.88 11.23 -14.69
N GLU F 103 21.69 9.98 -15.10
CA GLU F 103 22.47 9.43 -16.20
C GLU F 103 22.22 10.17 -17.51
N ASN F 104 20.99 10.60 -17.75
CA ASN F 104 20.69 11.37 -18.95
C ASN F 104 21.45 12.70 -18.96
N GLU F 105 21.36 13.42 -17.84
CA GLU F 105 22.11 14.67 -17.69
C GLU F 105 23.60 14.45 -17.98
N ARG F 106 24.19 13.51 -17.26
CA ARG F 106 25.61 13.20 -17.42
C ARG F 106 25.97 12.82 -18.85
N THR F 107 25.05 12.16 -19.55
CA THR F 107 25.29 11.75 -20.93
C THR F 107 25.36 12.98 -21.85
N LEU F 108 24.35 13.84 -21.73
CA LEU F 108 24.33 15.07 -22.52
C LEU F 108 25.63 15.86 -22.32
N ASP F 109 25.96 16.08 -21.05
CA ASP F 109 27.19 16.82 -20.73
C ASP F 109 28.44 16.11 -21.24
N PHE F 110 28.40 14.78 -21.27
CA PHE F 110 29.51 13.99 -21.80
C PHE F 110 29.71 14.27 -23.28
N HIS F 111 28.62 14.28 -24.04
CA HIS F 111 28.70 14.61 -25.46
C HIS F 111 29.24 16.03 -25.68
N ASP F 112 28.70 16.98 -24.92
CA ASP F 112 29.22 18.35 -24.95
C ASP F 112 30.75 18.36 -24.78
N SER F 113 31.19 17.65 -23.74
CA SER F 113 32.60 17.50 -23.42
C SER F 113 33.41 16.99 -24.61
N ASN F 114 32.94 15.90 -25.21
CA ASN F 114 33.65 15.32 -26.35
C ASN F 114 33.77 16.29 -27.51
N VAL F 115 32.68 16.97 -27.83
CA VAL F 115 32.71 17.96 -28.91
C VAL F 115 33.76 19.04 -28.62
N LYS F 116 33.68 19.66 -27.44
CA LYS F 116 34.65 20.70 -27.10
C LYS F 116 36.08 20.18 -27.15
N ASN F 117 36.29 18.95 -26.67
CA ASN F 117 37.62 18.34 -26.70
C ASN F 117 38.16 18.20 -28.11
N LEU F 118 37.29 17.75 -29.02
CA LEU F 118 37.67 17.63 -30.43
C LEU F 118 38.07 18.98 -31.00
N TYR F 119 37.21 19.98 -30.76
CA TYR F 119 37.47 21.33 -31.21
C TYR F 119 38.81 21.88 -30.71
N GLU F 120 39.08 21.68 -29.42
CA GLU F 120 40.32 22.14 -28.80
C GLU F 120 41.53 21.41 -29.38
N LYS F 121 41.39 20.12 -29.64
CA LYS F 121 42.48 19.33 -30.20
C LYS F 121 42.85 19.82 -31.60
N VAL F 122 41.83 20.00 -32.44
CA VAL F 122 42.04 20.53 -33.79
C VAL F 122 42.67 21.92 -33.73
N LYS F 123 42.10 22.78 -32.89
CA LYS F 123 42.62 24.14 -32.71
C LYS F 123 44.09 24.15 -32.32
N SER F 124 44.46 23.29 -31.38
CA SER F 124 45.85 23.18 -30.93
C SER F 124 46.73 22.60 -32.03
N GLN F 125 46.14 21.81 -32.92
CA GLN F 125 46.87 21.31 -34.08
C GLN F 125 47.19 22.43 -35.07
N LEU F 126 46.21 23.30 -35.33
CA LEU F 126 46.37 24.34 -36.35
C LEU F 126 47.14 25.57 -35.88
N LYS F 127 46.95 25.96 -34.63
CA LYS F 127 47.57 27.17 -34.06
C LYS F 127 47.23 28.42 -34.88
N ASN F 128 48.25 29.22 -35.18
CA ASN F 128 48.05 30.48 -35.88
C ASN F 128 48.12 30.36 -37.41
N ASN F 129 48.03 29.14 -37.92
CA ASN F 129 48.00 28.91 -39.35
C ASN F 129 46.58 29.00 -39.91
N ALA F 130 45.65 29.38 -39.04
CA ALA F 130 44.26 29.59 -39.41
C ALA F 130 43.59 30.52 -38.40
N LYS F 131 42.38 30.99 -38.72
CA LYS F 131 41.67 31.88 -37.82
C LYS F 131 40.28 31.36 -37.48
N GLU F 132 39.87 31.58 -36.23
CA GLU F 132 38.56 31.13 -35.77
C GLU F 132 37.46 32.10 -36.20
N ILE F 133 36.64 31.68 -37.15
CA ILE F 133 35.59 32.54 -37.68
C ILE F 133 34.25 32.29 -37.00
N GLY F 134 34.28 31.62 -35.86
CA GLY F 134 33.06 31.32 -35.12
C GLY F 134 32.35 30.10 -35.65
N ASN F 135 31.28 29.69 -34.95
CA ASN F 135 30.48 28.52 -35.31
C ASN F 135 31.32 27.24 -35.35
N GLY F 136 32.43 27.25 -34.63
CA GLY F 136 33.31 26.09 -34.57
C GLY F 136 34.03 25.82 -35.88
N CYS F 137 34.20 26.87 -36.68
CA CYS F 137 34.86 26.74 -37.97
C CYS F 137 36.19 27.49 -38.03
N PHE F 138 37.14 26.95 -38.79
CA PHE F 138 38.42 27.60 -39.00
C PHE F 138 38.58 28.00 -40.46
N GLU F 139 39.14 29.18 -40.68
CA GLU F 139 39.45 29.61 -42.04
C GLU F 139 40.97 29.58 -42.21
N PHE F 140 41.43 28.89 -43.26
CA PHE F 140 42.86 28.71 -43.50
C PHE F 140 43.54 29.97 -44.04
N TYR F 141 44.81 30.14 -43.66
CA TYR F 141 45.66 31.17 -44.23
C TYR F 141 46.44 30.63 -45.41
N HIS F 142 45.97 29.51 -45.97
CA HIS F 142 46.64 28.87 -47.10
C HIS F 142 45.73 27.89 -47.82
N LYS F 143 46.23 27.31 -48.90
CA LYS F 143 45.49 26.31 -49.66
C LYS F 143 45.54 24.97 -48.95
N CYS F 144 44.45 24.21 -49.03
CA CYS F 144 44.40 22.90 -48.39
C CYS F 144 43.56 21.91 -49.19
N ASP F 145 44.22 20.95 -49.82
CA ASP F 145 43.54 19.92 -50.60
C ASP F 145 42.94 18.85 -49.70
N ASN F 146 42.50 17.74 -50.30
CA ASN F 146 41.93 16.64 -49.55
C ASN F 146 42.97 15.95 -48.67
N GLU F 147 44.22 15.95 -49.14
CA GLU F 147 45.32 15.33 -48.42
C GLU F 147 45.63 16.09 -47.13
N CYS F 148 45.55 17.42 -47.21
CA CYS F 148 45.77 18.28 -46.04
C CYS F 148 44.66 18.09 -45.00
N MET F 149 43.42 18.14 -45.47
CA MET F 149 42.26 17.93 -44.63
C MET F 149 42.35 16.57 -43.95
N GLU F 150 42.77 15.56 -44.71
CA GLU F 150 42.96 14.22 -44.17
C GLU F 150 44.08 14.20 -43.13
N SER F 151 45.12 15.01 -43.36
CA SER F 151 46.21 15.11 -42.40
C SER F 151 45.72 15.71 -41.10
N VAL F 152 44.74 16.62 -41.20
CA VAL F 152 44.14 17.21 -40.01
C VAL F 152 43.25 16.20 -39.29
N ARG F 153 42.45 15.47 -40.06
CA ARG F 153 41.50 14.51 -39.50
C ARG F 153 42.16 13.43 -38.65
N ASN F 154 43.18 12.77 -39.19
CA ASN F 154 43.75 11.63 -38.48
C ASN F 154 44.93 12.06 -37.60
N GLY F 155 44.93 13.33 -37.22
CA GLY F 155 45.83 13.84 -36.20
C GLY F 155 47.29 13.96 -36.59
N THR F 156 47.54 14.38 -37.82
CA THR F 156 48.92 14.48 -38.31
C THR F 156 49.16 15.77 -39.12
N TYR F 157 48.64 16.88 -38.64
CA TYR F 157 48.85 18.16 -39.33
C TYR F 157 50.32 18.60 -39.21
N ASP F 158 50.83 19.21 -40.26
CA ASP F 158 52.21 19.67 -40.29
C ASP F 158 52.30 21.19 -40.24
N TYR F 159 52.63 21.74 -39.07
CA TYR F 159 52.72 23.17 -38.88
C TYR F 159 53.89 23.84 -39.65
N PRO F 160 55.11 23.29 -39.55
CA PRO F 160 56.21 23.95 -40.29
C PRO F 160 56.04 23.91 -41.80
N LYS F 161 55.22 22.98 -42.28
CA LYS F 161 55.01 22.81 -43.72
C LYS F 161 54.28 23.99 -44.34
N TYR F 162 53.40 24.62 -43.57
CA TYR F 162 52.58 25.72 -44.08
C TYR F 162 52.80 27.01 -43.29
N SER F 163 53.71 26.96 -42.32
CA SER F 163 53.97 28.11 -41.46
C SER F 163 54.37 29.37 -42.25
N GLU F 164 55.16 29.18 -43.29
CA GLU F 164 55.65 30.30 -44.10
C GLU F 164 54.54 30.94 -44.92
N GLU F 165 53.82 30.12 -45.67
CA GLU F 165 52.71 30.59 -46.50
C GLU F 165 51.62 31.26 -45.67
N SER F 166 51.29 30.63 -44.54
CA SER F 166 50.33 31.18 -43.60
C SER F 166 50.83 32.51 -43.06
N LYS F 167 52.12 32.57 -42.73
CA LYS F 167 52.75 33.80 -42.25
C LYS F 167 52.62 34.91 -43.31
N LEU F 168 52.67 34.51 -44.58
CA LEU F 168 52.51 35.45 -45.67
C LEU F 168 51.08 35.99 -45.75
N ASN F 169 50.12 35.07 -45.84
CA ASN F 169 48.71 35.48 -45.97
C ASN F 169 48.17 36.18 -44.73
N ARG F 170 48.85 36.01 -43.60
CA ARG F 170 48.44 36.64 -42.35
C ARG F 170 48.72 38.15 -42.37
N GLU F 171 49.91 38.50 -42.85
CA GLU F 171 50.37 39.89 -42.96
C GLU F 171 50.08 40.72 -41.73
N ASP G 1 38.87 52.27 -21.17
CA ASP G 1 37.51 51.78 -21.01
C ASP G 1 37.51 50.28 -20.78
N THR G 2 36.73 49.82 -19.79
CA THR G 2 36.74 48.42 -19.39
C THR G 2 35.34 47.84 -19.15
N ILE G 3 35.22 46.53 -19.31
CA ILE G 3 34.00 45.79 -18.98
C ILE G 3 34.37 44.49 -18.28
N CYS G 4 33.55 44.06 -17.33
CA CYS G 4 33.87 42.89 -16.51
C CYS G 4 32.70 41.93 -16.36
N ILE G 5 32.99 40.63 -16.39
CA ILE G 5 31.98 39.60 -16.15
C ILE G 5 32.15 39.01 -14.75
N GLY G 6 31.07 39.07 -13.97
CA GLY G 6 31.09 38.60 -12.60
C GLY G 6 29.76 37.99 -12.18
N TYR G 7 29.67 37.58 -10.92
CA TYR G 7 28.49 36.89 -10.43
C TYR G 7 27.95 37.50 -9.13
N HIS G 8 26.73 37.09 -8.78
CA HIS G 8 26.00 37.68 -7.66
C HIS G 8 26.63 37.41 -6.29
N ALA G 9 26.34 38.29 -5.34
CA ALA G 9 26.66 38.09 -3.94
C ALA G 9 25.71 38.89 -3.06
N ASN G 10 25.46 38.41 -1.85
CA ASN G 10 24.55 39.09 -0.92
C ASN G 10 24.84 38.71 0.54
N ASN G 11 23.97 39.17 1.46
CA ASN G 11 24.22 38.98 2.89
C ASN G 11 23.75 37.63 3.42
N SER G 12 23.45 36.70 2.52
CA SER G 12 23.03 35.35 2.93
C SER G 12 24.11 34.61 3.69
N THR G 13 23.74 33.98 4.79
CA THR G 13 24.66 33.16 5.56
C THR G 13 24.22 31.69 5.49
N ASP G 14 23.34 31.39 4.54
CA ASP G 14 22.87 30.03 4.31
C ASP G 14 24.03 29.11 4.01
N THR G 15 24.06 27.95 4.66
CA THR G 15 25.12 26.99 4.46
C THR G 15 24.58 25.65 3.98
N VAL G 16 25.28 25.03 3.05
CA VAL G 16 24.90 23.73 2.52
C VAL G 16 26.11 22.81 2.43
N ASP G 17 25.85 21.51 2.51
CA ASP G 17 26.93 20.53 2.39
C ASP G 17 26.94 19.92 1.00
N THR G 18 28.13 19.61 0.52
CA THR G 18 28.28 18.89 -0.73
C THR G 18 29.05 17.61 -0.46
N VAL G 19 29.30 16.85 -1.51
CA VAL G 19 30.08 15.63 -1.41
C VAL G 19 31.54 15.97 -1.14
N LEU G 20 32.02 17.04 -1.76
CA LEU G 20 33.42 17.45 -1.64
C LEU G 20 33.71 18.34 -0.45
N GLU G 21 32.78 19.24 -0.14
CA GLU G 21 33.02 20.25 0.89
C GLU G 21 31.80 20.44 1.78
N LYS G 22 32.03 20.49 3.09
CA LYS G 22 30.96 20.74 4.03
C LYS G 22 30.82 22.23 4.33
N ASN G 23 29.60 22.65 4.65
CA ASN G 23 29.32 23.98 5.18
C ASN G 23 29.74 25.08 4.20
N VAL G 24 29.14 25.05 3.01
CA VAL G 24 29.41 26.07 2.00
C VAL G 24 28.38 27.17 2.07
N THR G 25 28.83 28.41 2.24
CA THR G 25 27.92 29.54 2.30
C THR G 25 27.44 29.88 0.88
N VAL G 26 26.13 30.09 0.75
CA VAL G 26 25.54 30.29 -0.57
C VAL G 26 24.52 31.44 -0.57
N THR G 27 24.22 31.95 -1.77
CA THR G 27 23.36 33.11 -1.92
C THR G 27 21.87 32.78 -1.82
N HIS G 28 21.48 31.63 -2.33
CA HIS G 28 20.08 31.21 -2.31
C HIS G 28 19.95 29.72 -2.07
N SER G 29 18.97 29.34 -1.26
CA SER G 29 18.74 27.94 -0.94
C SER G 29 17.32 27.70 -0.45
N VAL G 30 16.83 26.47 -0.65
CA VAL G 30 15.53 26.08 -0.14
C VAL G 30 15.70 24.99 0.91
N ASN G 31 14.86 25.04 1.94
CA ASN G 31 14.86 24.01 2.95
C ASN G 31 13.81 22.96 2.66
N LEU G 32 14.24 21.70 2.56
CA LEU G 32 13.34 20.62 2.20
C LEU G 32 12.87 19.81 3.42
N LEU G 33 13.38 20.18 4.59
CA LEU G 33 13.11 19.41 5.80
C LEU G 33 12.25 20.19 6.79
N GLU G 34 11.00 19.77 6.94
CA GLU G 34 10.09 20.40 7.90
C GLU G 34 10.37 19.93 9.31
N ASP G 35 10.51 20.88 10.24
CA ASP G 35 10.87 20.58 11.61
C ASP G 35 9.95 21.29 12.60
N SER G 36 8.88 21.88 12.08
CA SER G 36 7.99 22.69 12.90
C SER G 36 6.56 22.14 12.94
N HIS G 37 6.02 22.06 14.15
CA HIS G 37 4.63 21.65 14.36
C HIS G 37 3.98 22.56 15.40
N ASN G 38 2.65 22.52 15.49
CA ASN G 38 1.93 23.48 16.34
C ASN G 38 1.56 22.94 17.72
N GLY G 39 2.00 21.73 18.04
CA GLY G 39 1.79 21.15 19.35
C GLY G 39 0.33 20.94 19.73
N LYS G 40 -0.54 20.84 18.73
CA LYS G 40 -1.97 20.74 18.97
C LYS G 40 -2.60 19.54 18.28
N LEU G 41 -3.54 18.89 18.94
CA LEU G 41 -4.39 17.92 18.27
C LEU G 41 -5.45 18.69 17.48
N CYS G 42 -5.52 18.42 16.18
CA CYS G 42 -6.36 19.22 15.29
C CYS G 42 -7.35 18.37 14.51
N ARG G 43 -8.34 19.03 13.93
CA ARG G 43 -9.24 18.39 12.97
C ARG G 43 -8.46 17.99 11.73
N LEU G 44 -8.79 16.84 11.17
CA LEU G 44 -8.15 16.39 9.94
C LEU G 44 -9.15 16.45 8.79
N LYS G 45 -8.91 17.37 7.86
CA LYS G 45 -9.81 17.61 6.74
C LYS G 45 -11.23 17.86 7.22
N GLY G 46 -11.36 18.68 8.26
CA GLY G 46 -12.65 19.11 8.76
C GLY G 46 -13.30 18.17 9.76
N ILE G 47 -12.70 17.01 9.98
CA ILE G 47 -13.28 16.02 10.88
C ILE G 47 -12.46 15.88 12.16
N ALA G 48 -13.12 16.08 13.30
CA ALA G 48 -12.46 16.00 14.60
C ALA G 48 -12.11 14.56 14.97
N PRO G 49 -11.03 14.38 15.75
CA PRO G 49 -10.64 13.04 16.21
C PRO G 49 -11.55 12.51 17.31
N LEU G 50 -11.42 11.22 17.59
CA LEU G 50 -12.13 10.61 18.71
C LEU G 50 -11.19 10.46 19.90
N GLN G 51 -11.34 11.34 20.88
CA GLN G 51 -10.51 11.28 22.07
C GLN G 51 -11.18 10.39 23.12
N LEU G 52 -10.42 9.43 23.64
CA LEU G 52 -10.97 8.45 24.58
C LEU G 52 -10.75 8.88 26.03
N GLY G 53 -9.94 9.92 26.23
CA GLY G 53 -9.67 10.43 27.56
C GLY G 53 -9.01 9.42 28.49
N LYS G 54 -9.65 9.19 29.63
CA LYS G 54 -9.13 8.26 30.62
C LYS G 54 -9.15 6.82 30.15
N CYS G 55 -9.94 6.55 29.11
CA CYS G 55 -10.10 5.20 28.60
C CYS G 55 -9.08 4.85 27.52
N ASN G 56 -8.81 3.56 27.37
CA ASN G 56 -8.16 3.03 26.18
C ASN G 56 -9.23 2.34 25.34
N ILE G 57 -8.84 1.76 24.21
CA ILE G 57 -9.81 1.11 23.32
C ILE G 57 -10.67 0.06 24.05
N ALA G 58 -10.02 -0.78 24.85
CA ALA G 58 -10.72 -1.85 25.56
C ALA G 58 -11.74 -1.30 26.56
N GLY G 59 -11.29 -0.35 27.38
CA GLY G 59 -12.14 0.28 28.37
C GLY G 59 -13.33 0.98 27.74
N TRP G 60 -13.13 1.48 26.53
CA TRP G 60 -14.20 2.14 25.79
C TRP G 60 -15.21 1.13 25.27
N LEU G 61 -14.73 0.11 24.57
CA LEU G 61 -15.60 -0.88 23.94
C LEU G 61 -16.40 -1.67 24.96
N LEU G 62 -15.75 -2.09 26.04
CA LEU G 62 -16.44 -2.83 27.09
C LEU G 62 -17.38 -1.93 27.87
N GLY G 63 -17.09 -0.63 27.88
CA GLY G 63 -17.91 0.33 28.60
C GLY G 63 -17.52 0.52 30.05
N ASN G 64 -16.23 0.75 30.30
CA ASN G 64 -15.74 1.02 31.64
C ASN G 64 -16.42 2.25 32.23
N PRO G 65 -17.03 2.09 33.42
CA PRO G 65 -17.83 3.12 34.08
C PRO G 65 -17.03 4.36 34.49
N GLU G 66 -15.72 4.21 34.65
CA GLU G 66 -14.88 5.31 35.12
C GLU G 66 -14.63 6.38 34.06
N CYS G 67 -15.06 6.11 32.83
CA CYS G 67 -14.87 7.05 31.73
C CYS G 67 -16.18 7.75 31.36
N ASP G 68 -16.10 9.06 31.12
CA ASP G 68 -17.27 9.83 30.74
C ASP G 68 -17.87 9.28 29.44
N PRO G 69 -19.15 8.93 29.47
CA PRO G 69 -19.85 8.32 28.34
C PRO G 69 -19.90 9.22 27.11
N LEU G 70 -19.60 8.65 25.94
CA LEU G 70 -19.62 9.40 24.69
C LEU G 70 -21.02 9.49 24.11
N LEU G 71 -21.16 10.27 23.05
CA LEU G 71 -22.39 10.34 22.28
C LEU G 71 -22.73 8.98 21.67
N PRO G 72 -24.03 8.71 21.45
CA PRO G 72 -24.44 7.44 20.83
C PRO G 72 -23.88 7.25 19.43
N VAL G 73 -23.66 8.35 18.72
CA VAL G 73 -23.17 8.31 17.36
C VAL G 73 -21.96 9.23 17.18
N ARG G 74 -20.85 8.68 16.71
CA ARG G 74 -19.65 9.49 16.50
C ARG G 74 -18.98 9.22 15.15
N SER G 75 -18.44 10.28 14.57
CA SER G 75 -17.57 10.18 13.39
C SER G 75 -16.22 10.78 13.71
N TRP G 76 -15.15 10.18 13.17
CA TRP G 76 -13.82 10.71 13.43
C TRP G 76 -12.87 10.56 12.25
N SER G 77 -11.69 11.17 12.37
CA SER G 77 -10.66 11.09 11.36
C SER G 77 -9.49 10.24 11.88
N TYR G 78 -9.35 10.20 13.19
CA TYR G 78 -8.38 9.34 13.85
C TYR G 78 -8.70 9.22 15.33
N ILE G 79 -8.27 8.11 15.94
CA ILE G 79 -8.54 7.84 17.35
C ILE G 79 -7.32 8.18 18.20
N VAL G 80 -7.55 8.85 19.32
CA VAL G 80 -6.46 9.23 20.22
C VAL G 80 -6.56 8.58 21.58
N GLU G 81 -5.55 7.80 21.94
CA GLU G 81 -5.42 7.25 23.29
C GLU G 81 -4.41 8.05 24.09
N THR G 82 -4.75 8.37 25.34
CA THR G 82 -3.78 9.01 26.22
C THR G 82 -2.77 7.98 26.69
N PRO G 83 -1.51 8.39 26.88
CA PRO G 83 -0.44 7.48 27.33
C PRO G 83 -0.75 6.84 28.67
N ASN G 84 -1.32 7.62 29.58
CA ASN G 84 -1.61 7.16 30.92
C ASN G 84 -3.07 6.77 31.11
N SER G 85 -3.47 5.66 30.48
CA SER G 85 -4.85 5.19 30.59
C SER G 85 -4.95 4.14 31.69
N GLU G 86 -5.43 4.57 32.87
CA GLU G 86 -5.58 3.67 34.00
C GLU G 86 -6.89 2.91 33.88
N ASN G 87 -7.76 3.39 33.00
CA ASN G 87 -9.07 2.76 32.80
C ASN G 87 -9.12 1.93 31.53
N GLY G 88 -9.17 0.62 31.70
CA GLY G 88 -9.31 -0.31 30.60
C GLY G 88 -10.12 -1.52 31.00
N ILE G 89 -9.47 -2.68 31.01
CA ILE G 89 -10.08 -3.89 31.53
C ILE G 89 -10.09 -3.82 33.05
N CYS G 90 -11.26 -3.57 33.64
CA CYS G 90 -11.36 -3.40 35.09
C CYS G 90 -11.67 -4.69 35.82
N TYR G 91 -12.26 -5.66 35.12
CA TYR G 91 -12.37 -7.00 35.68
C TYR G 91 -11.37 -7.92 35.00
N PRO G 92 -10.43 -8.47 35.79
CA PRO G 92 -9.27 -9.22 35.30
C PRO G 92 -9.63 -10.34 34.33
N GLY G 93 -8.82 -10.50 33.29
CA GLY G 93 -9.04 -11.51 32.28
C GLY G 93 -8.41 -11.16 30.95
N ASP G 94 -8.66 -11.97 29.94
CA ASP G 94 -8.04 -11.77 28.64
C ASP G 94 -9.03 -11.28 27.58
N PHE G 95 -8.63 -10.24 26.85
CA PHE G 95 -9.40 -9.75 25.72
C PHE G 95 -8.91 -10.45 24.46
N ILE G 96 -9.65 -11.46 24.03
CA ILE G 96 -9.21 -12.33 22.94
C ILE G 96 -9.22 -11.61 21.59
N ASP G 97 -8.11 -11.74 20.85
CA ASP G 97 -7.91 -11.06 19.57
C ASP G 97 -8.10 -9.54 19.68
N TYR G 98 -7.61 -8.99 20.78
CA TYR G 98 -7.71 -7.55 21.03
C TYR G 98 -6.98 -6.70 19.98
N GLU G 99 -5.74 -7.07 19.68
CA GLU G 99 -4.93 -6.33 18.73
C GLU G 99 -5.57 -6.30 17.34
N GLU G 100 -6.14 -7.44 16.94
CA GLU G 100 -6.83 -7.55 15.67
C GLU G 100 -8.05 -6.64 15.63
N LEU G 101 -8.71 -6.50 16.78
CA LEU G 101 -9.85 -5.60 16.89
C LEU G 101 -9.40 -4.15 16.77
N ARG G 102 -8.24 -3.83 17.33
CA ARG G 102 -7.67 -2.51 17.15
C ARG G 102 -7.42 -2.24 15.66
N GLU G 103 -6.87 -3.25 14.99
CA GLU G 103 -6.58 -3.12 13.57
C GLU G 103 -7.86 -2.92 12.76
N GLN G 104 -8.93 -3.59 13.17
CA GLN G 104 -10.24 -3.36 12.56
C GLN G 104 -10.69 -1.91 12.77
N LEU G 105 -10.55 -1.43 14.00
CA LEU G 105 -10.93 -0.07 14.34
C LEU G 105 -10.11 0.98 13.58
N SER G 106 -8.92 0.60 13.13
CA SER G 106 -8.05 1.52 12.39
C SER G 106 -8.64 1.96 11.05
N SER G 107 -9.61 1.21 10.55
CA SER G 107 -10.25 1.56 9.27
C SER G 107 -11.74 1.88 9.46
N VAL G 108 -12.12 2.13 10.71
CA VAL G 108 -13.48 2.52 11.04
C VAL G 108 -13.57 4.04 11.18
N SER G 109 -14.59 4.63 10.57
CA SER G 109 -14.72 6.09 10.55
C SER G 109 -15.91 6.59 11.38
N SER G 110 -16.77 5.66 11.78
CA SER G 110 -18.00 6.04 12.48
C SER G 110 -18.59 4.88 13.29
N PHE G 111 -19.19 5.20 14.43
CA PHE G 111 -19.94 4.18 15.15
C PHE G 111 -21.29 4.70 15.67
N GLU G 112 -22.27 3.81 15.69
CA GLU G 112 -23.54 4.03 16.37
C GLU G 112 -23.69 3.01 17.48
N ARG G 113 -23.71 3.50 18.72
CA ARG G 113 -23.96 2.64 19.88
C ARG G 113 -25.47 2.41 20.03
N PHE G 114 -25.88 1.15 20.11
CA PHE G 114 -27.30 0.83 20.22
C PHE G 114 -27.53 -0.42 21.07
N GLU G 115 -28.71 -0.48 21.69
CA GLU G 115 -29.06 -1.55 22.61
C GLU G 115 -29.51 -2.82 21.88
N ILE G 116 -28.62 -3.81 21.80
CA ILE G 116 -28.89 -5.03 21.04
C ILE G 116 -29.76 -6.03 21.82
N PHE G 117 -29.51 -6.16 23.11
CA PHE G 117 -30.33 -7.00 23.97
C PHE G 117 -30.74 -6.20 25.20
N PRO G 118 -31.90 -5.58 25.15
CA PRO G 118 -32.42 -4.76 26.23
C PRO G 118 -32.41 -5.41 27.58
N LYS G 119 -31.85 -4.67 28.52
CA LYS G 119 -31.72 -5.11 29.89
C LYS G 119 -32.86 -5.93 30.41
N GLU G 120 -33.95 -5.28 30.76
CA GLU G 120 -35.07 -6.00 31.32
C GLU G 120 -36.06 -6.34 30.26
N SER G 121 -35.93 -7.53 29.70
CA SER G 121 -36.82 -8.05 28.66
C SER G 121 -36.21 -9.15 27.82
N SER G 122 -34.89 -9.23 27.78
CA SER G 122 -34.26 -10.23 26.93
C SER G 122 -33.85 -11.49 27.61
N TRP G 123 -33.68 -11.40 28.91
CA TRP G 123 -33.27 -12.56 29.70
C TRP G 123 -34.28 -12.79 30.81
N PRO G 124 -35.46 -13.34 30.46
CA PRO G 124 -36.43 -13.67 31.49
C PRO G 124 -35.93 -14.80 32.37
N ASN G 125 -36.35 -14.81 33.64
CA ASN G 125 -35.95 -15.84 34.60
C ASN G 125 -34.45 -15.83 34.90
N HIS G 126 -33.81 -14.69 34.67
CA HIS G 126 -32.41 -14.49 35.02
C HIS G 126 -32.21 -13.15 35.72
N ASN G 127 -31.29 -13.10 36.68
CA ASN G 127 -30.94 -11.84 37.34
C ASN G 127 -29.95 -11.05 36.51
N THR G 128 -30.22 -9.75 36.35
CA THR G 128 -29.38 -8.88 35.54
C THR G 128 -28.80 -7.74 36.38
N ASN G 129 -28.60 -8.00 37.67
CA ASN G 129 -28.21 -6.96 38.61
C ASN G 129 -26.78 -7.12 39.12
N GLY G 130 -26.10 -8.17 38.67
CA GLY G 130 -24.75 -8.48 39.12
C GLY G 130 -23.78 -7.32 38.98
N VAL G 131 -23.01 -7.07 40.03
CA VAL G 131 -21.97 -6.04 40.00
C VAL G 131 -20.70 -6.56 40.66
N THR G 132 -19.68 -5.71 40.72
CA THR G 132 -18.40 -6.07 41.31
C THR G 132 -17.63 -4.82 41.71
N ALA G 133 -16.72 -4.97 42.66
CA ALA G 133 -15.94 -3.84 43.15
C ALA G 133 -14.74 -3.56 42.25
N ALA G 134 -14.38 -4.55 41.43
CA ALA G 134 -13.32 -4.37 40.45
C ALA G 134 -13.70 -3.30 39.43
N CYS G 135 -14.99 -3.19 39.14
CA CYS G 135 -15.50 -2.16 38.25
C CYS G 135 -16.25 -1.10 39.03
N SER G 136 -15.54 -0.39 39.90
CA SER G 136 -16.16 0.62 40.74
C SER G 136 -16.45 1.90 39.95
N HIS G 137 -17.48 2.62 40.38
CA HIS G 137 -17.80 3.93 39.82
C HIS G 137 -18.46 4.80 40.88
N GLU G 138 -17.84 5.94 41.16
CA GLU G 138 -18.31 6.85 42.21
C GLU G 138 -18.41 6.13 43.55
N GLY G 139 -17.43 5.27 43.84
CA GLY G 139 -17.36 4.57 45.11
C GLY G 139 -18.11 3.26 45.12
N LYS G 140 -19.30 3.26 44.51
CA LYS G 140 -20.15 2.08 44.49
C LYS G 140 -19.67 1.02 43.51
N SER G 141 -19.88 -0.25 43.87
CA SER G 141 -19.58 -1.35 42.97
C SER G 141 -20.49 -1.27 41.74
N SER G 142 -19.93 -1.53 40.57
CA SER G 142 -20.68 -1.41 39.32
C SER G 142 -20.26 -2.47 38.31
N PHE G 143 -20.52 -2.18 37.03
CA PHE G 143 -20.19 -3.12 35.97
C PHE G 143 -20.11 -2.40 34.63
N TYR G 144 -19.58 -3.09 33.63
CA TYR G 144 -19.45 -2.56 32.28
C TYR G 144 -20.77 -2.02 31.73
N ARG G 145 -20.70 -0.88 31.05
CA ARG G 145 -21.90 -0.23 30.51
C ARG G 145 -22.49 -1.01 29.34
N ASN G 146 -21.64 -1.72 28.61
CA ASN G 146 -22.09 -2.39 27.40
C ASN G 146 -22.29 -3.89 27.58
N LEU G 147 -22.06 -4.37 28.80
CA LEU G 147 -22.25 -5.79 29.11
C LEU G 147 -23.20 -5.98 30.28
N LEU G 148 -23.72 -7.20 30.42
CA LEU G 148 -24.70 -7.51 31.44
C LEU G 148 -24.38 -8.84 32.09
N TRP G 149 -24.23 -8.84 33.41
CA TRP G 149 -23.88 -10.04 34.15
C TRP G 149 -25.14 -10.81 34.55
N LEU G 150 -25.45 -11.83 33.78
CA LEU G 150 -26.62 -12.67 34.06
C LEU G 150 -26.30 -13.68 35.14
N THR G 151 -27.03 -13.60 36.25
CA THR G 151 -26.84 -14.53 37.36
C THR G 151 -28.11 -15.34 37.63
N GLU G 152 -28.00 -16.29 38.56
CA GLU G 152 -29.12 -17.16 38.92
C GLU G 152 -30.28 -16.37 39.50
N LYS G 153 -31.48 -16.80 39.14
CA LYS G 153 -32.71 -16.19 39.65
C LYS G 153 -33.58 -17.25 40.32
N GLU G 154 -33.83 -17.06 41.61
CA GLU G 154 -34.63 -17.98 42.41
C GLU G 154 -34.06 -19.40 42.39
N GLY G 155 -32.75 -19.51 42.57
CA GLY G 155 -32.11 -20.80 42.72
C GLY G 155 -32.04 -21.61 41.43
N SER G 156 -32.24 -20.96 40.30
CA SER G 156 -32.18 -21.66 39.01
C SER G 156 -31.61 -20.79 37.88
N TYR G 157 -30.87 -21.41 36.98
CA TYR G 157 -30.38 -20.73 35.79
C TYR G 157 -30.84 -21.50 34.55
N PRO G 158 -32.03 -21.13 34.04
CA PRO G 158 -32.62 -21.79 32.87
C PRO G 158 -31.77 -21.59 31.61
N LYS G 159 -31.79 -22.57 30.72
CA LYS G 159 -31.06 -22.46 29.46
C LYS G 159 -31.63 -21.31 28.63
N LEU G 160 -30.82 -20.28 28.44
CA LEU G 160 -31.25 -19.12 27.65
C LEU G 160 -30.82 -19.26 26.21
N LYS G 161 -31.66 -18.74 25.32
CA LYS G 161 -31.39 -18.74 23.89
C LYS G 161 -32.01 -17.51 23.25
N ASN G 162 -31.19 -16.51 22.98
CA ASN G 162 -31.65 -15.30 22.33
C ASN G 162 -30.85 -15.02 21.07
N SER G 163 -31.42 -14.24 20.15
CA SER G 163 -30.74 -13.96 18.90
C SER G 163 -31.01 -12.54 18.42
N TYR G 164 -30.05 -11.99 17.67
CA TYR G 164 -30.21 -10.68 17.07
C TYR G 164 -29.98 -10.74 15.56
N VAL G 165 -30.85 -10.06 14.83
CA VAL G 165 -30.72 -9.97 13.38
C VAL G 165 -30.24 -8.57 12.98
N ASN G 166 -29.11 -8.52 12.28
CA ASN G 166 -28.49 -7.25 11.92
C ASN G 166 -29.23 -6.55 10.77
N LYS G 167 -30.11 -5.63 11.13
CA LYS G 167 -30.85 -4.87 10.13
C LYS G 167 -30.40 -3.40 10.11
N LYS G 168 -29.16 -3.17 10.55
CA LYS G 168 -28.60 -1.82 10.59
C LYS G 168 -28.03 -1.41 9.23
N GLY G 169 -27.81 -2.39 8.36
CA GLY G 169 -27.23 -2.15 7.05
C GLY G 169 -25.74 -1.89 7.12
N LYS G 170 -25.14 -2.18 8.27
CA LYS G 170 -23.70 -2.01 8.47
C LYS G 170 -23.15 -3.15 9.31
N GLU G 171 -21.83 -3.32 9.30
CA GLU G 171 -21.20 -4.27 10.19
C GLU G 171 -21.56 -3.93 11.63
N VAL G 172 -21.82 -4.95 12.45
CA VAL G 172 -22.08 -4.69 13.86
C VAL G 172 -21.09 -5.41 14.76
N LEU G 173 -20.26 -4.63 15.44
CA LEU G 173 -19.36 -5.17 16.45
C LEU G 173 -20.15 -5.57 17.68
N VAL G 174 -20.13 -6.86 17.97
CA VAL G 174 -20.79 -7.40 19.16
C VAL G 174 -19.73 -7.96 20.12
N LEU G 175 -19.80 -7.54 21.38
CA LEU G 175 -18.88 -8.02 22.41
C LEU G 175 -19.63 -8.76 23.51
N TRP G 176 -18.99 -9.78 24.07
CA TRP G 176 -19.56 -10.49 25.21
C TRP G 176 -18.43 -11.04 26.09
N GLY G 177 -18.80 -11.67 27.20
CA GLY G 177 -17.80 -12.18 28.12
C GLY G 177 -18.13 -13.55 28.67
N ILE G 178 -17.09 -14.24 29.11
CA ILE G 178 -17.24 -15.52 29.79
C ILE G 178 -16.61 -15.40 31.16
N HIS G 179 -17.40 -15.63 32.21
CA HIS G 179 -16.89 -15.56 33.57
C HIS G 179 -16.33 -16.90 34.02
N HIS G 180 -15.22 -16.85 34.74
CA HIS G 180 -14.59 -18.05 35.28
C HIS G 180 -14.41 -17.89 36.79
N PRO G 181 -15.31 -18.48 37.57
CA PRO G 181 -15.24 -18.44 39.04
C PRO G 181 -14.04 -19.19 39.60
N PRO G 182 -13.55 -18.78 40.77
CA PRO G 182 -12.38 -19.39 41.40
C PRO G 182 -12.64 -20.78 41.99
N ASN G 183 -13.91 -21.07 42.32
CA ASN G 183 -14.26 -22.34 42.93
C ASN G 183 -15.62 -22.84 42.46
N SER G 184 -15.88 -24.14 42.65
CA SER G 184 -17.14 -24.72 42.23
C SER G 184 -18.28 -24.26 43.13
N LYS G 185 -17.94 -23.80 44.33
CA LYS G 185 -18.92 -23.23 45.25
C LYS G 185 -19.57 -22.00 44.63
N GLU G 186 -18.75 -21.03 44.24
CA GLU G 186 -19.24 -19.81 43.61
C GLU G 186 -19.90 -20.12 42.27
N GLN G 187 -19.38 -21.13 41.59
CA GLN G 187 -19.96 -21.59 40.33
C GLN G 187 -21.41 -22.01 40.51
N GLN G 188 -21.66 -22.86 41.49
CA GLN G 188 -23.02 -23.30 41.79
C GLN G 188 -23.88 -22.16 42.32
N ASN G 189 -23.29 -21.31 43.15
CA ASN G 189 -24.03 -20.19 43.73
C ASN G 189 -24.45 -19.15 42.69
N LEU G 190 -23.72 -19.07 41.58
CA LEU G 190 -24.01 -18.08 40.56
C LEU G 190 -24.77 -18.62 39.35
N TYR G 191 -24.53 -19.88 39.00
CA TYR G 191 -25.07 -20.42 37.75
C TYR G 191 -25.74 -21.78 37.89
N GLN G 192 -25.65 -22.36 39.08
CA GLN G 192 -26.35 -23.60 39.43
C GLN G 192 -26.03 -24.82 38.56
N ASN G 193 -25.06 -24.69 37.66
CA ASN G 193 -24.66 -25.82 36.83
C ASN G 193 -23.14 -25.98 36.75
N GLU G 194 -22.63 -27.08 37.31
CA GLU G 194 -21.18 -27.31 37.33
C GLU G 194 -20.65 -27.69 35.95
N ASN G 195 -21.55 -28.11 35.07
CA ASN G 195 -21.18 -28.42 33.69
C ASN G 195 -21.87 -27.46 32.72
N ALA G 196 -21.56 -26.17 32.84
CA ALA G 196 -22.19 -25.16 32.02
C ALA G 196 -21.45 -24.95 30.71
N TYR G 197 -22.07 -24.21 29.79
CA TYR G 197 -21.47 -23.90 28.50
C TYR G 197 -22.12 -22.67 27.88
N VAL G 198 -21.35 -21.92 27.11
CA VAL G 198 -21.88 -20.80 26.36
C VAL G 198 -21.70 -21.06 24.87
N SER G 199 -22.70 -20.73 24.06
CA SER G 199 -22.60 -20.94 22.63
C SER G 199 -22.90 -19.67 21.85
N VAL G 200 -21.95 -19.24 21.03
CA VAL G 200 -22.18 -18.07 20.18
C VAL G 200 -22.00 -18.46 18.71
N VAL G 201 -23.03 -18.22 17.90
CA VAL G 201 -22.93 -18.55 16.47
C VAL G 201 -23.43 -17.47 15.53
N THR G 202 -22.80 -17.37 14.36
CA THR G 202 -23.33 -16.59 13.25
C THR G 202 -23.22 -17.42 11.99
N SER G 203 -23.31 -16.77 10.83
CA SER G 203 -23.15 -17.48 9.57
C SER G 203 -21.71 -17.94 9.37
N ASN G 204 -20.77 -17.17 9.91
CA ASN G 204 -19.35 -17.45 9.73
C ASN G 204 -18.58 -17.53 11.04
N TYR G 205 -19.25 -17.20 12.14
CA TYR G 205 -18.66 -17.35 13.46
C TYR G 205 -19.31 -18.53 14.17
N ASN G 206 -18.51 -19.31 14.89
CA ASN G 206 -18.99 -20.53 15.50
C ASN G 206 -18.11 -20.93 16.67
N ARG G 207 -18.46 -20.49 17.88
CA ARG G 207 -17.60 -20.80 19.02
C ARG G 207 -18.36 -21.24 20.26
N ARG G 208 -17.78 -22.22 20.95
CA ARG G 208 -18.32 -22.78 22.18
C ARG G 208 -17.34 -22.55 23.34
N PHE G 209 -17.87 -22.14 24.48
CA PHE G 209 -17.04 -21.77 25.62
C PHE G 209 -17.39 -22.61 26.84
N THR G 210 -16.37 -23.08 27.54
CA THR G 210 -16.57 -23.88 28.75
C THR G 210 -15.84 -23.23 29.92
N PRO G 211 -16.55 -23.04 31.03
CA PRO G 211 -15.96 -22.51 32.27
C PRO G 211 -14.78 -23.35 32.76
N GLU G 212 -13.73 -22.68 33.22
CA GLU G 212 -12.57 -23.37 33.75
C GLU G 212 -12.33 -22.89 35.17
N ILE G 213 -12.70 -23.75 36.12
CA ILE G 213 -12.67 -23.39 37.54
C ILE G 213 -11.38 -23.79 38.23
N ALA G 214 -10.69 -22.79 38.79
CA ALA G 214 -9.48 -23.02 39.59
C ALA G 214 -9.14 -21.76 40.37
N GLU G 215 -8.54 -21.93 41.55
CA GLU G 215 -8.11 -20.78 42.33
C GLU G 215 -6.98 -20.06 41.61
N ARG G 216 -7.08 -18.73 41.57
CA ARG G 216 -6.09 -17.93 40.86
C ARG G 216 -5.57 -16.80 41.75
N PRO G 217 -4.32 -16.36 41.50
CA PRO G 217 -3.77 -15.18 42.18
C PRO G 217 -4.69 -13.98 42.04
N LYS G 218 -4.93 -13.27 43.13
CA LYS G 218 -5.83 -12.13 43.09
C LYS G 218 -5.30 -11.04 42.16
N VAL G 219 -6.17 -10.56 41.28
CA VAL G 219 -5.87 -9.42 40.42
C VAL G 219 -7.01 -8.43 40.54
N ARG G 220 -6.69 -7.21 40.96
CA ARG G 220 -7.69 -6.22 41.32
C ARG G 220 -8.64 -6.81 42.35
N ASP G 221 -8.07 -7.55 43.30
CA ASP G 221 -8.80 -8.21 44.39
C ASP G 221 -9.83 -9.22 43.88
N GLN G 222 -9.47 -9.93 42.81
CA GLN G 222 -10.38 -10.92 42.24
C GLN G 222 -9.65 -12.23 41.91
N ALA G 223 -10.18 -13.33 42.44
CA ALA G 223 -9.63 -14.65 42.15
C ALA G 223 -10.27 -15.23 40.90
N GLY G 224 -11.37 -14.62 40.47
CA GLY G 224 -12.05 -15.05 39.26
C GLY G 224 -11.53 -14.32 38.03
N ARG G 225 -11.81 -14.88 36.86
CA ARG G 225 -11.41 -14.24 35.62
C ARG G 225 -12.61 -13.96 34.74
N MET G 226 -12.38 -13.19 33.67
CA MET G 226 -13.43 -12.91 32.71
C MET G 226 -12.81 -12.69 31.34
N ASN G 227 -13.08 -13.60 30.42
CA ASN G 227 -12.53 -13.49 29.07
C ASN G 227 -13.48 -12.75 28.15
N TYR G 228 -12.97 -11.79 27.40
CA TYR G 228 -13.83 -10.98 26.55
C TYR G 228 -13.66 -11.33 25.08
N TYR G 229 -14.80 -11.50 24.42
CA TYR G 229 -14.82 -11.90 23.02
C TYR G 229 -15.61 -10.91 22.17
N TRP G 230 -15.32 -10.90 20.87
CA TRP G 230 -15.99 -10.00 19.95
C TRP G 230 -16.19 -10.67 18.60
N THR G 231 -17.12 -10.14 17.80
CA THR G 231 -17.22 -10.54 16.41
C THR G 231 -17.91 -9.46 15.60
N LEU G 232 -17.58 -9.41 14.31
CA LEU G 232 -18.19 -8.47 13.38
C LEU G 232 -19.34 -9.16 12.66
N LEU G 233 -20.56 -8.78 13.02
CA LEU G 233 -21.76 -9.35 12.44
C LEU G 233 -22.11 -8.65 11.14
N LYS G 234 -21.99 -9.38 10.03
CA LYS G 234 -22.25 -8.84 8.70
C LYS G 234 -23.72 -8.44 8.56
N PRO G 235 -24.00 -7.48 7.65
CA PRO G 235 -25.37 -7.04 7.40
C PRO G 235 -26.30 -8.17 7.00
N GLY G 236 -27.46 -8.26 7.66
CA GLY G 236 -28.45 -9.27 7.34
C GLY G 236 -28.23 -10.57 8.09
N ASP G 237 -27.05 -10.72 8.68
CA ASP G 237 -26.71 -11.96 9.37
C ASP G 237 -27.28 -11.96 10.78
N THR G 238 -27.36 -13.15 11.39
CA THR G 238 -27.94 -13.30 12.71
C THR G 238 -26.92 -13.87 13.69
N ILE G 239 -26.84 -13.28 14.88
CA ILE G 239 -26.03 -13.89 15.93
C ILE G 239 -26.95 -14.55 16.95
N ILE G 240 -26.59 -15.76 17.37
CA ILE G 240 -27.37 -16.50 18.36
C ILE G 240 -26.51 -16.81 19.59
N PHE G 241 -26.99 -16.36 20.74
CA PHE G 241 -26.42 -16.71 22.03
C PHE G 241 -27.27 -17.78 22.69
N GLU G 242 -26.63 -18.84 23.17
CA GLU G 242 -27.33 -19.93 23.82
C GLU G 242 -26.48 -20.47 24.96
N ALA G 243 -26.84 -20.15 26.19
CA ALA G 243 -26.01 -20.53 27.33
C ALA G 243 -26.82 -20.98 28.54
N ASN G 244 -26.19 -21.77 29.40
CA ASN G 244 -26.81 -22.17 30.66
C ASN G 244 -25.96 -21.77 31.86
N GLY G 245 -25.18 -20.70 31.67
CA GLY G 245 -24.37 -20.15 32.74
C GLY G 245 -23.12 -19.43 32.24
N ASN G 246 -22.51 -18.66 33.13
CA ASN G 246 -21.21 -18.04 32.91
C ASN G 246 -21.14 -17.04 31.76
N LEU G 247 -22.29 -16.72 31.15
CA LEU G 247 -22.32 -15.76 30.07
C LEU G 247 -22.44 -14.32 30.58
N ILE G 248 -21.50 -13.47 30.16
CA ILE G 248 -21.63 -12.04 30.34
C ILE G 248 -22.24 -11.48 29.06
N ALA G 249 -23.56 -11.39 29.04
CA ALA G 249 -24.30 -11.11 27.81
C ALA G 249 -24.04 -9.71 27.27
N PRO G 250 -24.17 -9.54 25.95
CA PRO G 250 -24.12 -8.21 25.34
C PRO G 250 -25.36 -7.40 25.65
N MET G 251 -25.20 -6.11 25.95
CA MET G 251 -26.34 -5.23 26.14
C MET G 251 -26.32 -4.14 25.08
N TYR G 252 -25.16 -3.53 24.88
CA TYR G 252 -24.98 -2.55 23.81
C TYR G 252 -23.98 -3.07 22.78
N ALA G 253 -24.18 -2.71 21.51
CA ALA G 253 -23.29 -3.10 20.43
C ALA G 253 -22.98 -1.89 19.55
N PHE G 254 -22.11 -2.07 18.56
CA PHE G 254 -21.71 -0.93 17.75
C PHE G 254 -21.96 -1.11 16.26
N ALA G 255 -22.68 -0.19 15.65
CA ALA G 255 -22.81 -0.18 14.20
C ALA G 255 -21.64 0.60 13.60
N LEU G 256 -20.86 -0.05 12.74
CA LEU G 256 -19.62 0.55 12.25
C LEU G 256 -19.65 0.95 10.78
N SER G 257 -18.96 2.03 10.45
CA SER G 257 -18.82 2.46 9.07
C SER G 257 -17.34 2.52 8.72
N ARG G 258 -16.96 2.04 7.55
CA ARG G 258 -15.57 2.03 7.16
C ARG G 258 -15.10 3.30 6.47
N GLY G 259 -13.85 3.62 6.64
CA GLY G 259 -13.28 4.81 6.04
C GLY G 259 -11.85 4.59 5.57
N PHE G 260 -11.17 5.68 5.23
CA PHE G 260 -9.80 5.60 4.75
C PHE G 260 -8.88 6.60 5.47
N GLY G 261 -7.61 6.25 5.58
CA GLY G 261 -6.61 7.14 6.12
C GLY G 261 -6.78 7.43 7.60
N SER G 262 -7.45 6.54 8.31
CA SER G 262 -7.63 6.69 9.75
C SER G 262 -6.57 5.87 10.50
N GLY G 263 -6.60 5.95 11.82
CA GLY G 263 -5.63 5.22 12.62
C GLY G 263 -5.73 5.53 14.11
N ILE G 264 -4.92 4.84 14.90
CA ILE G 264 -4.90 5.07 16.35
C ILE G 264 -3.53 5.61 16.78
N ILE G 265 -3.53 6.71 17.51
CA ILE G 265 -2.30 7.30 17.99
C ILE G 265 -2.34 7.55 19.49
N THR G 266 -1.15 7.60 20.10
CA THR G 266 -1.01 7.92 21.52
C THR G 266 -0.48 9.33 21.67
N SER G 267 -1.22 10.19 22.35
CA SER G 267 -0.85 11.60 22.40
C SER G 267 -1.09 12.30 23.74
N ASN G 268 -0.28 13.34 23.98
CA ASN G 268 -0.32 14.18 25.17
C ASN G 268 -1.21 15.37 24.93
N ALA G 269 -1.21 15.78 23.66
CA ALA G 269 -1.72 17.07 23.25
C ALA G 269 -3.21 17.20 23.46
N SER G 270 -3.66 18.45 23.46
CA SER G 270 -5.06 18.75 23.66
C SER G 270 -5.68 19.17 22.33
N MET G 271 -6.98 18.93 22.21
CA MET G 271 -7.73 19.34 21.03
C MET G 271 -7.85 20.86 21.00
N HIS G 272 -7.55 21.45 19.84
CA HIS G 272 -7.75 22.88 19.66
C HIS G 272 -8.66 23.14 18.47
N GLU G 273 -9.20 24.35 18.39
CA GLU G 273 -10.04 24.72 17.27
C GLU G 273 -9.18 25.07 16.06
N CYS G 274 -8.58 24.04 15.46
CA CYS G 274 -7.75 24.24 14.29
C CYS G 274 -7.95 23.09 13.32
N ASN G 275 -7.52 23.27 12.08
CA ASN G 275 -7.66 22.24 11.07
C ASN G 275 -6.34 22.03 10.32
N THR G 276 -6.06 20.79 9.99
CA THR G 276 -4.83 20.45 9.29
C THR G 276 -5.03 19.31 8.31
N LYS G 277 -4.03 19.09 7.47
CA LYS G 277 -4.06 17.99 6.51
C LYS G 277 -3.01 16.94 6.91
N CYS G 278 -2.30 17.22 8.00
CA CYS G 278 -1.30 16.30 8.51
C CYS G 278 -1.23 16.37 10.03
N GLN G 279 -1.38 15.23 10.70
CA GLN G 279 -1.39 15.19 12.16
C GLN G 279 -0.36 14.20 12.70
N THR G 280 0.39 14.62 13.71
CA THR G 280 1.35 13.76 14.39
C THR G 280 1.01 13.71 15.87
N PRO G 281 1.54 12.71 16.59
CA PRO G 281 1.27 12.65 18.04
C PRO G 281 1.78 13.87 18.80
N LEU G 282 2.67 14.64 18.17
CA LEU G 282 3.26 15.82 18.81
C LEU G 282 2.51 17.10 18.44
N GLY G 283 1.85 17.08 17.30
CA GLY G 283 1.13 18.24 16.82
C GLY G 283 0.92 18.19 15.33
N ALA G 284 0.27 19.22 14.78
CA ALA G 284 -0.05 19.24 13.36
C ALA G 284 1.08 19.83 12.53
N ILE G 285 1.25 19.31 11.32
CA ILE G 285 2.23 19.84 10.38
C ILE G 285 1.53 20.56 9.25
N ASN G 286 1.90 21.81 9.02
CA ASN G 286 1.40 22.56 7.87
C ASN G 286 2.54 22.88 6.93
N SER G 287 2.72 22.05 5.92
CA SER G 287 3.90 22.14 5.07
C SER G 287 3.70 21.49 3.70
N SER G 288 4.46 21.98 2.72
CA SER G 288 4.45 21.43 1.38
C SER G 288 5.80 20.77 1.08
N LEU G 289 6.65 20.71 2.11
CA LEU G 289 7.98 20.12 1.98
C LEU G 289 7.91 18.60 1.87
N PRO G 290 8.87 17.99 1.18
CA PRO G 290 8.88 16.54 0.97
C PRO G 290 9.33 15.72 2.17
N TYR G 291 10.06 16.33 3.10
CA TYR G 291 10.62 15.59 4.23
C TYR G 291 10.28 16.22 5.57
N GLN G 292 10.29 15.41 6.63
CA GLN G 292 10.04 15.88 7.98
C GLN G 292 10.77 15.02 9.00
N ASN G 293 11.19 15.64 10.10
CA ASN G 293 11.89 14.92 11.16
C ASN G 293 11.14 15.02 12.49
N ILE G 294 9.87 15.37 12.40
CA ILE G 294 9.04 15.57 13.59
C ILE G 294 8.64 14.26 14.25
N HIS G 295 8.10 13.33 13.45
CA HIS G 295 7.63 12.06 13.98
C HIS G 295 7.36 11.04 12.88
N PRO G 296 7.68 9.76 13.13
CA PRO G 296 7.37 8.67 12.19
C PRO G 296 5.89 8.38 12.06
N VAL G 297 5.11 8.66 13.11
CA VAL G 297 3.68 8.37 13.09
C VAL G 297 2.88 9.55 12.54
N THR G 298 2.18 9.31 11.44
CA THR G 298 1.46 10.38 10.75
C THR G 298 0.04 9.97 10.36
N ILE G 299 -0.85 10.94 10.37
CA ILE G 299 -2.20 10.75 9.84
C ILE G 299 -2.49 11.82 8.81
N GLY G 300 -2.97 11.40 7.64
CA GLY G 300 -3.30 12.34 6.57
C GLY G 300 -2.27 12.34 5.47
N GLU G 301 -2.13 13.48 4.80
CA GLU G 301 -1.14 13.62 3.73
C GLU G 301 0.09 14.36 4.25
N CYS G 302 1.14 13.61 4.53
CA CYS G 302 2.30 14.14 5.23
C CYS G 302 3.60 13.96 4.44
N PRO G 303 4.66 14.71 4.81
CA PRO G 303 5.98 14.46 4.23
C PRO G 303 6.59 13.16 4.76
N LYS G 304 7.50 12.56 4.00
CA LYS G 304 8.17 11.35 4.43
C LYS G 304 9.07 11.62 5.63
N TYR G 305 8.94 10.81 6.68
CA TYR G 305 9.75 10.98 7.87
C TYR G 305 11.17 10.49 7.63
N VAL G 306 12.13 11.32 8.05
CA VAL G 306 13.54 10.94 7.96
C VAL G 306 14.25 11.29 9.27
N ARG G 307 15.44 10.73 9.47
CA ARG G 307 16.19 10.99 10.70
C ARG G 307 17.08 12.22 10.60
N SER G 308 17.19 12.78 9.40
CA SER G 308 18.09 13.90 9.14
C SER G 308 17.78 15.11 10.03
N ALA G 309 18.80 15.93 10.24
CA ALA G 309 18.65 17.17 11.00
C ALA G 309 18.70 18.36 10.06
N LYS G 310 19.13 18.11 8.83
CA LYS G 310 19.30 19.17 7.85
C LYS G 310 19.23 18.63 6.42
N LEU G 311 18.31 19.19 5.64
CA LEU G 311 18.25 18.89 4.21
C LEU G 311 18.06 20.19 3.44
N ARG G 312 19.13 20.95 3.29
CA ARG G 312 19.06 22.23 2.59
C ARG G 312 19.67 22.13 1.21
N MET G 313 18.89 22.48 0.20
CA MET G 313 19.30 22.38 -1.18
C MET G 313 19.68 23.76 -1.73
N VAL G 314 20.86 23.87 -2.33
CA VAL G 314 21.33 25.15 -2.84
C VAL G 314 20.75 25.47 -4.21
N THR G 315 20.28 26.70 -4.36
CA THR G 315 19.77 27.18 -5.64
C THR G 315 20.65 28.29 -6.18
N GLY G 316 21.20 29.11 -5.28
CA GLY G 316 22.05 30.21 -5.68
C GLY G 316 23.48 29.79 -5.87
N LEU G 317 24.39 30.76 -5.86
CA LEU G 317 25.81 30.51 -6.06
C LEU G 317 26.57 30.47 -4.74
N ARG G 318 27.83 30.08 -4.80
CA ARG G 318 28.74 30.21 -3.68
C ARG G 318 28.91 31.70 -3.37
N ASN G 319 28.45 32.12 -2.18
CA ASN G 319 28.42 33.53 -1.83
C ASN G 319 29.76 34.06 -1.33
N ILE G 320 30.39 34.94 -2.11
CA ILE G 320 31.67 35.53 -1.75
C ILE G 320 31.63 37.05 -1.80
N PRO G 321 31.45 37.69 -0.64
CA PRO G 321 31.38 39.15 -0.55
C PRO G 321 32.74 39.84 -0.68
N SER G 322 33.80 39.03 -0.84
CA SER G 322 35.16 39.55 -0.93
C SER G 322 35.32 40.58 -2.04
N GLY H 1 36.05 26.05 -7.92
CA GLY H 1 35.03 25.45 -8.75
C GLY H 1 35.58 24.38 -9.67
N LEU H 2 34.73 23.83 -10.51
CA LEU H 2 35.13 22.77 -11.44
C LEU H 2 35.65 23.36 -12.74
N PHE H 3 35.04 24.46 -13.18
CA PHE H 3 35.42 25.12 -14.42
C PHE H 3 36.37 26.27 -14.18
N GLY H 4 36.83 26.41 -12.93
CA GLY H 4 37.83 27.40 -12.57
C GLY H 4 37.35 28.84 -12.59
N ALA H 5 36.05 29.05 -12.78
CA ALA H 5 35.51 30.40 -12.86
C ALA H 5 35.24 31.00 -11.48
N ILE H 6 34.12 30.61 -10.88
CA ILE H 6 33.74 31.11 -9.57
C ILE H 6 34.76 30.70 -8.52
N ALA H 7 35.21 31.68 -7.73
CA ALA H 7 36.27 31.48 -6.74
C ALA H 7 37.53 30.94 -7.41
N GLY H 8 37.71 31.27 -8.68
CA GLY H 8 38.87 30.86 -9.45
C GLY H 8 39.57 32.10 -9.98
N PHE H 9 39.53 32.30 -11.29
CA PHE H 9 40.14 33.50 -11.87
C PHE H 9 39.22 34.71 -11.67
N ILE H 10 38.05 34.47 -11.09
CA ILE H 10 37.20 35.54 -10.58
C ILE H 10 36.98 35.30 -9.09
N GLU H 11 37.94 35.76 -8.28
CA GLU H 11 38.02 35.39 -6.86
C GLU H 11 36.79 35.73 -6.03
N GLY H 12 36.11 36.83 -6.36
CA GLY H 12 35.00 37.27 -5.55
C GLY H 12 33.75 37.61 -6.34
N GLY H 13 32.66 37.83 -5.63
CA GLY H 13 31.39 38.15 -6.26
C GLY H 13 31.03 39.61 -6.05
N TRP H 14 30.04 40.08 -6.80
CA TRP H 14 29.67 41.48 -6.76
C TRP H 14 28.36 41.69 -6.00
N THR H 15 28.48 42.18 -4.76
CA THR H 15 27.31 42.52 -3.96
C THR H 15 26.58 43.72 -4.56
N GLY H 16 27.25 44.46 -5.43
CA GLY H 16 26.68 45.62 -6.08
C GLY H 16 25.64 45.24 -7.12
N MET H 17 25.81 44.06 -7.71
CA MET H 17 24.83 43.54 -8.67
C MET H 17 23.77 42.72 -7.95
N ILE H 18 22.57 43.27 -7.84
CA ILE H 18 21.51 42.65 -7.06
C ILE H 18 20.26 42.33 -7.88
N ASP H 19 20.39 42.34 -9.20
CA ASP H 19 19.25 42.08 -10.07
C ASP H 19 19.53 40.90 -11.01
N GLY H 20 20.50 40.06 -10.65
CA GLY H 20 20.83 38.91 -11.46
C GLY H 20 21.87 38.01 -10.81
N TRP H 21 22.02 36.81 -11.35
CA TRP H 21 23.01 35.86 -10.85
C TRP H 21 24.35 36.07 -11.55
N TYR H 22 24.28 36.22 -12.86
CA TYR H 22 25.46 36.58 -13.65
C TYR H 22 25.22 37.96 -14.28
N GLY H 23 26.29 38.63 -14.68
CA GLY H 23 26.14 39.94 -15.29
C GLY H 23 27.42 40.64 -15.67
N TYR H 24 27.34 41.96 -15.79
CA TYR H 24 28.43 42.78 -16.27
C TYR H 24 28.65 44.00 -15.39
N HIS H 25 29.87 44.53 -15.44
CA HIS H 25 30.17 45.83 -14.84
C HIS H 25 30.94 46.68 -15.84
N HIS H 26 30.27 47.71 -16.37
CA HIS H 26 30.89 48.55 -17.38
C HIS H 26 31.48 49.80 -16.75
N GLN H 27 32.59 50.26 -17.33
CA GLN H 27 33.30 51.45 -16.86
C GLN H 27 33.81 52.27 -18.06
N ASN H 28 33.17 53.41 -18.31
CA ASN H 28 33.60 54.28 -19.40
C ASN H 28 33.47 55.77 -19.05
N GLU H 29 33.67 56.60 -20.07
CA GLU H 29 33.66 58.05 -19.91
C GLU H 29 32.32 58.57 -19.39
N GLN H 30 31.24 57.86 -19.72
CA GLN H 30 29.91 58.27 -19.29
C GLN H 30 29.60 57.81 -17.87
N GLY H 31 30.44 56.95 -17.31
CA GLY H 31 30.25 56.47 -15.96
C GLY H 31 30.44 54.97 -15.81
N SER H 32 30.04 54.43 -14.67
CA SER H 32 30.20 53.01 -14.40
C SER H 32 28.93 52.40 -13.79
N GLY H 33 28.76 51.08 -13.96
CA GLY H 33 27.58 50.43 -13.40
C GLY H 33 27.45 48.94 -13.68
N TYR H 34 26.54 48.30 -12.95
CA TYR H 34 26.29 46.87 -13.09
C TYR H 34 25.05 46.61 -13.94
N ALA H 35 25.01 45.46 -14.62
CA ALA H 35 23.85 45.10 -15.43
C ALA H 35 23.85 43.60 -15.73
N ALA H 36 22.78 42.92 -15.29
CA ALA H 36 22.71 41.46 -15.37
C ALA H 36 22.37 40.95 -16.78
N ASP H 37 22.90 39.77 -17.10
CA ASP H 37 22.56 39.09 -18.35
C ASP H 37 21.30 38.26 -18.14
N GLN H 38 20.18 38.75 -18.63
CA GLN H 38 18.88 38.14 -18.37
C GLN H 38 18.69 36.77 -19.02
N LYS H 39 19.38 36.53 -20.13
CA LYS H 39 19.24 35.29 -20.86
C LYS H 39 19.72 34.09 -20.05
N SER H 40 21.02 34.05 -19.77
CA SER H 40 21.62 32.96 -19.01
C SER H 40 21.06 32.85 -17.59
N THR H 41 20.67 34.00 -17.03
CA THR H 41 20.09 34.02 -15.69
C THR H 41 18.71 33.35 -15.69
N GLN H 42 17.88 33.71 -16.66
CA GLN H 42 16.58 33.08 -16.80
C GLN H 42 16.72 31.59 -17.07
N ASN H 43 17.70 31.23 -17.90
CA ASN H 43 17.99 29.82 -18.16
C ASN H 43 18.33 29.06 -16.89
N ALA H 44 19.26 29.60 -16.10
CA ALA H 44 19.68 28.97 -14.85
C ALA H 44 18.51 28.84 -13.88
N ILE H 45 17.74 29.91 -13.74
CA ILE H 45 16.55 29.91 -12.90
C ILE H 45 15.59 28.80 -13.32
N ASN H 46 15.34 28.67 -14.62
CA ASN H 46 14.44 27.64 -15.12
C ASN H 46 14.96 26.24 -14.81
N GLY H 47 16.23 25.99 -15.14
CA GLY H 47 16.84 24.71 -14.89
C GLY H 47 16.77 24.28 -13.44
N ILE H 48 17.20 25.17 -12.54
CA ILE H 48 17.22 24.86 -11.12
C ILE H 48 15.81 24.72 -10.55
N THR H 49 14.89 25.55 -11.03
CA THR H 49 13.48 25.41 -10.67
C THR H 49 12.97 24.01 -11.02
N ASN H 50 13.29 23.55 -12.23
CA ASN H 50 12.87 22.22 -12.63
C ASN H 50 13.56 21.13 -11.81
N LYS H 51 14.79 21.39 -11.38
CA LYS H 51 15.50 20.46 -10.52
C LYS H 51 14.79 20.28 -9.17
N VAL H 52 14.54 21.41 -8.50
CA VAL H 52 13.84 21.40 -7.23
C VAL H 52 12.45 20.76 -7.37
N ASN H 53 11.73 21.15 -8.41
CA ASN H 53 10.42 20.58 -8.68
C ASN H 53 10.47 19.07 -8.86
N THR H 54 11.54 18.56 -9.43
CA THR H 54 11.57 17.12 -9.57
C THR H 54 11.91 16.47 -8.26
N VAL H 55 12.80 17.07 -7.49
CA VAL H 55 13.17 16.48 -6.23
C VAL H 55 11.96 16.42 -5.34
N ILE H 56 11.12 17.42 -5.41
CA ILE H 56 9.90 17.42 -4.60
C ILE H 56 8.87 16.43 -5.14
N GLU H 57 8.69 16.40 -6.46
CA GLU H 57 7.68 15.55 -7.08
C GLU H 57 8.01 14.06 -6.93
N LYS H 58 9.30 13.71 -6.95
CA LYS H 58 9.69 12.32 -6.85
C LYS H 58 9.34 11.72 -5.49
N MET H 59 9.19 12.58 -4.48
CA MET H 59 8.72 12.13 -3.18
C MET H 59 7.20 12.08 -3.14
N ASN H 60 6.64 10.87 -3.21
CA ASN H 60 5.21 10.70 -3.09
C ASN H 60 4.73 11.14 -1.73
N ILE H 61 3.45 11.51 -1.64
CA ILE H 61 2.87 11.90 -0.37
C ILE H 61 2.85 10.72 0.59
N GLN H 62 3.47 10.90 1.76
CA GLN H 62 3.43 9.87 2.78
C GLN H 62 2.08 9.89 3.47
N PHE H 63 1.24 8.92 3.13
CA PHE H 63 -0.10 8.84 3.70
C PHE H 63 -0.06 8.25 5.11
N THR H 64 -1.25 7.96 5.65
CA THR H 64 -1.38 7.49 7.01
C THR H 64 -0.58 6.20 7.27
N ALA H 65 0.26 6.25 8.30
CA ALA H 65 1.07 5.11 8.69
C ALA H 65 1.21 5.05 10.21
N VAL H 66 0.46 4.15 10.84
CA VAL H 66 0.48 4.04 12.29
C VAL H 66 1.12 2.74 12.73
N GLY H 67 1.56 2.69 13.98
CA GLY H 67 2.11 1.48 14.56
C GLY H 67 1.01 0.50 14.89
N LYS H 68 1.38 -0.77 15.01
CA LYS H 68 0.44 -1.80 15.40
C LYS H 68 0.74 -2.25 16.82
N GLU H 69 -0.14 -3.08 17.39
CA GLU H 69 0.12 -3.62 18.71
C GLU H 69 0.16 -5.14 18.66
N PHE H 70 0.90 -5.73 19.59
CA PHE H 70 1.10 -7.17 19.62
C PHE H 70 1.10 -7.67 21.05
N ASN H 71 0.57 -8.87 21.28
CA ASN H 71 0.55 -9.45 22.62
C ASN H 71 1.88 -10.12 22.94
N LYS H 72 1.95 -10.75 24.11
CA LYS H 72 3.21 -11.29 24.62
C LYS H 72 3.69 -12.52 23.86
N LEU H 73 2.81 -13.12 23.06
CA LEU H 73 3.17 -14.29 22.28
C LEU H 73 3.33 -13.98 20.79
N GLU H 74 3.48 -12.70 20.47
CA GLU H 74 3.67 -12.27 19.08
C GLU H 74 4.93 -11.43 18.92
N LYS H 75 5.96 -11.78 19.68
CA LYS H 75 7.22 -11.04 19.66
C LYS H 75 7.91 -11.07 18.30
N ARG H 76 7.81 -12.21 17.61
CA ARG H 76 8.39 -12.35 16.28
C ARG H 76 7.76 -11.41 15.26
N MET H 77 6.43 -11.33 15.26
CA MET H 77 5.72 -10.47 14.33
C MET H 77 6.01 -9.00 14.64
N GLU H 78 6.08 -8.69 15.93
CA GLU H 78 6.40 -7.34 16.40
C GLU H 78 7.80 -6.92 15.91
N ASN H 79 8.76 -7.81 16.14
CA ASN H 79 10.14 -7.60 15.70
C ASN H 79 10.25 -7.46 14.20
N LEU H 80 9.45 -8.22 13.47
CA LEU H 80 9.44 -8.14 12.01
C LEU H 80 8.94 -6.77 11.56
N ASN H 81 7.82 -6.34 12.15
CA ASN H 81 7.26 -5.02 11.86
C ASN H 81 8.29 -3.92 12.13
N LYS H 82 8.96 -4.04 13.27
CA LYS H 82 10.00 -3.09 13.65
C LYS H 82 11.14 -3.06 12.63
N LYS H 83 11.56 -4.25 12.18
CA LYS H 83 12.61 -4.37 11.20
C LYS H 83 12.22 -3.71 9.86
N VAL H 84 10.96 -3.90 9.47
CA VAL H 84 10.45 -3.28 8.24
C VAL H 84 10.48 -1.76 8.33
N ASP H 85 9.83 -1.24 9.37
CA ASP H 85 9.77 0.21 9.59
C ASP H 85 11.18 0.83 9.62
N ASP H 86 12.03 0.27 10.46
CA ASP H 86 13.40 0.78 10.61
C ASP H 86 14.20 0.72 9.33
N GLY H 87 14.05 -0.39 8.59
CA GLY H 87 14.75 -0.55 7.33
C GLY H 87 14.35 0.53 6.33
N PHE H 88 13.05 0.67 6.14
CA PHE H 88 12.53 1.70 5.24
C PHE H 88 13.03 3.10 5.65
N LEU H 89 13.03 3.37 6.96
CA LEU H 89 13.52 4.64 7.47
C LEU H 89 14.98 4.88 7.09
N ASP H 90 15.83 3.89 7.39
CA ASP H 90 17.24 3.94 7.01
C ASP H 90 17.42 4.28 5.54
N ILE H 91 16.76 3.48 4.69
CA ILE H 91 16.87 3.64 3.25
C ILE H 91 16.47 5.06 2.81
N TRP H 92 15.34 5.54 3.31
CA TRP H 92 14.86 6.86 2.89
C TRP H 92 15.73 8.02 3.37
N THR H 93 16.23 7.93 4.60
CA THR H 93 17.16 8.93 5.10
C THR H 93 18.41 8.98 4.21
N TYR H 94 18.96 7.79 3.96
CA TYR H 94 20.10 7.62 3.06
C TYR H 94 19.87 8.30 1.71
N ASN H 95 18.77 7.93 1.05
CA ASN H 95 18.42 8.49 -0.25
C ASN H 95 18.31 10.01 -0.22
N ALA H 96 17.59 10.53 0.78
CA ALA H 96 17.39 11.97 0.89
C ALA H 96 18.72 12.71 0.99
N GLU H 97 19.50 12.34 1.99
CA GLU H 97 20.78 13.01 2.24
C GLU H 97 21.69 12.95 1.02
N LEU H 98 21.87 11.75 0.47
CA LEU H 98 22.72 11.55 -0.69
C LEU H 98 22.28 12.42 -1.87
N LEU H 99 20.99 12.34 -2.19
CA LEU H 99 20.42 13.12 -3.30
C LEU H 99 20.72 14.61 -3.13
N VAL H 100 20.46 15.12 -1.93
CA VAL H 100 20.71 16.53 -1.68
C VAL H 100 22.18 16.88 -1.88
N LEU H 101 23.09 16.06 -1.36
CA LEU H 101 24.52 16.28 -1.58
C LEU H 101 24.91 16.37 -3.06
N LEU H 102 24.61 15.29 -3.79
CA LEU H 102 24.93 15.21 -5.22
C LEU H 102 24.38 16.40 -5.99
N GLU H 103 23.10 16.69 -5.77
CA GLU H 103 22.46 17.79 -6.47
C GLU H 103 23.07 19.14 -6.12
N ASN H 104 23.48 19.33 -4.86
CA ASN H 104 24.15 20.57 -4.47
C ASN H 104 25.47 20.75 -5.23
N GLU H 105 26.29 19.70 -5.21
CA GLU H 105 27.54 19.75 -5.97
C GLU H 105 27.29 20.12 -7.44
N ARG H 106 26.39 19.36 -8.07
CA ARG H 106 26.05 19.59 -9.47
C ARG H 106 25.56 21.01 -9.73
N THR H 107 24.85 21.58 -8.76
CA THR H 107 24.33 22.94 -8.88
C THR H 107 25.47 23.96 -8.87
N LEU H 108 26.35 23.85 -7.88
CA LEU H 108 27.50 24.75 -7.81
C LEU H 108 28.29 24.71 -9.12
N ASP H 109 28.62 23.49 -9.54
CA ASP H 109 29.36 23.31 -10.79
C ASP H 109 28.60 23.86 -12.01
N PHE H 110 27.28 23.78 -11.96
CA PHE H 110 26.42 24.32 -13.01
C PHE H 110 26.58 25.83 -13.12
N HIS H 111 26.54 26.51 -11.97
CA HIS H 111 26.74 27.95 -11.94
C HIS H 111 28.13 28.31 -12.48
N ASP H 112 29.14 27.58 -12.00
CA ASP H 112 30.50 27.75 -12.53
C ASP H 112 30.51 27.71 -14.06
N SER H 113 29.87 26.65 -14.59
CA SER H 113 29.75 26.44 -16.02
C SER H 113 29.14 27.65 -16.72
N ASN H 114 28.02 28.14 -16.19
CA ASN H 114 27.34 29.27 -16.80
C ASN H 114 28.22 30.52 -16.83
N VAL H 115 28.88 30.81 -15.72
CA VAL H 115 29.77 31.97 -15.67
C VAL H 115 30.89 31.87 -16.71
N LYS H 116 31.62 30.75 -16.70
CA LYS H 116 32.70 30.58 -17.68
C LYS H 116 32.17 30.68 -19.11
N ASN H 117 31.01 30.09 -19.36
CA ASN H 117 30.39 30.15 -20.69
C ASN H 117 30.12 31.57 -21.13
N LEU H 118 29.59 32.38 -20.22
CA LEU H 118 29.35 33.80 -20.49
C LEU H 118 30.65 34.50 -20.86
N TYR H 119 31.66 34.29 -20.02
CA TYR H 119 32.97 34.88 -20.26
C TYR H 119 33.53 34.52 -21.64
N GLU H 120 33.43 33.24 -21.99
CA GLU H 120 33.89 32.76 -23.29
C GLU H 120 33.10 33.36 -24.44
N LYS H 121 31.80 33.54 -24.24
CA LYS H 121 30.96 34.14 -25.28
C LYS H 121 31.36 35.58 -25.54
N VAL H 122 31.51 36.37 -24.47
CA VAL H 122 31.96 37.75 -24.62
C VAL H 122 33.34 37.83 -25.26
N LYS H 123 34.27 37.03 -24.76
CA LYS H 123 35.62 36.96 -25.30
C LYS H 123 35.63 36.65 -26.79
N SER H 124 34.83 35.68 -27.20
CA SER H 124 34.74 35.31 -28.60
C SER H 124 34.06 36.40 -29.42
N GLN H 125 33.23 37.21 -28.78
CA GLN H 125 32.65 38.37 -29.44
C GLN H 125 33.69 39.45 -29.71
N LEU H 126 34.55 39.71 -28.73
CA LEU H 126 35.50 40.81 -28.83
C LEU H 126 36.74 40.47 -29.67
N LYS H 127 37.21 39.22 -29.55
CA LYS H 127 38.42 38.78 -30.25
C LYS H 127 39.63 39.65 -29.89
N ASN H 128 40.37 40.10 -30.89
CA ASN H 128 41.59 40.87 -30.64
C ASN H 128 41.35 42.37 -30.56
N ASN H 129 40.09 42.78 -30.42
CA ASN H 129 39.77 44.20 -30.26
C ASN H 129 39.82 44.65 -28.81
N ALA H 130 40.27 43.76 -27.93
CA ALA H 130 40.45 44.08 -26.52
C ALA H 130 41.44 43.11 -25.89
N LYS H 131 41.89 43.40 -24.68
CA LYS H 131 42.84 42.51 -24.02
C LYS H 131 42.38 42.05 -22.64
N GLU H 132 42.66 40.80 -22.30
CA GLU H 132 42.27 40.22 -21.02
C GLU H 132 43.20 40.64 -19.90
N ILE H 133 42.71 41.49 -19.01
CA ILE H 133 43.53 42.02 -17.91
C ILE H 133 43.35 41.22 -16.63
N GLY H 134 42.77 40.03 -16.75
CA GLY H 134 42.53 39.18 -15.60
C GLY H 134 41.26 39.53 -14.84
N ASN H 135 40.92 38.71 -13.85
CA ASN H 135 39.72 38.89 -13.03
C ASN H 135 38.44 38.88 -13.88
N GLY H 136 38.52 38.28 -15.06
CA GLY H 136 37.38 38.19 -15.94
C GLY H 136 37.00 39.53 -16.56
N CYS H 137 37.97 40.44 -16.64
CA CYS H 137 37.73 41.76 -17.19
C CYS H 137 38.49 41.99 -18.49
N PHE H 138 37.89 42.78 -19.38
CA PHE H 138 38.53 43.14 -20.65
C PHE H 138 38.82 44.64 -20.71
N GLU H 139 39.97 44.99 -21.27
CA GLU H 139 40.31 46.38 -21.49
C GLU H 139 40.21 46.69 -22.98
N PHE H 140 39.44 47.72 -23.31
CA PHE H 140 39.20 48.12 -24.69
C PHE H 140 40.40 48.81 -25.34
N TYR H 141 40.58 48.60 -26.64
CA TYR H 141 41.56 49.34 -27.40
C TYR H 141 40.92 50.56 -28.05
N HIS H 142 39.75 50.95 -27.53
CA HIS H 142 39.02 52.10 -28.08
C HIS H 142 37.96 52.63 -27.11
N LYS H 143 37.30 53.70 -27.52
CA LYS H 143 36.22 54.30 -26.72
C LYS H 143 34.94 53.49 -26.86
N CYS H 144 34.18 53.40 -25.78
CA CYS H 144 32.92 52.66 -25.79
C CYS H 144 31.88 53.31 -24.87
N ASP H 145 30.86 53.92 -25.47
CA ASP H 145 29.79 54.55 -24.70
C ASP H 145 28.81 53.51 -24.18
N ASN H 146 27.68 53.96 -23.67
CA ASN H 146 26.66 53.05 -23.14
C ASN H 146 26.02 52.22 -24.24
N GLU H 147 25.94 52.80 -25.44
CA GLU H 147 25.33 52.14 -26.59
C GLU H 147 26.19 50.96 -27.05
N CYS H 148 27.51 51.16 -27.00
CA CYS H 148 28.46 50.10 -27.34
C CYS H 148 28.42 48.97 -26.32
N MET H 149 28.46 49.34 -25.05
CA MET H 149 28.36 48.36 -23.96
C MET H 149 27.08 47.55 -24.09
N GLU H 150 25.98 48.22 -24.41
CA GLU H 150 24.71 47.55 -24.62
C GLU H 150 24.77 46.63 -25.83
N SER H 151 25.52 47.03 -26.85
CA SER H 151 25.70 46.20 -28.03
C SER H 151 26.47 44.93 -27.68
N VAL H 152 27.38 45.05 -26.71
CA VAL H 152 28.12 43.88 -26.24
C VAL H 152 27.21 42.98 -25.40
N ARG H 153 26.42 43.58 -24.52
CA ARG H 153 25.53 42.84 -23.62
C ARG H 153 24.56 41.95 -24.38
N ASN H 154 23.87 42.50 -25.37
CA ASN H 154 22.81 41.75 -26.02
C ASN H 154 23.31 40.96 -27.22
N GLY H 155 24.61 40.67 -27.22
CA GLY H 155 25.20 39.73 -28.16
C GLY H 155 25.26 40.24 -29.58
N THR H 156 25.55 41.52 -29.76
CA THR H 156 25.58 42.12 -31.09
C THR H 156 26.76 43.07 -31.27
N TYR H 157 27.94 42.70 -30.78
CA TYR H 157 29.11 43.54 -30.95
C TYR H 157 29.53 43.58 -32.41
N ASP H 158 30.02 44.74 -32.84
CA ASP H 158 30.43 44.92 -34.22
C ASP H 158 31.95 44.99 -34.32
N TYR H 159 32.56 43.89 -34.76
CA TYR H 159 34.01 43.80 -34.88
C TYR H 159 34.58 44.71 -35.98
N PRO H 160 34.02 44.67 -37.21
CA PRO H 160 34.59 45.55 -38.24
C PRO H 160 34.44 47.05 -37.95
N LYS H 161 33.49 47.40 -37.08
CA LYS H 161 33.25 48.81 -36.77
C LYS H 161 34.39 49.45 -36.00
N TYR H 162 35.08 48.67 -35.17
CA TYR H 162 36.15 49.19 -34.33
C TYR H 162 37.48 48.51 -34.60
N SER H 163 37.48 47.59 -35.57
CA SER H 163 38.68 46.82 -35.89
C SER H 163 39.87 47.70 -36.24
N GLU H 164 39.62 48.78 -36.97
CA GLU H 164 40.68 49.69 -37.42
C GLU H 164 41.30 50.45 -36.25
N GLU H 165 40.45 51.10 -35.46
CA GLU H 165 40.90 51.87 -34.31
C GLU H 165 41.64 50.99 -33.29
N SER H 166 41.07 49.80 -33.03
CA SER H 166 41.70 48.84 -32.14
C SER H 166 43.06 48.42 -32.71
N LYS H 167 43.10 48.18 -34.01
CA LYS H 167 44.34 47.82 -34.71
C LYS H 167 45.39 48.90 -34.55
N LEU H 168 44.94 50.16 -34.51
CA LEU H 168 45.84 51.29 -34.29
C LEU H 168 46.38 51.33 -32.86
N ASN H 169 45.47 51.35 -31.88
CA ASN H 169 45.85 51.45 -30.49
C ASN H 169 46.62 50.23 -29.98
N ARG H 170 46.53 49.12 -30.71
CA ARG H 170 47.23 47.90 -30.35
C ARG H 170 48.73 48.02 -30.59
N GLU H 171 49.07 48.57 -31.75
CA GLU H 171 50.46 48.81 -32.18
C GLU H 171 51.39 47.64 -31.89
C ACE I 1 -30.52 -11.48 -14.66
O ACE I 1 -29.87 -11.98 -13.74
CH3 ACE I 1 -29.91 -10.36 -15.53
C PH8 I 2 -32.54 -14.15 -15.17
N PH8 I 2 -31.76 -11.84 -15.00
O PH8 I 2 -32.22 -14.10 -16.36
CA PH8 I 2 -32.48 -12.90 -14.28
CB PH8 I 2 -33.90 -12.43 -13.95
CG PH8 I 2 -36.81 -11.71 -14.47
CI PH8 I 2 -34.51 -11.73 -15.17
CJ PH8 I 2 -35.93 -12.24 -15.41
CZ PH8 I 2 -38.55 -10.63 -12.59
CD1 PH8 I 2 -37.63 -12.54 -13.73
CD2 PH8 I 2 -36.85 -10.32 -14.27
CE1 PH8 I 2 -38.50 -12.00 -12.79
CE2 PH8 I 2 -37.72 -9.79 -13.33
N ORN I 3 -32.93 -15.27 -14.55
CA ORN I 3 -33.05 -16.56 -15.26
CB ORN I 3 -32.33 -17.66 -14.49
CG ORN I 3 -30.83 -17.39 -14.39
CD ORN I 3 -30.16 -17.65 -15.71
NE ORN I 3 -29.96 -19.10 -15.98
C ORN I 3 -34.38 -16.92 -15.38
O ORN I 3 -35.19 -16.63 -14.51
N LEU I 4 -34.79 -17.62 -16.51
CA LEU I 4 -36.20 -18.07 -16.67
C LEU I 4 -36.21 -19.42 -16.36
N GLU I 5 -36.39 -19.85 -15.04
CA GLU I 5 -36.36 -21.31 -14.76
C GLU I 5 -37.64 -21.85 -14.89
N TYR I 6 -38.10 -22.19 -16.16
CA TYR I 6 -39.45 -22.77 -16.37
C TYR I 6 -39.34 -24.15 -16.45
N PHE I 7 -38.12 -24.71 -16.85
CA PHE I 7 -37.92 -26.17 -16.97
C PHE I 7 -36.70 -26.48 -16.36
N GLU I 8 -36.49 -27.74 -15.79
CA GLU I 8 -35.24 -28.09 -15.05
C GLU I 8 -34.13 -28.40 -15.83
N TRP I 9 -34.27 -28.95 -17.11
CA TRP I 9 -33.06 -29.32 -17.89
C TRP I 9 -32.40 -28.21 -18.41
N LEU I 10 -33.10 -27.00 -18.60
CA LEU I 10 -32.50 -25.73 -19.14
C LEU I 10 -31.24 -25.47 -18.64
N SER I 11 -30.28 -24.82 -19.44
CA SER I 11 -28.95 -24.52 -18.84
C SER I 11 -29.04 -23.23 -18.33
N 9WV I 12 -27.89 -22.53 -17.94
CB 9WV I 12 -28.05 -21.15 -17.42
CA 9WV I 12 -28.54 -21.06 -15.97
NDV 9WV I 12 -29.82 -21.79 -15.82
CEG 9WV I 12 -30.00 -22.81 -14.95
OEK 9WV I 12 -31.07 -23.42 -14.82
CEH 9WV I 12 -28.80 -23.18 -14.09
CEI 9WV I 12 -29.24 -24.17 -13.00
NEJ 9WV I 12 -28.72 -23.77 -11.69
C 9WV I 12 -28.74 -19.72 -15.69
O 9WV I 12 -27.82 -19.05 -15.20
C ACE J 1 38.25 9.49 9.80
O ACE J 1 38.99 9.42 10.79
CH3 ACE J 1 36.81 9.99 9.94
C PH8 J 2 40.78 9.73 7.55
N PH8 J 2 38.63 9.15 8.57
O PH8 J 2 40.22 10.67 6.99
CA PH8 J 2 39.97 8.64 8.28
CB PH8 J 2 39.89 7.38 7.42
CG PH8 J 2 39.97 5.76 4.91
CI PH8 J 2 39.22 7.70 6.09
CJ PH8 J 2 40.06 7.15 4.94
CZ PH8 J 2 39.76 2.98 4.84
CD1 PH8 J 2 41.11 4.98 4.82
CD2 PH8 J 2 38.71 5.15 4.97
CE1 PH8 J 2 41.01 3.59 4.79
CE2 PH8 J 2 38.61 3.76 4.93
N ORN J 3 42.11 9.57 7.60
CA ORN J 3 43.05 10.53 6.98
CB ORN J 3 44.19 10.77 7.95
CG ORN J 3 43.68 11.20 9.31
CD ORN J 3 43.53 12.71 9.35
NE ORN J 3 44.77 13.34 8.88
C ORN J 3 43.58 10.02 5.81
O ORN J 3 43.80 8.81 5.69
N LEU J 4 43.87 10.88 4.74
CA LEU J 4 44.45 10.36 3.49
C LEU J 4 45.80 10.73 3.44
N GLU J 5 46.79 9.92 4.02
CA GLU J 5 48.19 10.37 3.96
C GLU J 5 48.84 9.81 2.86
N TYR J 6 48.71 10.44 1.62
CA TYR J 6 49.36 9.90 0.40
C TYR J 6 50.60 10.51 0.26
N PHE J 7 50.81 11.75 0.89
CA PHE J 7 52.11 12.45 0.78
C PHE J 7 52.57 12.73 2.07
N GLU J 8 53.29 13.89 2.36
CA GLU J 8 53.78 14.11 3.75
C GLU J 8 53.41 15.36 4.23
N TRP J 9 53.93 16.50 3.58
CA TRP J 9 53.63 17.92 3.93
C TRP J 9 52.28 18.14 4.24
N LEU J 10 51.28 17.32 3.68
CA LEU J 10 49.81 17.41 3.94
C LEU J 10 49.55 17.67 5.29
N SER J 11 48.48 18.50 5.64
CA SER J 11 48.19 18.80 7.06
C SER J 11 47.21 17.97 7.55
N 9WV J 12 47.05 16.68 7.03
CB 9WV J 12 45.95 15.86 7.59
CA 9WV J 12 46.35 15.15 8.88
NDV 9WV J 12 47.35 14.10 8.59
CEG 9WV J 12 48.67 14.26 8.78
OEK 9WV J 12 49.51 13.39 8.55
CEH 9WV J 12 49.11 15.65 9.30
CEI 9WV J 12 50.20 15.50 10.35
NEJ 9WV J 12 51.36 14.76 9.82
C 9WV J 12 45.19 14.57 9.38
O 9WV J 12 44.52 15.16 10.23
C ACE K 1 24.39 -7.07 -24.45
O ACE K 1 24.56 -7.51 -25.58
CH3 ACE K 1 24.88 -7.84 -23.22
C PH8 K 2 24.36 -4.50 -26.10
N PH8 K 2 23.76 -5.91 -24.18
O PH8 K 2 25.46 -4.25 -25.61
CA PH8 K 2 23.22 -5.04 -25.23
CB PH8 K 2 22.46 -3.88 -24.57
CG PH8 K 2 19.72 -2.05 -25.26
CI PH8 K 2 21.88 -2.95 -25.64
CJ PH8 K 2 21.06 -1.84 -24.98
CZ PH8 K 2 17.03 -2.49 -25.80
CD1 PH8 K 2 18.85 -2.41 -24.23
CD2 PH8 K 2 19.24 -1.91 -26.55
CE1 PH8 K 2 17.50 -2.62 -24.51
CE2 PH8 K 2 17.90 -2.13 -26.83
N ORN K 3 24.05 -4.32 -27.39
CA ORN K 3 25.03 -3.81 -28.35
CB ORN K 3 25.30 -4.88 -29.38
CG ORN K 3 26.43 -4.44 -30.26
CD ORN K 3 26.72 -5.48 -31.32
NE ORN K 3 27.83 -4.96 -32.14
C ORN K 3 24.52 -2.65 -28.95
O ORN K 3 23.33 -2.55 -29.21
N LEU K 4 25.37 -1.55 -29.20
CA LEU K 4 24.82 -0.29 -29.79
C LEU K 4 25.22 -0.11 -31.12
N GLU K 5 24.43 -0.55 -32.19
CA GLU K 5 24.89 -0.30 -33.58
C GLU K 5 24.26 0.82 -34.11
N TYR K 6 24.77 2.11 -33.88
CA TYR K 6 24.07 3.26 -34.49
C TYR K 6 24.70 3.59 -35.68
N PHE K 7 25.78 2.82 -36.12
CA PHE K 7 26.51 3.10 -37.38
C PHE K 7 26.87 1.87 -37.94
N GLU K 8 28.04 1.73 -38.72
CA GLU K 8 28.32 0.39 -39.30
C GLU K 8 29.68 0.09 -39.20
N TRP K 9 30.59 1.14 -39.22
CA TRP K 9 32.05 0.91 -39.12
C TRP K 9 32.36 0.60 -37.81
N LEU K 10 31.40 0.87 -36.80
CA LEU K 10 31.55 0.56 -35.35
C LEU K 10 32.12 -0.70 -35.13
N SER K 11 32.92 -0.88 -34.00
CA SER K 11 33.63 -2.15 -33.69
C SER K 11 32.76 -3.10 -33.17
N 9WV K 12 31.60 -2.66 -32.51
CB 9WV K 12 30.57 -3.52 -31.87
CA 9WV K 12 30.12 -4.76 -32.66
NDV 9WV K 12 29.55 -4.35 -33.96
CEG 9WV K 12 29.50 -5.15 -35.05
OEK 9WV K 12 29.02 -4.81 -36.12
CEH 9WV K 12 30.10 -6.56 -34.88
CEI 9WV K 12 29.03 -7.61 -35.18
NEJ 9WV K 12 28.84 -7.79 -36.63
C 9WV K 12 29.13 -5.35 -31.89
O 9WV K 12 29.41 -6.17 -31.02
C ACE L 1 5.78 24.35 -7.74
O ACE L 1 4.71 24.95 -7.78
CH3 ACE L 1 5.89 22.92 -8.27
C PH8 L 2 7.75 27.14 -7.65
N PH8 L 2 6.91 24.87 -7.25
O PH8 L 2 8.10 26.74 -8.75
CA PH8 L 2 6.97 26.24 -6.70
CB PH8 L 2 7.65 26.20 -5.32
CG PH8 L 2 10.19 25.86 -3.44
CI PH8 L 2 8.82 25.22 -5.32
CJ PH8 L 2 10.09 25.94 -4.83
CZ PH8 L 2 10.40 25.71 -0.68
CD1 PH8 L 2 10.35 27.02 -2.70
CD2 PH8 L 2 10.15 24.62 -2.82
CE1 PH8 L 2 10.45 26.95 -1.32
CE2 PH8 L 2 10.25 24.56 -1.43
N ORN L 3 7.99 28.39 -7.20
CA ORN L 3 8.72 29.37 -8.02
CB ORN L 3 7.81 30.50 -8.50
CG ORN L 3 6.90 29.99 -9.59
CD ORN L 3 5.82 31.03 -9.93
NE ORN L 3 6.28 32.13 -10.82
C ORN L 3 9.78 29.92 -7.31
O ORN L 3 9.73 30.08 -6.10
N LEU L 4 10.91 30.31 -8.04
CA LEU L 4 12.10 30.92 -7.44
C LEU L 4 12.06 32.28 -7.72
N GLU L 5 11.43 33.18 -6.86
CA GLU L 5 11.40 34.62 -7.20
C GLU L 5 12.50 35.25 -6.63
N TYR L 6 13.76 35.09 -7.23
CA TYR L 6 14.98 35.68 -6.66
C TYR L 6 15.19 36.94 -7.19
N PHE L 7 14.45 37.32 -8.31
CA PHE L 7 14.60 38.65 -8.94
C PHE L 7 13.32 39.12 -9.20
N GLU L 8 13.01 39.80 -10.39
CA GLU L 8 11.63 40.26 -10.58
C GLU L 8 11.21 40.12 -11.91
N TRP L 9 12.06 40.57 -12.90
CA TRP L 9 11.77 40.52 -14.35
C TRP L 9 11.76 39.22 -14.83
N LEU L 10 11.68 38.14 -13.96
CA LEU L 10 11.70 36.76 -14.47
C LEU L 10 10.44 36.42 -14.91
N SER L 11 10.30 35.39 -15.83
CA SER L 11 8.94 35.02 -16.23
C SER L 11 8.51 34.10 -15.28
N 9WV L 12 7.36 33.34 -15.46
CB 9WV L 12 6.97 32.37 -14.41
CA 9WV L 12 6.49 33.00 -13.10
NDV 9WV L 12 7.53 33.85 -12.49
CEG 9WV L 12 7.26 35.00 -11.84
OEK 9WV L 12 8.13 35.71 -11.34
CEH 9WV L 12 5.79 35.37 -11.72
CEI 9WV L 12 5.66 36.87 -11.42
NEJ 9WV L 12 4.37 37.19 -10.78
C 9WV L 12 6.12 31.99 -12.21
O 9WV L 12 5.65 30.94 -12.65
C1 NAG M . -59.80 -10.80 -18.48
C2 NAG M . -61.30 -10.59 -18.54
C3 NAG M . -62.02 -11.41 -17.46
C4 NAG M . -61.54 -12.85 -17.42
C5 NAG M . -60.02 -12.88 -17.42
C6 NAG M . -59.50 -14.29 -17.46
C7 NAG M . -61.76 -8.42 -19.43
C8 NAG M . -62.42 -7.12 -19.18
N2 NAG M . -61.57 -9.19 -18.37
O3 NAG M . -63.43 -11.46 -17.70
O4 NAG M . -62.01 -13.39 -16.21
O5 NAG M . -59.55 -12.19 -18.56
O6 NAG M . -60.16 -14.97 -18.52
O7 NAG M . -61.42 -8.75 -20.55
C1 NAG M . -62.85 -14.47 -16.48
C2 NAG M . -62.73 -15.68 -15.60
C3 NAG M . -63.96 -16.52 -15.86
C4 NAG M . -65.20 -15.77 -15.51
C5 NAG M . -65.21 -14.51 -16.35
C6 NAG M . -66.38 -13.65 -15.97
C7 NAG M . -60.60 -16.62 -15.07
C8 NAG M . -59.60 -17.62 -15.49
N2 NAG M . -61.54 -16.38 -15.95
O3 NAG M . -63.94 -17.69 -15.07
O4 NAG M . -66.31 -16.53 -15.93
O5 NAG M . -64.01 -13.83 -16.05
O6 NAG M . -66.33 -13.43 -14.58
O7 NAG M . -60.58 -16.09 -13.99
C1 NAG N . -30.65 -39.59 -31.67
C2 NAG N . -29.63 -40.01 -30.61
C3 NAG N . -28.84 -41.24 -31.09
C4 NAG N . -29.80 -42.32 -31.51
C5 NAG N . -30.65 -41.76 -32.63
C6 NAG N . -31.65 -42.87 -32.84
C7 NAG N . -28.42 -37.93 -31.04
C8 NAG N . -27.90 -36.70 -30.38
N2 NAG N . -28.80 -38.89 -30.22
O3 NAG N . -28.02 -41.74 -30.04
O4 NAG N . -29.06 -43.42 -31.99
O5 NAG N . -31.40 -40.73 -32.03
O6 NAG N . -32.34 -43.20 -31.62
O7 NAG N . -28.50 -38.05 -32.24
C1 NAG N . -29.05 -44.35 -30.80
C2 NAG N . -28.69 -45.70 -31.40
C3 NAG N . -28.39 -46.71 -30.30
C4 NAG N . -27.25 -46.13 -29.48
C5 NAG N . -27.82 -44.89 -28.81
C6 NAG N . -26.93 -44.35 -27.70
C7 NAG N . -29.35 -46.59 -33.45
C8 NAG N . -30.23 -46.19 -34.58
N2 NAG N . -29.72 -46.21 -32.25
O3 NAG N . -27.99 -47.95 -30.89
O4 NAG N . -26.75 -47.09 -28.56
O5 NAG N . -28.07 -43.93 -29.84
O6 NAG N . -27.68 -44.28 -26.47
O7 NAG N . -28.32 -47.21 -33.60
C1 NAG O . 41.69 -5.37 -15.64
C2 NAG O . 41.62 -6.13 -16.95
C3 NAG O . 42.73 -7.17 -17.07
C4 NAG O . 44.09 -6.59 -16.70
C5 NAG O . 43.98 -5.83 -15.38
C6 NAG O . 45.29 -5.17 -15.02
C7 NAG O . 39.35 -6.17 -17.70
C8 NAG O . 38.21 -7.06 -18.08
N2 NAG O . 40.33 -6.76 -17.04
O3 NAG O . 42.86 -7.67 -18.41
O4 NAG O . 44.95 -7.69 -16.52
O5 NAG O . 43.00 -4.83 -15.52
O6 NAG O . 45.74 -4.45 -16.17
O7 NAG O . 39.36 -4.99 -17.99
C1 NAG O . 46.01 -7.61 -17.42
C2 NAG O . 47.38 -7.96 -16.92
C3 NAG O . 48.24 -8.14 -18.16
C4 NAG O . 47.71 -9.25 -19.02
C5 NAG O . 46.29 -8.88 -19.39
C6 NAG O . 45.66 -10.01 -20.18
C7 NAG O . 48.22 -7.11 -14.87
C8 NAG O . 48.99 -6.00 -14.27
N2 NAG O . 47.86 -6.90 -16.11
O3 NAG O . 49.56 -8.49 -17.80
O4 NAG O . 48.45 -9.27 -20.22
O5 NAG O . 45.59 -8.71 -18.18
O6 NAG O . 45.79 -11.19 -19.42
O7 NAG O . 47.97 -8.11 -14.28
C1 NAG P . 56.99 33.00 -3.82
C2 NAG P . 57.60 33.05 -2.42
C3 NAG P . 58.36 34.36 -2.22
C4 NAG P . 59.34 34.54 -3.35
C5 NAG P . 58.56 34.57 -4.63
C6 NAG P . 59.65 34.60 -5.67
C7 NAG P . 55.34 33.17 -1.50
C8 NAG P . 54.40 32.49 -0.56
N2 NAG P . 56.59 32.78 -1.40
O3 NAG P . 59.10 34.33 -1.00
O4 NAG P . 60.01 35.78 -3.17
O5 NAG P . 58.01 33.27 -4.75
O6 NAG P . 60.57 33.49 -5.51
O7 NAG P . 54.98 34.00 -2.30
C1 NAG P . 61.32 35.36 -2.55
C2 NAG P . 62.24 36.54 -2.77
C3 NAG P . 63.52 36.40 -1.97
C4 NAG P . 63.11 36.26 -0.52
C5 NAG P . 62.38 34.93 -0.43
C6 NAG P . 62.17 34.47 1.01
C7 NAG P . 62.33 37.95 -4.63
C8 NAG P . 61.69 38.04 -5.96
N2 NAG P . 62.54 36.74 -4.15
O3 NAG P . 64.33 37.55 -2.15
O4 NAG P . 64.26 36.33 0.32
O5 NAG P . 61.15 35.09 -1.14
O6 NAG P . 62.73 33.15 1.17
O7 NAG P . 62.65 38.93 -3.98
C1 NAG Q . 7.42 17.55 -25.46
C2 NAG Q . 6.46 18.72 -25.31
C3 NAG Q . 5.48 18.78 -26.48
C4 NAG Q . 6.17 18.63 -27.82
C5 NAG Q . 7.12 17.46 -27.78
C6 NAG Q . 7.89 17.32 -29.08
C7 NAG Q . 6.19 19.23 -22.99
C8 NAG Q . 5.21 19.34 -21.89
N2 NAG Q . 5.76 18.58 -24.07
O3 NAG Q . 4.78 20.03 -26.52
O4 NAG Q . 5.15 18.37 -28.77
O5 NAG Q . 8.04 17.64 -26.73
O6 NAG Q . 8.44 18.60 -29.38
O7 NAG Q . 7.31 19.70 -22.92
C1 NAG Q . 5.13 19.37 -29.73
C2 NAG Q . 4.94 18.96 -31.16
C3 NAG Q . 4.60 20.23 -31.92
C4 NAG Q . 3.34 20.85 -31.38
C5 NAG Q . 3.57 21.14 -29.92
C6 NAG Q . 2.32 21.68 -29.31
C7 NAG Q . 6.14 17.16 -32.12
C8 NAG Q . 7.37 16.81 -32.87
N2 NAG Q . 6.13 18.37 -31.65
O3 NAG Q . 4.38 19.95 -33.28
O4 NAG Q . 3.17 22.11 -32.02
O5 NAG Q . 3.91 19.91 -29.33
O6 NAG Q . 1.28 20.76 -29.56
O7 NAG Q . 5.24 16.40 -31.99
C1 NAG R . 46.75 9.80 -42.16
C2 NAG R . 46.96 8.50 -42.94
C3 NAG R . 48.27 8.55 -43.72
C4 NAG R . 48.31 9.81 -44.56
C5 NAG R . 48.19 10.98 -43.63
C6 NAG R . 48.08 12.14 -44.60
C7 NAG R . 47.22 7.35 -40.79
C8 NAG R . 46.69 6.24 -39.97
N2 NAG R . 46.84 7.36 -42.05
O3 NAG R . 48.38 7.42 -44.59
O4 NAG R . 49.54 9.86 -45.24
O5 NAG R . 46.91 10.88 -43.08
O6 NAG R . 46.98 11.95 -45.52
O7 NAG R . 47.96 8.21 -40.35
C1 NAG R . 49.17 9.33 -46.62
C2 NAG R . 50.31 9.80 -47.50
C3 NAG R . 50.24 9.15 -48.87
C4 NAG R . 50.29 7.66 -48.64
C5 NAG R . 48.99 7.31 -47.91
C6 NAG R . 48.70 5.82 -47.87
C7 NAG R . 51.49 11.81 -47.39
C8 NAG R . 51.42 13.07 -46.59
N2 NAG R . 50.34 11.23 -47.65
O3 NAG R . 51.36 9.56 -49.66
O4 NAG R . 50.44 6.96 -49.88
O5 NAG R . 49.07 7.90 -46.61
O6 NAG R . 47.41 5.57 -48.44
O7 NAG R . 52.53 11.34 -47.78
C1 NAG S . 29.84 26.66 9.36
C2 NAG S . 31.07 26.54 10.23
C3 NAG S . 31.11 27.63 11.31
C4 NAG S . 30.81 29.01 10.75
C5 NAG S . 29.57 28.94 9.88
C6 NAG S . 29.28 30.27 9.23
C7 NAG S . 31.79 24.26 10.26
C8 NAG S . 32.08 23.10 11.13
N2 NAG S . 31.09 25.23 10.83
O3 NAG S . 32.40 27.72 11.92
O4 NAG S . 30.54 29.84 11.87
O5 NAG S . 29.77 27.99 8.85
O6 NAG S . 30.48 30.73 8.63
O7 NAG S . 32.18 24.32 9.11
C1 NAG S . 31.46 30.88 11.89
C2 NAG S . 30.95 32.25 12.23
C3 NAG S . 32.18 33.09 12.55
C4 NAG S . 32.94 32.51 13.71
C5 NAG S . 33.32 31.10 13.34
C6 NAG S . 33.99 30.43 14.49
C7 NAG S . 29.00 33.15 11.23
C8 NAG S . 28.49 33.96 10.10
N2 NAG S . 30.24 32.79 11.13
O3 NAG S . 31.80 34.41 12.92
O4 NAG S . 34.13 33.23 13.85
O5 NAG S . 32.12 30.43 13.03
O6 NAG S . 33.14 30.52 15.61
O7 NAG S . 28.31 32.87 12.18
C1 NAG T . 20.88 45.45 -28.96
C2 NAG T . 19.47 46.04 -29.08
C3 NAG T . 19.40 47.02 -30.25
C4 NAG T . 20.52 48.03 -30.13
C5 NAG T . 21.82 47.28 -30.13
C6 NAG T . 22.81 48.38 -29.83
C7 NAG T . 18.66 43.81 -29.70
C8 NAG T . 17.68 42.76 -29.33
N2 NAG T . 18.46 44.98 -29.12
O3 NAG T . 18.16 47.71 -30.26
O4 NAG T . 20.47 48.90 -31.23
O5 NAG T . 21.80 46.51 -28.94
O6 NAG T . 22.49 49.08 -28.61
O7 NAG T . 19.57 43.62 -30.47
C1 NAG T . 19.75 50.10 -30.69
C2 NAG T . 20.07 51.21 -31.66
C3 NAG T . 19.23 52.44 -31.40
C4 NAG T . 17.79 51.99 -31.53
C5 NAG T . 17.55 51.03 -30.36
C6 NAG T . 16.08 50.73 -30.13
C7 NAG T . 22.09 51.58 -32.78
C8 NAG T . 23.45 50.98 -32.81
N2 NAG T . 21.46 51.57 -31.62
O3 NAG T . 19.51 53.44 -32.37
O4 NAG T . 16.91 53.12 -31.50
O5 NAG T . 18.33 49.87 -30.63
O6 NAG T . 15.74 51.05 -28.76
O7 NAG T . 21.55 52.06 -33.76
C1 NAG U . -35.49 -7.84 -0.62
C2 NAG U . -35.29 -8.52 0.71
C3 NAG U . -34.39 -9.71 0.56
C4 NAG U . -34.88 -10.67 -0.49
C5 NAG U . -35.12 -9.91 -1.76
C6 NAG U . -35.84 -10.80 -2.73
C7 NAG U . -35.27 -7.19 2.69
C8 NAG U . -34.46 -6.39 3.64
N2 NAG U . -34.65 -7.65 1.64
O3 NAG U . -34.36 -10.34 1.81
O4 NAG U . -33.86 -11.61 -0.77
O5 NAG U . -35.96 -8.81 -1.53
O6 NAG U . -36.60 -11.70 -1.96
O7 NAG U . -36.43 -7.39 2.89
C1 NAG V . -51.05 -23.95 -10.63
C2 NAG V . -51.38 -23.23 -9.33
C3 NAG V . -50.36 -23.54 -8.24
C4 NAG V . -50.14 -25.05 -8.12
C5 NAG V . -49.89 -25.68 -9.48
C6 NAG V . -49.74 -27.19 -9.37
C7 NAG V . -52.50 -21.20 -10.07
C8 NAG V . -52.41 -19.71 -10.23
N2 NAG V . -51.41 -21.79 -9.57
O3 NAG V . -50.81 -23.02 -6.99
O4 NAG V . -49.03 -25.30 -7.26
O5 NAG V . -50.96 -25.36 -10.36
O6 NAG V . -48.96 -27.68 -10.46
O7 NAG V . -53.50 -21.83 -10.37
C1 NAG W . -50.62 10.27 7.07
C2 NAG W . -51.93 9.93 7.74
C3 NAG W . -53.09 9.94 6.78
C4 NAG W . -53.16 11.19 5.95
C5 NAG W . -51.81 11.41 5.32
C6 NAG W . -51.88 12.74 4.65
C7 NAG W . -51.34 8.43 9.49
C8 NAG W . -51.29 7.04 9.98
N2 NAG W . -51.87 8.63 8.31
O3 NAG W . -54.29 9.89 7.49
O4 NAG W . -54.07 10.94 4.90
O5 NAG W . -50.82 11.46 6.32
O6 NAG W . -50.73 12.86 3.82
O7 NAG W . -50.90 9.31 10.16
C1 NAG X . 41.68 -4.71 14.59
C2 NAG X . 42.77 -5.23 15.49
C3 NAG X . 43.63 -4.08 15.97
C4 NAG X . 44.16 -3.24 14.85
C5 NAG X . 43.01 -2.83 13.97
C6 NAG X . 43.56 -2.20 12.72
C7 NAG X . 42.36 -7.14 16.84
C8 NAG X . 41.87 -7.65 18.14
N2 NAG X . 42.25 -5.86 16.65
O3 NAG X . 44.69 -4.67 16.68
O4 NAG X . 44.70 -2.05 15.39
O5 NAG X . 42.27 -3.95 13.57
O6 NAG X . 44.81 -2.81 12.49
O7 NAG X . 42.83 -7.87 16.03
C1 NAG Y . 55.01 -0.12 -5.47
C2 NAG Y . 54.93 -1.52 -4.87
C3 NAG Y . 55.46 -1.54 -3.44
C4 NAG Y . 56.82 -0.86 -3.35
C5 NAG Y . 56.80 0.50 -4.04
C6 NAG Y . 58.17 1.15 -4.03
C7 NAG Y . 53.02 -2.53 -5.98
C8 NAG Y . 51.60 -3.00 -5.85
N2 NAG Y . 53.55 -1.99 -4.89
O3 NAG Y . 55.57 -2.89 -2.99
O4 NAG Y . 57.19 -0.69 -1.98
O5 NAG Y . 56.37 0.34 -5.40
O6 NAG Y . 58.05 2.57 -4.13
O7 NAG Y . 53.65 -2.64 -7.02
C1 NAG Z . 30.98 -26.86 8.75
C2 NAG Z . 32.07 -27.79 8.26
C3 NAG Z . 32.26 -27.72 6.77
C4 NAG Z . 30.98 -27.87 6.00
C5 NAG Z . 29.99 -26.89 6.55
C6 NAG Z . 28.69 -27.19 5.89
C7 NAG Z . 33.64 -27.86 10.06
C8 NAG Z . 34.94 -27.41 10.60
N2 NAG Z . 33.32 -27.44 8.86
O3 NAG Z . 33.08 -28.78 6.36
O4 NAG Z . 31.25 -27.48 4.67
O5 NAG Z . 29.83 -27.09 7.95
O6 NAG Z . 27.81 -26.13 6.18
O7 NAG Z . 32.93 -28.57 10.71
C1 NAG AA . 10.58 -12.55 -27.90
C2 NAG AA . 10.13 -13.41 -29.07
C3 NAG AA . 11.30 -13.73 -29.96
C4 NAG AA . 12.04 -12.50 -30.41
C5 NAG AA . 12.40 -11.68 -29.20
C6 NAG AA . 12.91 -10.36 -29.66
C7 NAG AA . 8.33 -14.93 -28.75
C8 NAG AA . 7.92 -16.29 -28.35
N2 NAG AA . 9.60 -14.65 -28.63
O3 NAG AA . 10.77 -14.39 -31.07
O4 NAG AA . 13.27 -12.90 -30.99
O5 NAG AA . 11.25 -11.42 -28.43
O6 NAG AA . 12.28 -10.08 -30.88
O7 NAG AA . 7.53 -14.14 -29.16
C1 NAG BA . 13.44 8.75 -39.71
C2 NAG BA . 12.09 8.04 -39.67
C3 NAG BA . 12.19 6.66 -40.31
C4 NAG BA . 12.86 6.73 -41.67
C5 NAG BA . 14.16 7.53 -41.60
C6 NAG BA . 14.79 7.66 -42.98
C7 NAG BA . 11.01 8.92 -37.68
C8 NAG BA . 10.57 8.65 -36.27
N2 NAG BA . 11.64 7.92 -38.29
O3 NAG BA . 10.87 6.11 -40.44
O4 NAG BA . 13.13 5.41 -42.14
O5 NAG BA . 13.89 8.82 -41.07
O6 NAG BA . 16.20 7.87 -42.84
O7 NAG BA . 10.81 9.99 -38.22
C1 NAG CA . -11.58 -9.28 -16.75
C2 NAG CA . -12.72 -8.65 -17.51
C3 NAG CA . -12.86 -7.17 -17.21
C4 NAG CA . -12.87 -6.87 -15.74
C5 NAG CA . -11.69 -7.53 -15.11
C6 NAG CA . -11.84 -7.33 -13.64
C7 NAG CA . -12.85 -9.87 -19.54
C8 NAG CA . -12.58 -9.93 -21.00
N2 NAG CA . -12.53 -8.78 -18.91
O3 NAG CA . -14.09 -6.72 -17.71
O4 NAG CA . -12.69 -5.48 -15.62
O5 NAG CA . -11.69 -8.92 -15.39
O6 NAG CA . -10.62 -7.70 -13.04
O7 NAG CA . -13.35 -10.81 -19.00
C1 NAG DA . -0.30 26.78 6.25
C2 NAG DA . -1.24 27.83 6.78
C3 NAG DA . -1.65 28.77 5.68
C4 NAG DA . -0.46 29.38 4.97
C5 NAG DA . 0.45 28.27 4.53
C6 NAG DA . 1.73 28.87 4.04
C7 NAG DA . -2.73 27.26 8.56
C8 NAG DA . -4.05 26.72 8.93
N2 NAG DA . -2.45 27.26 7.28
O3 NAG DA . -2.40 29.78 6.30
O4 NAG DA . -0.92 30.01 3.79
O5 NAG DA . 0.77 27.43 5.62
O6 NAG DA . 1.91 30.06 4.77
O7 NAG DA . -1.97 27.67 9.38
C1 NAG EA . 19.83 40.54 4.34
C2 NAG EA . 19.16 40.37 5.69
C3 NAG EA . 17.71 40.83 5.64
C4 NAG EA . 17.60 42.21 5.02
C5 NAG EA . 18.36 42.27 3.70
C6 NAG EA . 18.31 43.68 3.11
C7 NAG EA . 20.31 38.49 6.69
C8 NAG EA . 20.23 37.04 7.11
N2 NAG EA . 19.23 38.98 6.11
O3 NAG EA . 17.18 40.88 6.98
O4 NAG EA . 16.21 42.52 4.78
O5 NAG EA . 19.72 41.90 3.92
O6 NAG EA . 18.49 43.61 1.68
O7 NAG EA . 21.31 39.16 6.89
C1 NAG FA . 3.93 14.62 27.84
C2 NAG FA . 4.51 15.35 29.04
C3 NAG FA . 6.00 15.16 29.16
C4 NAG FA . 6.42 13.73 29.06
C5 NAG FA . 5.81 13.12 27.83
C6 NAG FA . 6.13 11.67 27.88
C7 NAG FA . 3.12 17.25 29.33
C8 NAG FA . 2.94 18.71 29.15
N2 NAG FA . 4.26 16.74 28.94
O3 NAG FA . 6.42 15.61 30.41
O4 NAG FA . 7.83 13.73 28.87
O5 NAG FA . 4.41 13.29 27.87
O6 NAG FA . 5.80 11.12 26.62
O7 NAG FA . 2.23 16.60 29.78
#